data_5JXD
# 
_entry.id   5JXD 
# 
_audit_conform.dict_name       mmcif_pdbx.dic 
_audit_conform.dict_version    5.380 
_audit_conform.dict_location   http://mmcif.pdb.org/dictionaries/ascii/mmcif_pdbx.dic 
# 
loop_
_database_2.database_id 
_database_2.database_code 
_database_2.pdbx_database_accession 
_database_2.pdbx_DOI 
PDB   5JXD         pdb_00005jxd 10.2210/pdb5jxd/pdb 
WWPDB D_1000221249 ?            ?                   
# 
_pdbx_database_status.status_code                     REL 
_pdbx_database_status.status_code_sf                  REL 
_pdbx_database_status.status_code_mr                  ? 
_pdbx_database_status.entry_id                        5JXD 
_pdbx_database_status.recvd_initial_deposition_date   2016-05-13 
_pdbx_database_status.SG_entry                        N 
_pdbx_database_status.deposit_site                    RCSB 
_pdbx_database_status.process_site                    PDBJ 
_pdbx_database_status.status_code_cs                  ? 
_pdbx_database_status.methods_development_category    ? 
_pdbx_database_status.pdb_format_compatible           Y 
_pdbx_database_status.status_code_nmr_data            ? 
# 
loop_
_audit_author.name 
_audit_author.pdbx_ordinal 
'Park, J.'   1 
'Kim, M.S.'  2 
'Lee, D.'    3 
'Shin, D.H.' 4 
# 
_citation.abstract                  ? 
_citation.abstract_id_CAS           ? 
_citation.book_id_ISBN              ? 
_citation.book_publisher            ? 
_citation.book_publisher_city       ? 
_citation.book_title                ? 
_citation.coordinate_linkage        ? 
_citation.country                   UK 
_citation.database_id_Medline       ? 
_citation.details                   ? 
_citation.id                        primary 
_citation.journal_abbrev            'Sci Rep' 
_citation.journal_id_ASTM           ? 
_citation.journal_id_CSD            ? 
_citation.journal_id_ISSN           2045-2322 
_citation.journal_full              ? 
_citation.journal_issue             ? 
_citation.journal_volume            7 
_citation.language                  ? 
_citation.page_first                6248 
_citation.page_last                 6248 
_citation.title                     'The Tnfaip8-PE complex is a novel upstream effector in the anti-autophagic action of insulin' 
_citation.year                      2017 
_citation.database_id_CSD           ? 
_citation.pdbx_database_id_DOI      10.1038/s41598-017-06576-3 
_citation.pdbx_database_id_PubMed   28740220 
_citation.unpublished_flag          ? 
# 
loop_
_citation_author.citation_id 
_citation_author.name 
_citation_author.ordinal 
_citation_author.identifier_ORCID 
primary 'Kim, J.S.'  1 ? 
primary 'Park, J.'   2 ? 
primary 'Kim, M.S.'  3 ? 
primary 'Ha, J.Y.'   4 ? 
primary 'Jang, Y.W.' 5 ? 
primary 'Shin, D.H.' 6 ? 
primary 'Son, J.H.'  7 ? 
# 
_cell.entry_id           5JXD 
_cell.length_a           66.276 
_cell.length_b           71.570 
_cell.length_c           90.596 
_cell.angle_alpha        90.00 
_cell.angle_beta         90.00 
_cell.angle_gamma        90.00 
_cell.Z_PDB              8 
_cell.pdbx_unique_axis   ? 
# 
_symmetry.entry_id                         5JXD 
_symmetry.space_group_name_H-M             'I 2 2 2' 
_symmetry.pdbx_full_space_group_name_H-M   ? 
_symmetry.cell_setting                     ? 
_symmetry.Int_Tables_number                23 
# 
loop_
_entity.id 
_entity.type 
_entity.src_method 
_entity.pdbx_description 
_entity.formula_weight 
_entity.pdbx_number_of_molecules 
_entity.pdbx_ec 
_entity.pdbx_mutation 
_entity.pdbx_fragment 
_entity.details 
1 polymer     syn 'Tumor necrosis factor alpha-induced protein 8'                                                             
22981.432 1  ? C165S ? ? 
2 non-polymer syn '[(2~{R})-1-[2-azanylethoxy(oxidanyl)phosphoryl]oxy-3-hexadecanoyloxy-propan-2-yl] (~{Z})-octadec-9-enoate' 
717.996   1  ? ?     ? ? 
3 water       nat water                                                                                                       
18.015    21 ? ?     ? ? 
# 
_entity_name_com.entity_id   1 
_entity_name_com.name        'TNF alpha-induced protein 8' 
# 
_entity_poly.entity_id                      1 
_entity_poly.type                           'polypeptide(L)' 
_entity_poly.nstd_linkage                   no 
_entity_poly.nstd_monomer                   no 
_entity_poly.pdbx_seq_one_letter_code       
;MLSEAEEPREVATDVFNSKNLAVQAQKKILGKMVSKSIATTLIDDTSSEVLDELYRVTKEYTQNKKEAERVIKNLIKTVI
KLAVLHRNNQFNQDELALMEKFKKKVHQLAMTVVSFHQVEYTFDRNVLSRLLNECRELLHEIIQRHLTAKSHGRVNNVFD
HFSDSDFLAALYNPFGKFKPHLQKLCDGINKMLDEENI
;
_entity_poly.pdbx_seq_one_letter_code_can   
;MLSEAEEPREVATDVFNSKNLAVQAQKKILGKMVSKSIATTLIDDTSSEVLDELYRVTKEYTQNKKEAERVIKNLIKTVI
KLAVLHRNNQFNQDELALMEKFKKKVHQLAMTVVSFHQVEYTFDRNVLSRLLNECRELLHEIIQRHLTAKSHGRVNNVFD
HFSDSDFLAALYNPFGKFKPHLQKLCDGINKMLDEENI
;
_entity_poly.pdbx_strand_id                 A 
_entity_poly.pdbx_target_identifier         ? 
# 
loop_
_entity_poly_seq.entity_id 
_entity_poly_seq.num 
_entity_poly_seq.mon_id 
_entity_poly_seq.hetero 
1 1   MET n 
1 2   LEU n 
1 3   SER n 
1 4   GLU n 
1 5   ALA n 
1 6   GLU n 
1 7   GLU n 
1 8   PRO n 
1 9   ARG n 
1 10  GLU n 
1 11  VAL n 
1 12  ALA n 
1 13  THR n 
1 14  ASP n 
1 15  VAL n 
1 16  PHE n 
1 17  ASN n 
1 18  SER n 
1 19  LYS n 
1 20  ASN n 
1 21  LEU n 
1 22  ALA n 
1 23  VAL n 
1 24  GLN n 
1 25  ALA n 
1 26  GLN n 
1 27  LYS n 
1 28  LYS n 
1 29  ILE n 
1 30  LEU n 
1 31  GLY n 
1 32  LYS n 
1 33  MET n 
1 34  VAL n 
1 35  SER n 
1 36  LYS n 
1 37  SER n 
1 38  ILE n 
1 39  ALA n 
1 40  THR n 
1 41  THR n 
1 42  LEU n 
1 43  ILE n 
1 44  ASP n 
1 45  ASP n 
1 46  THR n 
1 47  SER n 
1 48  SER n 
1 49  GLU n 
1 50  VAL n 
1 51  LEU n 
1 52  ASP n 
1 53  GLU n 
1 54  LEU n 
1 55  TYR n 
1 56  ARG n 
1 57  VAL n 
1 58  THR n 
1 59  LYS n 
1 60  GLU n 
1 61  TYR n 
1 62  THR n 
1 63  GLN n 
1 64  ASN n 
1 65  LYS n 
1 66  LYS n 
1 67  GLU n 
1 68  ALA n 
1 69  GLU n 
1 70  ARG n 
1 71  VAL n 
1 72  ILE n 
1 73  LYS n 
1 74  ASN n 
1 75  LEU n 
1 76  ILE n 
1 77  LYS n 
1 78  THR n 
1 79  VAL n 
1 80  ILE n 
1 81  LYS n 
1 82  LEU n 
1 83  ALA n 
1 84  VAL n 
1 85  LEU n 
1 86  HIS n 
1 87  ARG n 
1 88  ASN n 
1 89  ASN n 
1 90  GLN n 
1 91  PHE n 
1 92  ASN n 
1 93  GLN n 
1 94  ASP n 
1 95  GLU n 
1 96  LEU n 
1 97  ALA n 
1 98  LEU n 
1 99  MET n 
1 100 GLU n 
1 101 LYS n 
1 102 PHE n 
1 103 LYS n 
1 104 LYS n 
1 105 LYS n 
1 106 VAL n 
1 107 HIS n 
1 108 GLN n 
1 109 LEU n 
1 110 ALA n 
1 111 MET n 
1 112 THR n 
1 113 VAL n 
1 114 VAL n 
1 115 SER n 
1 116 PHE n 
1 117 HIS n 
1 118 GLN n 
1 119 VAL n 
1 120 GLU n 
1 121 TYR n 
1 122 THR n 
1 123 PHE n 
1 124 ASP n 
1 125 ARG n 
1 126 ASN n 
1 127 VAL n 
1 128 LEU n 
1 129 SER n 
1 130 ARG n 
1 131 LEU n 
1 132 LEU n 
1 133 ASN n 
1 134 GLU n 
1 135 CYS n 
1 136 ARG n 
1 137 GLU n 
1 138 LEU n 
1 139 LEU n 
1 140 HIS n 
1 141 GLU n 
1 142 ILE n 
1 143 ILE n 
1 144 GLN n 
1 145 ARG n 
1 146 HIS n 
1 147 LEU n 
1 148 THR n 
1 149 ALA n 
1 150 LYS n 
1 151 SER n 
1 152 HIS n 
1 153 GLY n 
1 154 ARG n 
1 155 VAL n 
1 156 ASN n 
1 157 ASN n 
1 158 VAL n 
1 159 PHE n 
1 160 ASP n 
1 161 HIS n 
1 162 PHE n 
1 163 SER n 
1 164 ASP n 
1 165 SER n 
1 166 ASP n 
1 167 PHE n 
1 168 LEU n 
1 169 ALA n 
1 170 ALA n 
1 171 LEU n 
1 172 TYR n 
1 173 ASN n 
1 174 PRO n 
1 175 PHE n 
1 176 GLY n 
1 177 LYS n 
1 178 PHE n 
1 179 LYS n 
1 180 PRO n 
1 181 HIS n 
1 182 LEU n 
1 183 GLN n 
1 184 LYS n 
1 185 LEU n 
1 186 CYS n 
1 187 ASP n 
1 188 GLY n 
1 189 ILE n 
1 190 ASN n 
1 191 LYS n 
1 192 MET n 
1 193 LEU n 
1 194 ASP n 
1 195 GLU n 
1 196 GLU n 
1 197 ASN n 
1 198 ILE n 
# 
_pdbx_entity_src_syn.entity_id              1 
_pdbx_entity_src_syn.pdbx_src_id            1 
_pdbx_entity_src_syn.pdbx_alt_source_flag   sample 
_pdbx_entity_src_syn.pdbx_beg_seq_num       1 
_pdbx_entity_src_syn.pdbx_end_seq_num       198 
_pdbx_entity_src_syn.organism_scientific    'Mus musculus' 
_pdbx_entity_src_syn.organism_common_name   Mouse 
_pdbx_entity_src_syn.ncbi_taxonomy_id       10090 
_pdbx_entity_src_syn.details                ? 
# 
_struct_ref.id                         1 
_struct_ref.db_name                    UNP 
_struct_ref.db_code                    TFIP8_MOUSE 
_struct_ref.pdbx_db_accession          Q921Z5 
_struct_ref.pdbx_db_isoform            ? 
_struct_ref.entity_id                  1 
_struct_ref.pdbx_seq_one_letter_code   
;MLSEAEEPREVATDVFNSKNLAVQAQKKILGKMVSKSIATTLIDDTSSEVLDELYRVTKEYTQNKKEAERVIKNLIKTVI
KLAVLHRNNQFNQDELALMEKFKKKVHQLAMTVVSFHQVEYTFDRNVLSRLLNECRELLHEIIQRHLTAKSHGRVNNVFD
HFSDCDFLAALYNPFGKFKPHLQKLCDGINKMLDEENI
;
_struct_ref.pdbx_align_begin           1 
# 
_struct_ref_seq.align_id                      1 
_struct_ref_seq.ref_id                        1 
_struct_ref_seq.pdbx_PDB_id_code              5JXD 
_struct_ref_seq.pdbx_strand_id                A 
_struct_ref_seq.seq_align_beg                 1 
_struct_ref_seq.pdbx_seq_align_beg_ins_code   ? 
_struct_ref_seq.seq_align_end                 198 
_struct_ref_seq.pdbx_seq_align_end_ins_code   ? 
_struct_ref_seq.pdbx_db_accession             Q921Z5 
_struct_ref_seq.db_align_beg                  1 
_struct_ref_seq.pdbx_db_align_beg_ins_code    ? 
_struct_ref_seq.db_align_end                  198 
_struct_ref_seq.pdbx_db_align_end_ins_code    ? 
_struct_ref_seq.pdbx_auth_seq_align_beg       1 
_struct_ref_seq.pdbx_auth_seq_align_end       198 
# 
_struct_ref_seq_dif.align_id                     1 
_struct_ref_seq_dif.pdbx_pdb_id_code             5JXD 
_struct_ref_seq_dif.mon_id                       SER 
_struct_ref_seq_dif.pdbx_pdb_strand_id           A 
_struct_ref_seq_dif.seq_num                      165 
_struct_ref_seq_dif.pdbx_pdb_ins_code            ? 
_struct_ref_seq_dif.pdbx_seq_db_name             UNP 
_struct_ref_seq_dif.pdbx_seq_db_accession_code   Q921Z5 
_struct_ref_seq_dif.db_mon_id                    CYS 
_struct_ref_seq_dif.pdbx_seq_db_seq_num          165 
_struct_ref_seq_dif.details                      'engineered mutation' 
_struct_ref_seq_dif.pdbx_auth_seq_num            165 
_struct_ref_seq_dif.pdbx_ordinal                 1 
# 
loop_
_chem_comp.id 
_chem_comp.type 
_chem_comp.mon_nstd_flag 
_chem_comp.name 
_chem_comp.pdbx_synonyms 
_chem_comp.formula 
_chem_comp.formula_weight 
6OU non-polymer         . 
'[(2~{R})-1-[2-azanylethoxy(oxidanyl)phosphoryl]oxy-3-hexadecanoyloxy-propan-2-yl] (~{Z})-octadec-9-enoate' ? 'C39 H76 N O8 P' 
717.996 
ALA 'L-peptide linking' y ALANINE ? 'C3 H7 N O2'     89.093  
ARG 'L-peptide linking' y ARGININE ? 'C6 H15 N4 O2 1' 175.209 
ASN 'L-peptide linking' y ASPARAGINE ? 'C4 H8 N2 O3'    132.118 
ASP 'L-peptide linking' y 'ASPARTIC ACID' ? 'C4 H7 N O4'     133.103 
CYS 'L-peptide linking' y CYSTEINE ? 'C3 H7 N O2 S'   121.158 
GLN 'L-peptide linking' y GLUTAMINE ? 'C5 H10 N2 O3'   146.144 
GLU 'L-peptide linking' y 'GLUTAMIC ACID' ? 'C5 H9 N O4'     147.129 
GLY 'peptide linking'   y GLYCINE ? 'C2 H5 N O2'     75.067  
HIS 'L-peptide linking' y HISTIDINE ? 'C6 H10 N3 O2 1' 156.162 
HOH non-polymer         . WATER ? 'H2 O'           18.015  
ILE 'L-peptide linking' y ISOLEUCINE ? 'C6 H13 N O2'    131.173 
LEU 'L-peptide linking' y LEUCINE ? 'C6 H13 N O2'    131.173 
LYS 'L-peptide linking' y LYSINE ? 'C6 H15 N2 O2 1' 147.195 
MET 'L-peptide linking' y METHIONINE ? 'C5 H11 N O2 S'  149.211 
PHE 'L-peptide linking' y PHENYLALANINE ? 'C9 H11 N O2'    165.189 
PRO 'L-peptide linking' y PROLINE ? 'C5 H9 N O2'     115.130 
SER 'L-peptide linking' y SERINE ? 'C3 H7 N O3'     105.093 
THR 'L-peptide linking' y THREONINE ? 'C4 H9 N O3'     119.119 
TYR 'L-peptide linking' y TYROSINE ? 'C9 H11 N O3'    181.189 
VAL 'L-peptide linking' y VALINE ? 'C5 H11 N O2'    117.146 
# 
_exptl.absorpt_coefficient_mu     ? 
_exptl.absorpt_correction_T_max   ? 
_exptl.absorpt_correction_T_min   ? 
_exptl.absorpt_correction_type    ? 
_exptl.absorpt_process_details    ? 
_exptl.entry_id                   5JXD 
_exptl.crystals_number            1 
_exptl.details                    ? 
_exptl.method                     'X-RAY DIFFRACTION' 
_exptl.method_details             ? 
# 
_exptl_crystal.colour                      ? 
_exptl_crystal.density_diffrn              ? 
_exptl_crystal.density_Matthews            2.41 
_exptl_crystal.density_method              ? 
_exptl_crystal.density_percent_sol         49.03 
_exptl_crystal.description                 ? 
_exptl_crystal.F_000                       ? 
_exptl_crystal.id                          1 
_exptl_crystal.preparation                 ? 
_exptl_crystal.size_max                    ? 
_exptl_crystal.size_mid                    ? 
_exptl_crystal.size_min                    ? 
_exptl_crystal.size_rad                    ? 
_exptl_crystal.colour_lustre               ? 
_exptl_crystal.colour_modifier             ? 
_exptl_crystal.colour_primary              ? 
_exptl_crystal.density_meas                ? 
_exptl_crystal.density_meas_esd            ? 
_exptl_crystal.density_meas_gt             ? 
_exptl_crystal.density_meas_lt             ? 
_exptl_crystal.density_meas_temp           ? 
_exptl_crystal.density_meas_temp_esd       ? 
_exptl_crystal.density_meas_temp_gt        ? 
_exptl_crystal.density_meas_temp_lt        ? 
_exptl_crystal.pdbx_crystal_image_url      ? 
_exptl_crystal.pdbx_crystal_image_format   ? 
_exptl_crystal.pdbx_mosaicity              ? 
_exptl_crystal.pdbx_mosaicity_esd          ? 
# 
_exptl_crystal_grow.apparatus       ? 
_exptl_crystal_grow.atmosphere      ? 
_exptl_crystal_grow.crystal_id      1 
_exptl_crystal_grow.details         ? 
_exptl_crystal_grow.method          'VAPOR DIFFUSION, HANGING DROP' 
_exptl_crystal_grow.method_ref      ? 
_exptl_crystal_grow.pH              7.7 
_exptl_crystal_grow.pressure        ? 
_exptl_crystal_grow.pressure_esd    ? 
_exptl_crystal_grow.seeding         ? 
_exptl_crystal_grow.seeding_ref     ? 
_exptl_crystal_grow.temp            296 
_exptl_crystal_grow.temp_details    ? 
_exptl_crystal_grow.temp_esd        ? 
_exptl_crystal_grow.time            ? 
_exptl_crystal_grow.pdbx_details    '0.1M Bis-Tris propane, pH 7.7, 1.2M sodium citrate' 
_exptl_crystal_grow.pdbx_pH_range   ? 
# 
_diffrn.ambient_environment    ? 
_diffrn.ambient_temp           100 
_diffrn.ambient_temp_details   ? 
_diffrn.ambient_temp_esd       ? 
_diffrn.crystal_id             1 
_diffrn.crystal_support        ? 
_diffrn.crystal_treatment      ? 
_diffrn.details                ? 
_diffrn.id                     1 
_diffrn.ambient_pressure       ? 
_diffrn.ambient_pressure_esd   ? 
_diffrn.ambient_pressure_gt    ? 
_diffrn.ambient_pressure_lt    ? 
_diffrn.ambient_temp_gt        ? 
_diffrn.ambient_temp_lt        ? 
# 
_diffrn_detector.details                      ? 
_diffrn_detector.detector                     CCD 
_diffrn_detector.diffrn_id                    1 
_diffrn_detector.type                         'ADSC QUANTUM 4' 
_diffrn_detector.area_resol_mean              ? 
_diffrn_detector.dtime                        ? 
_diffrn_detector.pdbx_frames_total            ? 
_diffrn_detector.pdbx_collection_time_total   ? 
_diffrn_detector.pdbx_collection_date         2012-04-17 
# 
_diffrn_radiation.collimation                      ? 
_diffrn_radiation.diffrn_id                        1 
_diffrn_radiation.filter_edge                      ? 
_diffrn_radiation.inhomogeneity                    ? 
_diffrn_radiation.monochromator                    ? 
_diffrn_radiation.polarisn_norm                    ? 
_diffrn_radiation.polarisn_ratio                   ? 
_diffrn_radiation.probe                            ? 
_diffrn_radiation.type                             ? 
_diffrn_radiation.xray_symbol                      ? 
_diffrn_radiation.wavelength_id                    1 
_diffrn_radiation.pdbx_monochromatic_or_laue_m_l   M 
_diffrn_radiation.pdbx_wavelength_list             ? 
_diffrn_radiation.pdbx_wavelength                  ? 
_diffrn_radiation.pdbx_diffrn_protocol             'SINGLE WAVELENGTH' 
_diffrn_radiation.pdbx_analyzer                    ? 
_diffrn_radiation.pdbx_scattering_type             x-ray 
# 
_diffrn_radiation_wavelength.id           1 
_diffrn_radiation_wavelength.wavelength   0.97933 
_diffrn_radiation_wavelength.wt           1.0 
# 
_diffrn_source.current                     ? 
_diffrn_source.details                     ? 
_diffrn_source.diffrn_id                   1 
_diffrn_source.power                       ? 
_diffrn_source.size                        ? 
_diffrn_source.source                      SYNCHROTRON 
_diffrn_source.target                      ? 
_diffrn_source.type                        'PAL/PLS BEAMLINE 7A (6B, 6C1)' 
_diffrn_source.voltage                     ? 
_diffrn_source.take-off_angle              ? 
_diffrn_source.pdbx_wavelength_list        0.97933 
_diffrn_source.pdbx_wavelength             ? 
_diffrn_source.pdbx_synchrotron_beamline   '7A (6B, 6C1)' 
_diffrn_source.pdbx_synchrotron_site       PAL/PLS 
# 
_reflns.B_iso_Wilson_estimate            ? 
_reflns.entry_id                         5JXD 
_reflns.data_reduction_details           ? 
_reflns.data_reduction_method            ? 
_reflns.d_resolution_high                2.029 
_reflns.d_resolution_low                 33.14 
_reflns.details                          ? 
_reflns.limit_h_max                      ? 
_reflns.limit_h_min                      ? 
_reflns.limit_k_max                      ? 
_reflns.limit_k_min                      ? 
_reflns.limit_l_max                      ? 
_reflns.limit_l_min                      ? 
_reflns.number_all                       ? 
_reflns.number_obs                       13998 
_reflns.observed_criterion               ? 
_reflns.observed_criterion_F_max         ? 
_reflns.observed_criterion_F_min         ? 
_reflns.observed_criterion_I_max         ? 
_reflns.observed_criterion_I_min         ? 
_reflns.observed_criterion_sigma_F       ? 
_reflns.observed_criterion_sigma_I       ? 
_reflns.percent_possible_obs             97.4 
_reflns.R_free_details                   ? 
_reflns.Rmerge_F_all                     ? 
_reflns.Rmerge_F_obs                     ? 
_reflns.Friedel_coverage                 ? 
_reflns.number_gt                        ? 
_reflns.threshold_expression             ? 
_reflns.pdbx_redundancy                  6.7 
_reflns.pdbx_Rmerge_I_obs                0.078 
_reflns.pdbx_Rmerge_I_all                ? 
_reflns.pdbx_Rsym_value                  ? 
_reflns.pdbx_netI_over_av_sigmaI         ? 
_reflns.pdbx_netI_over_sigmaI            23.15 
_reflns.pdbx_res_netI_over_av_sigmaI_2   ? 
_reflns.pdbx_res_netI_over_sigmaI_2      ? 
_reflns.pdbx_chi_squared                 ? 
_reflns.pdbx_scaling_rejects             ? 
_reflns.pdbx_d_res_high_opt              ? 
_reflns.pdbx_d_res_low_opt               ? 
_reflns.pdbx_d_res_opt_method            ? 
_reflns.phase_calculation_details        ? 
_reflns.pdbx_Rrim_I_all                  ? 
_reflns.pdbx_Rpim_I_all                  ? 
_reflns.pdbx_d_opt                       ? 
_reflns.pdbx_number_measured_all         ? 
_reflns.pdbx_diffrn_id                   1 
_reflns.pdbx_ordinal                     1 
_reflns.pdbx_CC_half                     ? 
_reflns.pdbx_R_split                     ? 
# 
_reflns_shell.d_res_high                  2.03 
_reflns_shell.d_res_low                   2.07 
_reflns_shell.meanI_over_sigI_all         ? 
_reflns_shell.meanI_over_sigI_obs         1.58 
_reflns_shell.number_measured_all         ? 
_reflns_shell.number_measured_obs         ? 
_reflns_shell.number_possible             ? 
_reflns_shell.number_unique_all           ? 
_reflns_shell.number_unique_obs           ? 
_reflns_shell.percent_possible_all        74.8 
_reflns_shell.percent_possible_obs        ? 
_reflns_shell.Rmerge_F_all                ? 
_reflns_shell.Rmerge_F_obs                ? 
_reflns_shell.Rmerge_I_all                ? 
_reflns_shell.Rmerge_I_obs                0.869 
_reflns_shell.meanI_over_sigI_gt          ? 
_reflns_shell.meanI_over_uI_all           ? 
_reflns_shell.meanI_over_uI_gt            ? 
_reflns_shell.number_measured_gt          ? 
_reflns_shell.number_unique_gt            ? 
_reflns_shell.percent_possible_gt         ? 
_reflns_shell.Rmerge_F_gt                 ? 
_reflns_shell.Rmerge_I_gt                 ? 
_reflns_shell.pdbx_redundancy             4.8 
_reflns_shell.pdbx_Rsym_value             ? 
_reflns_shell.pdbx_chi_squared            ? 
_reflns_shell.pdbx_netI_over_sigmaI_all   ? 
_reflns_shell.pdbx_netI_over_sigmaI_obs   ? 
_reflns_shell.pdbx_Rrim_I_all             ? 
_reflns_shell.pdbx_Rpim_I_all             ? 
_reflns_shell.pdbx_rejects                ? 
_reflns_shell.pdbx_ordinal                1 
_reflns_shell.pdbx_diffrn_id              1 
_reflns_shell.pdbx_CC_half                ? 
_reflns_shell.pdbx_R_split                ? 
# 
_refine.pdbx_refine_id                           'X-RAY DIFFRACTION' 
_refine.entry_id                                 5JXD 
_refine.pdbx_diffrn_id                           1 
_refine.pdbx_TLS_residual_ADP_flag               ? 
_refine.ls_number_reflns_obs                     13973 
_refine.ls_number_reflns_all                     ? 
_refine.pdbx_ls_sigma_I                          ? 
_refine.pdbx_ls_sigma_F                          1.91 
_refine.pdbx_data_cutoff_high_absF               ? 
_refine.pdbx_data_cutoff_low_absF                ? 
_refine.pdbx_data_cutoff_high_rms_absF           ? 
_refine.ls_d_res_low                             33.138 
_refine.ls_d_res_high                            2.029 
_refine.ls_percent_reflns_obs                    97.77 
_refine.ls_R_factor_obs                          0.2395 
_refine.ls_R_factor_all                          ? 
_refine.ls_R_factor_R_work                       0.2372 
_refine.ls_R_factor_R_free                       0.2869 
_refine.ls_R_factor_R_free_error                 ? 
_refine.ls_R_factor_R_free_error_details         ? 
_refine.ls_percent_reflns_R_free                 5.00 
_refine.ls_number_reflns_R_free                  699 
_refine.ls_number_parameters                     ? 
_refine.ls_number_restraints                     ? 
_refine.occupancy_min                            ? 
_refine.occupancy_max                            ? 
_refine.correlation_coeff_Fo_to_Fc               ? 
_refine.correlation_coeff_Fo_to_Fc_free          ? 
_refine.B_iso_mean                               ? 
_refine.aniso_B[1][1]                            ? 
_refine.aniso_B[2][2]                            ? 
_refine.aniso_B[3][3]                            ? 
_refine.aniso_B[1][2]                            ? 
_refine.aniso_B[1][3]                            ? 
_refine.aniso_B[2][3]                            ? 
_refine.solvent_model_details                    'FLAT BULK SOLVENT MODEL' 
_refine.solvent_model_param_ksol                 ? 
_refine.solvent_model_param_bsol                 ? 
_refine.pdbx_solvent_vdw_probe_radii             1.11 
_refine.pdbx_solvent_ion_probe_radii             ? 
_refine.pdbx_solvent_shrinkage_radii             0.90 
_refine.pdbx_ls_cross_valid_method               'FREE R-VALUE' 
_refine.details                                  ? 
_refine.pdbx_starting_model                      3F4M 
_refine.pdbx_method_to_determine_struct          'MOLECULAR REPLACEMENT' 
_refine.pdbx_isotropic_thermal_model             ? 
_refine.pdbx_stereochemistry_target_values       ML 
_refine.pdbx_stereochem_target_val_spec_case     ? 
_refine.pdbx_R_Free_selection_details            ? 
_refine.pdbx_overall_ESU_R                       ? 
_refine.pdbx_overall_ESU_R_Free                  ? 
_refine.overall_SU_ML                            0.20 
_refine.pdbx_overall_phase_error                 33.18 
_refine.overall_SU_B                             ? 
_refine.overall_SU_R_Cruickshank_DPI             ? 
_refine.pdbx_overall_SU_R_free_Cruickshank_DPI   ? 
_refine.pdbx_overall_SU_R_Blow_DPI               ? 
_refine.pdbx_overall_SU_R_free_Blow_DPI          ? 
# 
_refine_hist.pdbx_refine_id                   'X-RAY DIFFRACTION' 
_refine_hist.cycle_id                         LAST 
_refine_hist.pdbx_number_atoms_protein        1519 
_refine_hist.pdbx_number_atoms_nucleic_acid   0 
_refine_hist.pdbx_number_atoms_ligand         49 
_refine_hist.number_atoms_solvent             21 
_refine_hist.number_atoms_total               1589 
_refine_hist.d_res_high                       2.029 
_refine_hist.d_res_low                        33.138 
# 
loop_
_refine_ls_restr.type 
_refine_ls_restr.dev_ideal 
_refine_ls_restr.dev_ideal_target 
_refine_ls_restr.weight 
_refine_ls_restr.number 
_refine_ls_restr.pdbx_refine_id 
_refine_ls_restr.pdbx_restraint_function 
f_bond_d           0.008  ? ? 1590 'X-RAY DIFFRACTION' ? 
f_angle_d          1.702  ? ? 2125 'X-RAY DIFFRACTION' ? 
f_dihedral_angle_d 19.600 ? ? 624  'X-RAY DIFFRACTION' ? 
f_chiral_restr     0.096  ? ? 240  'X-RAY DIFFRACTION' ? 
f_plane_restr      0.005  ? ? 267  'X-RAY DIFFRACTION' ? 
# 
loop_
_refine_ls_shell.pdbx_refine_id 
_refine_ls_shell.pdbx_total_number_of_bins_used 
_refine_ls_shell.d_res_high 
_refine_ls_shell.d_res_low 
_refine_ls_shell.number_reflns_R_work 
_refine_ls_shell.R_factor_R_work 
_refine_ls_shell.percent_reflns_obs 
_refine_ls_shell.R_factor_R_free 
_refine_ls_shell.R_factor_R_free_error 
_refine_ls_shell.percent_reflns_R_free 
_refine_ls_shell.number_reflns_R_free 
_refine_ls_shell.number_reflns_all 
_refine_ls_shell.R_factor_all 
'X-RAY DIFFRACTION' . 2.0291 2.1858  2376 0.2896 90.00  0.3047 . . 147 . . 
'X-RAY DIFFRACTION' . 2.1858 2.4057  2667 0.2475 99.00  0.2569 . . 122 . . 
'X-RAY DIFFRACTION' . 2.4057 2.7537  2687 0.2418 100.00 0.2897 . . 151 . . 
'X-RAY DIFFRACTION' . 2.7537 3.4687  2691 0.2502 100.00 0.2983 . . 156 . . 
'X-RAY DIFFRACTION' . 3.4687 33.1424 2853 0.2222 100.00 0.2825 . . 123 . . 
# 
_struct.entry_id                     5JXD 
_struct.title                        'Crystal structure of murine Tnfaip8 C165S mutant' 
_struct.pdbx_model_details           ? 
_struct.pdbx_formula_weight          ? 
_struct.pdbx_formula_weight_method   ? 
_struct.pdbx_model_type_details      ? 
_struct.pdbx_CASP_flag               N 
# 
_struct_keywords.entry_id        5JXD 
_struct_keywords.text            'Tnfaip8, Oxi-a, phosphatidylethanolamine, IMMUNE SYSTEM' 
_struct_keywords.pdbx_keywords   'IMMUNE SYSTEM' 
# 
loop_
_struct_asym.id 
_struct_asym.pdbx_blank_PDB_chainid_flag 
_struct_asym.pdbx_modified 
_struct_asym.entity_id 
_struct_asym.details 
A N N 1 ? 
B N N 2 ? 
C N N 3 ? 
# 
loop_
_struct_conf.conf_type_id 
_struct_conf.id 
_struct_conf.pdbx_PDB_helix_id 
_struct_conf.beg_label_comp_id 
_struct_conf.beg_label_asym_id 
_struct_conf.beg_label_seq_id 
_struct_conf.pdbx_beg_PDB_ins_code 
_struct_conf.end_label_comp_id 
_struct_conf.end_label_asym_id 
_struct_conf.end_label_seq_id 
_struct_conf.pdbx_end_PDB_ins_code 
_struct_conf.beg_auth_comp_id 
_struct_conf.beg_auth_asym_id 
_struct_conf.beg_auth_seq_id 
_struct_conf.end_auth_comp_id 
_struct_conf.end_auth_asym_id 
_struct_conf.end_auth_seq_id 
_struct_conf.pdbx_PDB_helix_class 
_struct_conf.details 
_struct_conf.pdbx_PDB_helix_length 
HELX_P HELX_P1 AA1 SER A 18  ? VAL A 34  ? SER A 18  VAL A 34  1 ? 17 
HELX_P HELX_P2 AA2 VAL A 34  ? THR A 40  ? VAL A 34  THR A 40  1 ? 7  
HELX_P HELX_P3 AA3 ASP A 44  ? GLN A 63  ? ASP A 44  GLN A 63  1 ? 20 
HELX_P HELX_P4 AA4 ASN A 64  ? ASN A 88  ? ASN A 64  ASN A 88  1 ? 25 
HELX_P HELX_P5 AA5 ASN A 92  ? VAL A 119 ? ASN A 92  VAL A 119 1 ? 28 
HELX_P HELX_P6 AA6 ASP A 124 ? GLN A 144 ? ASP A 124 GLN A 144 1 ? 21 
HELX_P HELX_P7 AA7 THR A 148 ? SER A 163 ? THR A 148 SER A 163 1 ? 16 
HELX_P HELX_P8 AA8 ASP A 164 ? TYR A 172 ? ASP A 164 TYR A 172 1 ? 9  
HELX_P HELX_P9 AA9 PHE A 178 ? GLU A 195 ? PHE A 178 GLU A 195 1 ? 18 
# 
_struct_conf_type.id          HELX_P 
_struct_conf_type.criteria    ? 
_struct_conf_type.reference   ? 
# 
_struct_site.id                   AC1 
_struct_site.pdbx_evidence_code   Software 
_struct_site.pdbx_auth_asym_id    A 
_struct_site.pdbx_auth_comp_id    6OU 
_struct_site.pdbx_auth_seq_id     201 
_struct_site.pdbx_auth_ins_code   ? 
_struct_site.pdbx_num_residues    12 
_struct_site.details              'binding site for residue 6OU A 201' 
# 
loop_
_struct_site_gen.id 
_struct_site_gen.site_id 
_struct_site_gen.pdbx_num_res 
_struct_site_gen.label_comp_id 
_struct_site_gen.label_asym_id 
_struct_site_gen.label_seq_id 
_struct_site_gen.pdbx_auth_ins_code 
_struct_site_gen.auth_comp_id 
_struct_site_gen.auth_asym_id 
_struct_site_gen.auth_seq_id 
_struct_site_gen.label_atom_id 
_struct_site_gen.label_alt_id 
_struct_site_gen.symmetry 
_struct_site_gen.details 
1  AC1 12 THR A 40  ? THR A 40  . ? 1_555 ? 
2  AC1 12 THR A 41  ? THR A 41  . ? 1_555 ? 
3  AC1 12 SER A 47  ? SER A 47  . ? 1_555 ? 
4  AC1 12 LEU A 51  ? LEU A 51  . ? 1_555 ? 
5  AC1 12 VAL A 79  ? VAL A 79  . ? 1_555 ? 
6  AC1 12 HIS A 86  ? HIS A 86  . ? 1_555 ? 
7  AC1 12 ARG A 87  ? ARG A 87  . ? 1_555 ? 
8  AC1 12 LYS A 103 ? LYS A 103 . ? 1_555 ? 
9  AC1 12 PHE A 162 ? PHE A 162 . ? 1_555 ? 
10 AC1 12 LEU A 171 ? LEU A 171 . ? 1_555 ? 
11 AC1 12 ASN A 197 ? ASN A 197 . ? 1_555 ? 
12 AC1 12 ILE A 198 ? ILE A 198 . ? 1_555 ? 
# 
_atom_sites.entry_id                    5JXD 
_atom_sites.fract_transf_matrix[1][1]   0.00396358 
_atom_sites.fract_transf_matrix[1][2]   -0.01173814 
_atom_sites.fract_transf_matrix[1][3]   0.00861126 
_atom_sites.fract_transf_matrix[2][1]   0.00400444 
_atom_sites.fract_transf_matrix[2][2]   0.00877064 
_atom_sites.fract_transf_matrix[2][3]   0.01011223 
_atom_sites.fract_transf_matrix[3][1]   -0.01016963 
_atom_sites.fract_transf_matrix[3][2]   -0.00029307 
_atom_sites.fract_transf_matrix[3][3]   0.00428137 
_atom_sites.fract_transf_vector[1]      0.122336 
_atom_sites.fract_transf_vector[2]      0.226868 
_atom_sites.fract_transf_vector[3]      -0.150872 
# 
loop_
_atom_type.symbol 
C 
H 
N 
O 
P 
S 
# 
loop_
_atom_site.group_PDB 
_atom_site.id 
_atom_site.type_symbol 
_atom_site.label_atom_id 
_atom_site.label_alt_id 
_atom_site.label_comp_id 
_atom_site.label_asym_id 
_atom_site.label_entity_id 
_atom_site.label_seq_id 
_atom_site.pdbx_PDB_ins_code 
_atom_site.Cartn_x 
_atom_site.Cartn_y 
_atom_site.Cartn_z 
_atom_site.occupancy 
_atom_site.B_iso_or_equiv 
_atom_site.pdbx_formal_charge 
_atom_site.auth_seq_id 
_atom_site.auth_comp_id 
_atom_site.auth_asym_id 
_atom_site.auth_atom_id 
_atom_site.pdbx_PDB_model_num 
ATOM   1    N N   . THR A 1 13  ? -10.103 46.232  24.527  1.00 78.47  ? 13  THR A N   1 
ATOM   2    C CA  . THR A 1 13  ? -8.691  46.078  24.250  1.00 84.27  ? 13  THR A CA  1 
ATOM   3    C C   . THR A 1 13  ? -8.113  44.929  23.468  1.00 88.50  ? 13  THR A C   1 
ATOM   4    O O   . THR A 1 13  ? -8.171  44.850  22.243  1.00 86.42  ? 13  THR A O   1 
ATOM   5    C CB  . THR A 1 13  ? -7.800  46.212  25.511  1.00 86.53  ? 13  THR A CB  1 
ATOM   6    O OG1 . THR A 1 13  ? -7.954  47.516  26.098  1.00 89.39  ? 13  THR A OG1 1 
ATOM   7    C CG2 . THR A 1 13  ? -6.339  45.971  25.179  1.00 81.01  ? 13  THR A CG2 1 
ATOM   8    N N   . ASP A 1 14  ? -7.470  44.021  24.189  1.00 87.29  ? 14  ASP A N   1 
ATOM   9    C CA  . ASP A 1 14  ? -6.825  42.891  23.536  1.00 88.33  ? 14  ASP A CA  1 
ATOM   10   C C   . ASP A 1 14  ? -7.307  41.616  24.202  1.00 91.49  ? 14  ASP A C   1 
ATOM   11   O O   . ASP A 1 14  ? -6.717  41.156  25.179  1.00 93.03  ? 14  ASP A O   1 
ATOM   12   C CB  . ASP A 1 14  ? -5.303  43.036  23.601  1.00 83.52  ? 14  ASP A CB  1 
ATOM   13   C CG  . ASP A 1 14  ? -4.795  44.212  22.791  1.00 80.59  ? 14  ASP A CG  1 
ATOM   14   O OD1 . ASP A 1 14  ? -4.991  44.215  21.557  1.00 77.09  ? 14  ASP A OD1 1 
ATOM   15   O OD2 . ASP A 1 14  ? -4.199  45.134  23.387  1.00 77.83  ? 14  ASP A OD2 1 
ATOM   16   N N   . VAL A 1 15  ? -8.378  41.045  23.668  1.00 92.12  ? 15  VAL A N   1 
ATOM   17   C CA  . VAL A 1 15  ? -8.902  39.806  24.228  1.00 97.16  ? 15  VAL A CA  1 
ATOM   18   C C   . VAL A 1 15  ? -7.834  38.817  23.772  1.00 95.63  ? 15  VAL A C   1 
ATOM   19   O O   . VAL A 1 15  ? -6.849  39.233  23.161  1.00 96.27  ? 15  VAL A O   1 
ATOM   20   C CB  . VAL A 1 15  ? -10.249 39.416  23.600  1.00 98.00  ? 15  VAL A CB  1 
ATOM   21   C CG1 . VAL A 1 15  ? -10.992 38.440  24.500  1.00 100.44 ? 15  VAL A CG1 1 
ATOM   22   C CG2 . VAL A 1 15  ? -11.091 40.656  23.338  1.00 99.17  ? 15  VAL A CG2 1 
ATOM   23   N N   . PHE A 1 16  ? -7.964  37.549  24.135  1.00 91.90  ? 16  PHE A N   1 
ATOM   24   C CA  . PHE A 1 16  ? -6.960  36.577  23.733  1.00 92.41  ? 16  PHE A CA  1 
ATOM   25   C C   . PHE A 1 16  ? -7.250  36.360  22.271  1.00 94.59  ? 16  PHE A C   1 
ATOM   26   O O   . PHE A 1 16  ? -8.127  35.567  21.930  1.00 91.72  ? 16  PHE A O   1 
ATOM   27   C CB  . PHE A 1 16  ? -7.126  35.274  24.512  1.00 89.57  ? 16  PHE A CB  1 
ATOM   28   C CG  . PHE A 1 16  ? -6.508  35.303  25.881  1.00 91.23  ? 16  PHE A CG  1 
ATOM   29   C CD1 . PHE A 1 16  ? -5.588  36.280  26.221  1.00 87.98  ? 16  PHE A CD1 1 
ATOM   30   C CD2 . PHE A 1 16  ? -6.848  34.351  26.829  1.00 88.58  ? 16  PHE A CD2 1 
ATOM   31   C CE1 . PHE A 1 16  ? -5.017  36.309  27.479  1.00 89.13  ? 16  PHE A CE1 1 
ATOM   32   C CE2 . PHE A 1 16  ? -6.281  34.374  28.089  1.00 89.41  ? 16  PHE A CE2 1 
ATOM   33   C CZ  . PHE A 1 16  ? -5.365  35.355  28.415  1.00 89.32  ? 16  PHE A CZ  1 
ATOM   34   N N   . ASN A 1 17  ? -6.558  37.075  21.387  1.00 93.48  ? 17  ASN A N   1 
ATOM   35   C CA  . ASN A 1 17  ? -6.815  36.970  19.941  1.00 91.67  ? 17  ASN A CA  1 
ATOM   36   C C   . ASN A 1 17  ? -6.198  35.786  19.189  1.00 91.82  ? 17  ASN A C   1 
ATOM   37   O O   . ASN A 1 17  ? -6.562  35.508  18.046  1.00 92.88  ? 17  ASN A O   1 
ATOM   38   C CB  . ASN A 1 17  ? -6.429  38.278  19.243  1.00 95.04  ? 17  ASN A CB  1 
ATOM   39   C CG  . ASN A 1 17  ? -7.380  39.414  19.562  1.00 98.64  ? 17  ASN A CG  1 
ATOM   40   O OD1 . ASN A 1 17  ? -8.531  39.190  19.937  1.00 97.14  ? 17  ASN A OD1 1 
ATOM   41   N ND2 . ASN A 1 17  ? -6.902  40.644  19.414  1.00 99.60  ? 17  ASN A ND2 1 
ATOM   42   N N   . SER A 1 18  ? -5.267  35.101  19.836  1.00 89.82  ? 18  SER A N   1 
ATOM   43   C CA  . SER A 1 18  ? -4.563  33.948  19.260  1.00 85.77  ? 18  SER A CA  1 
ATOM   44   C C   . SER A 1 18  ? -5.385  32.734  18.898  1.00 89.36  ? 18  SER A C   1 
ATOM   45   O O   . SER A 1 18  ? -5.104  32.023  17.932  1.00 85.84  ? 18  SER A O   1 
ATOM   46   C CB  . SER A 1 18  ? -3.413  33.526  20.182  1.00 83.23  ? 18  SER A CB  1 
ATOM   47   O OG  . SER A 1 18  ? -3.903  33.076  21.434  1.00 89.09  ? 18  SER A OG  1 
ATOM   48   N N   . LYS A 1 19  ? -6.402  32.510  19.700  1.00 90.68  ? 19  LYS A N   1 
ATOM   49   C CA  . LYS A 1 19  ? -7.300  31.375  19.569  1.00 93.04  ? 19  LYS A CA  1 
ATOM   50   C C   . LYS A 1 19  ? -8.101  31.277  18.283  1.00 93.41  ? 19  LYS A C   1 
ATOM   51   O O   . LYS A 1 19  ? -8.562  30.189  17.942  1.00 91.49  ? 19  LYS A O   1 
ATOM   52   C CB  . LYS A 1 19  ? -8.253  31.320  20.769  1.00 94.16  ? 19  LYS A CB  1 
ATOM   53   C CG  . LYS A 1 19  ? -9.158  32.534  20.898  1.00 96.45  ? 19  LYS A CG  1 
ATOM   54   C CD  . LYS A 1 19  ? -10.073 32.414  22.105  1.00 98.77  ? 19  LYS A CD  1 
ATOM   55   C CE  . LYS A 1 19  ? -9.288  32.493  23.404  1.00 97.92  ? 19  LYS A CE  1 
ATOM   56   N NZ  . LYS A 1 19  ? -10.173 32.376  24.596  1.00 101.40 ? 19  LYS A NZ  1 
ATOM   57   N N   . ASN A 1 20  ? -8.286  32.396  17.590  1.00 91.70  ? 20  ASN A N   1 
ATOM   58   C CA  . ASN A 1 20  ? -9.035  32.402  16.337  1.00 95.42  ? 20  ASN A CA  1 
ATOM   59   C C   . ASN A 1 20  ? -8.102  31.972  15.219  1.00 94.91  ? 20  ASN A C   1 
ATOM   60   O O   . ASN A 1 20  ? -8.525  31.644  14.110  1.00 92.34  ? 20  ASN A O   1 
ATOM   61   C CB  . ASN A 1 20  ? -9.605  33.791  16.052  1.00 95.82  ? 20  ASN A CB  1 
ATOM   62   C CG  . ASN A 1 20  ? -10.922 34.037  16.760  1.00 97.28  ? 20  ASN A CG  1 
ATOM   63   O OD1 . ASN A 1 20  ? -11.441 33.161  17.453  1.00 98.79  ? 20  ASN A OD1 1 
ATOM   64   N ND2 . ASN A 1 20  ? -11.472 35.234  16.590  1.00 101.37 ? 20  ASN A ND2 1 
ATOM   65   N N   . LEU A 1 21  ? -6.812  31.954  15.541  1.00 91.19  ? 21  LEU A N   1 
ATOM   66   C CA  . LEU A 1 21  ? -5.773  31.581  14.586  1.00 91.48  ? 21  LEU A CA  1 
ATOM   67   C C   . LEU A 1 21  ? -5.308  30.121  14.638  1.00 91.48  ? 21  LEU A C   1 
ATOM   68   O O   . LEU A 1 21  ? -5.175  29.486  13.593  1.00 91.59  ? 21  LEU A O   1 
ATOM   69   C CB  . LEU A 1 21  ? -4.565  32.512  14.731  1.00 84.24  ? 21  LEU A CB  1 
ATOM   70   C CG  . LEU A 1 21  ? -3.360  32.202  13.841  1.00 82.61  ? 21  LEU A CG  1 
ATOM   71   C CD1 . LEU A 1 21  ? -3.726  32.343  12.371  1.00 76.39  ? 21  LEU A CD1 1 
ATOM   72   C CD2 . LEU A 1 21  ? -2.186  33.100  14.194  1.00 86.66  ? 21  LEU A CD2 1 
ATOM   73   N N   . ALA A 1 22  ? -5.047  29.584  15.829  1.00 92.18  ? 22  ALA A N   1 
ATOM   74   C CA  . ALA A 1 22  ? -4.575  28.214  15.899  1.00 92.48  ? 22  ALA A CA  1 
ATOM   75   C C   . ALA A 1 22  ? -5.786  27.502  15.357  1.00 94.27  ? 22  ALA A C   1 
ATOM   76   O O   . ALA A 1 22  ? -5.678  26.557  14.575  1.00 91.89  ? 22  ALA A O   1 
ATOM   77   C CB  . ALA A 1 22  ? -4.467  27.768  17.344  1.00 90.72  ? 22  ALA A CB  1 
ATOM   78   N N   . VAL A 1 23  ? -6.956  27.988  15.762  1.00 94.27  ? 23  VAL A N   1 
ATOM   79   C CA  . VAL A 1 23  ? -8.209  27.456  15.235  1.00 93.61  ? 23  VAL A CA  1 
ATOM   80   C C   . VAL A 1 23  ? -8.233  27.522  13.715  1.00 95.32  ? 23  VAL A C   1 
ATOM   81   O O   . VAL A 1 23  ? -8.659  26.560  13.093  1.00 96.11  ? 23  VAL A O   1 
ATOM   82   C CB  . VAL A 1 23  ? -9.409  28.256  15.754  1.00 93.37  ? 23  VAL A CB  1 
ATOM   83   C CG1 . VAL A 1 23  ? -10.666 27.763  15.101  1.00 96.52  ? 23  VAL A CG1 1 
ATOM   84   C CG2 . VAL A 1 23  ? -9.547  28.089  17.264  1.00 96.13  ? 23  VAL A CG2 1 
ATOM   85   N N   . GLN A 1 24  ? -7.708  28.610  13.159  1.00 94.43  ? 24  GLN A N   1 
ATOM   86   C CA  . GLN A 1 24  ? -7.598  28.758  11.722  1.00 94.70  ? 24  GLN A CA  1 
ATOM   87   C C   . GLN A 1 24  ? -6.555  27.736  11.275  1.00 96.07  ? 24  GLN A C   1 
ATOM   88   O O   . GLN A 1 24  ? -6.707  27.101  10.232  1.00 96.34  ? 24  GLN A O   1 
ATOM   89   C CB  . GLN A 1 24  ? -7.153  30.173  11.355  1.00 95.95  ? 24  GLN A CB  1 
ATOM   90   C CG  . GLN A 1 24  ? -7.152  30.456  9.862   1.00 97.12  ? 24  GLN A CG  1 
ATOM   91   C CD  . GLN A 1 24  ? -6.870  31.911  9.545   1.00 99.73  ? 24  GLN A CD  1 
ATOM   92   O OE1 . GLN A 1 24  ? -6.762  32.745  10.444  1.00 100.08 ? 24  GLN A OE1 1 
ATOM   93   N NE2 . GLN A 1 24  ? -6.748  32.225  8.260   1.00 97.23  ? 24  GLN A NE2 1 
ATOM   94   N N   . ALA A 1 25  ? -5.498  27.574  12.074  1.00 95.60  ? 25  ALA A N   1 
ATOM   95   C CA  . ALA A 1 25  ? -4.465  26.603  11.754  1.00 95.84  ? 25  ALA A CA  1 
ATOM   96   C C   . ALA A 1 25  ? -5.102  25.216  11.895  1.00 95.79  ? 25  ALA A C   1 
ATOM   97   O O   . ALA A 1 25  ? -5.130  24.454  10.927  1.00 92.53  ? 25  ALA A O   1 
ATOM   98   C CB  . ALA A 1 25  ? -3.250  26.770  12.660  1.00 89.76  ? 25  ALA A CB  1 
ATOM   99   N N   . GLN A 1 26  ? -5.646  24.913  13.079  1.00 96.26  ? 26  GLN A N   1 
ATOM   100  C CA  . GLN A 1 26  ? -6.335  23.637  13.326  1.00 94.42  ? 26  GLN A CA  1 
ATOM   101  C C   . GLN A 1 26  ? -7.381  23.366  12.258  1.00 96.62  ? 26  GLN A C   1 
ATOM   102  O O   . GLN A 1 26  ? -7.501  22.225  11.757  1.00 95.03  ? 26  GLN A O   1 
ATOM   103  C CB  . GLN A 1 26  ? -7.006  23.612  14.709  1.00 95.89  ? 26  GLN A CB  1 
ATOM   104  C CG  . GLN A 1 26  ? -7.676  22.279  15.164  1.00 99.93  ? 26  GLN A CG  1 
ATOM   105  C CD  . GLN A 1 26  ? -6.732  21.091  15.348  1.00 102.68 ? 26  GLN A CD  1 
ATOM   106  O OE1 . GLN A 1 26  ? -6.861  20.050  14.696  1.00 101.91 ? 26  GLN A OE1 1 
ATOM   107  N NE2 . GLN A 1 26  ? -5.784  21.244  16.272  1.00 103.30 ? 26  GLN A NE2 1 
ATOM   108  N N   . LYS A 1 27  ? -8.124  24.403  11.888  1.00 97.23  ? 27  LYS A N   1 
ATOM   109  C CA  . LYS A 1 27  ? -9.184  24.294  10.885  1.00 95.95  ? 27  LYS A CA  1 
ATOM   110  C C   . LYS A 1 27  ? -8.663  23.611  9.611   1.00 96.99  ? 27  LYS A C   1 
ATOM   111  O O   . LYS A 1 27  ? -9.228  22.604  9.184   1.00 98.18  ? 27  LYS A O   1 
ATOM   112  C CB  . LYS A 1 27  ? -9.925  25.629  10.758  1.00 97.66  ? 27  LYS A CB  1 
ATOM   113  C CG  . LYS A 1 27  ? -10.742 26.004  11.983  1.00 98.30  ? 27  LYS A CG  1 
ATOM   114  C CD  . LYS A 1 27  ? -11.619 27.216  11.712  1.00 98.08  ? 27  LYS A CD  1 
ATOM   115  C CE  . LYS A 1 27  ? -10.784 28.471  11.521  1.00 98.14  ? 27  LYS A CE  1 
ATOM   116  N NZ  . LYS A 1 27  ? -11.631 29.686  11.374  1.00 98.70  ? 27  LYS A NZ  1 
ATOM   117  N N   . LYS A 1 28  ? -7.608  24.143  8.999   1.00 94.96  ? 28  LYS A N   1 
ATOM   118  C CA  . LYS A 1 28  ? -7.101  23.544  7.785   1.00 96.32  ? 28  LYS A CA  1 
ATOM   119  C C   . LYS A 1 28  ? -6.044  22.463  7.865   1.00 96.54  ? 28  LYS A C   1 
ATOM   120  O O   . LYS A 1 28  ? -5.851  21.669  6.933   1.00 94.26  ? 28  LYS A O   1 
ATOM   121  C CB  . LYS A 1 28  ? -6.547  24.749  7.021   1.00 97.51  ? 28  LYS A CB  1 
ATOM   122  C CG  . LYS A 1 28  ? -7.584  25.720  6.563   1.00 100.91 ? 28  LYS A CG  1 
ATOM   123  C CD  . LYS A 1 28  ? -7.002  26.909  5.834   1.00 106.77 ? 28  LYS A CD  1 
ATOM   124  C CE  . LYS A 1 28  ? -8.127  27.817  5.392   1.00 108.11 ? 28  LYS A CE  1 
ATOM   125  N NZ  . LYS A 1 28  ? -7.601  29.026  4.684   1.00 104.04 ? 28  LYS A NZ  1 
ATOM   126  N N   . ILE A 1 29  ? -5.382  22.422  9.023   1.00 94.77  ? 29  ILE A N   1 
ATOM   127  C CA  . ILE A 1 29  ? -4.399  21.395  9.296   1.00 94.13  ? 29  ILE A CA  1 
ATOM   128  C C   . ILE A 1 29  ? -5.268  20.212  8.952   1.00 94.84  ? 29  ILE A C   1 
ATOM   129  O O   . ILE A 1 29  ? -4.965  19.453  8.032   1.00 93.52  ? 29  ILE A O   1 
ATOM   130  C CB  . ILE A 1 29  ? -4.011  21.348  10.781  1.00 93.07  ? 29  ILE A CB  1 
ATOM   131  C CG1 . ILE A 1 29  ? -3.283  22.632  11.181  1.00 91.80  ? 29  ILE A CG1 1 
ATOM   132  C CG2 . ILE A 1 29  ? -3.149  20.128  11.067  1.00 89.99  ? 29  ILE A CG2 1 
ATOM   133  C CD1 . ILE A 1 29  ? -3.098  22.787  12.675  1.00 90.74  ? 29  ILE A CD1 1 
ATOM   134  N N   . LEU A 1 30  ? -6.379  20.072  9.675   1.00 94.81  ? 30  LEU A N   1 
ATOM   135  C CA  . LEU A 1 30  ? -7.312  19.018  9.327   1.00 95.02  ? 30  LEU A CA  1 
ATOM   136  C C   . LEU A 1 30  ? -7.687  18.997  7.850   1.00 96.65  ? 30  LEU A C   1 
ATOM   137  O O   . LEU A 1 30  ? -7.754  17.903  7.263   1.00 95.99  ? 30  LEU A O   1 
ATOM   138  C CB  . LEU A 1 30  ? -8.577  19.082  10.171  1.00 95.42  ? 30  LEU A CB  1 
ATOM   139  C CG  . LEU A 1 30  ? -8.536  18.401  11.518  1.00 99.46  ? 30  LEU A CG  1 
ATOM   140  C CD1 . LEU A 1 30  ? -7.539  19.195  12.307  1.00 95.03  ? 30  LEU A CD1 1 
ATOM   141  C CD2 . LEU A 1 30  ? -9.912  18.416  12.158  1.00 100.99 ? 30  LEU A CD2 1 
ATOM   142  N N   . GLY A 1 31  ? -7.926  20.157  7.250   1.00 95.26  ? 31  GLY A N   1 
ATOM   143  C CA  . GLY A 1 31  ? -8.311  20.241  5.849   1.00 95.64  ? 31  GLY A CA  1 
ATOM   144  C C   . GLY A 1 31  ? -7.581  19.411  4.802   1.00 96.47  ? 31  GLY A C   1 
ATOM   145  O O   . GLY A 1 31  ? -8.169  19.039  3.787   1.00 99.23  ? 31  GLY A O   1 
ATOM   146  N N   . LYS A 1 32  ? -6.303  19.128  5.036   1.00 92.34  ? 32  LYS A N   1 
ATOM   147  C CA  . LYS A 1 32  ? -5.484  18.364  4.091   1.00 90.78  ? 32  LYS A CA  1 
ATOM   148  C C   . LYS A 1 32  ? -5.029  17.006  4.658   1.00 87.71  ? 32  LYS A C   1 
ATOM   149  O O   . LYS A 1 32  ? -4.835  16.056  3.913   1.00 83.88  ? 32  LYS A O   1 
ATOM   150  C CB  . LYS A 1 32  ? -4.285  19.189  3.619   1.00 88.65  ? 32  LYS A CB  1 
ATOM   151  C CG  . LYS A 1 32  ? -4.642  20.400  2.763   1.00 93.12  ? 32  LYS A CG  1 
ATOM   152  C CD  . LYS A 1 32  ? -3.386  21.162  2.369   1.00 90.81  ? 32  LYS A CD  1 
ATOM   153  C CE  . LYS A 1 32  ? -3.753  22.343  1.502   1.00 90.22  ? 32  LYS A CE  1 
ATOM   154  N NZ  . LYS A 1 32  ? -2.593  23.171  1.080   1.00 84.84  ? 32  LYS A NZ  1 
ATOM   155  N N   . MET A 1 33  ? -4.936  16.834  5.971   1.00 88.78  ? 33  MET A N   1 
ATOM   156  C CA  . MET A 1 33  ? -4.486  15.527  6.507   1.00 86.16  ? 33  MET A CA  1 
ATOM   157  C C   . MET A 1 33  ? -5.419  14.283  6.646   1.00 90.65  ? 33  MET A C   1 
ATOM   158  O O   . MET A 1 33  ? -5.033  13.174  6.275   1.00 88.98  ? 33  MET A O   1 
ATOM   159  C CB  . MET A 1 33  ? -3.764  15.748  7.844   1.00 84.68  ? 33  MET A CB  1 
ATOM   160  C CG  . MET A 1 33  ? -2.978  17.047  7.917   1.00 80.27  ? 33  MET A CG  1 
ATOM   161  S SD  . MET A 1 33  ? -2.487  17.469  9.599   1.00 95.05  ? 33  MET A SD  1 
ATOM   162  C CE  . MET A 1 33  ? -2.349  15.841  10.332  1.00 78.32  ? 33  MET A CE  1 
ATOM   163  N N   . VAL A 1 34  ? -6.616  14.476  7.193   1.00 96.21  ? 34  VAL A N   1 
ATOM   164  C CA  . VAL A 1 34  ? -7.587  13.465  7.514   1.00 96.89  ? 34  VAL A CA  1 
ATOM   165  C C   . VAL A 1 34  ? -8.456  13.224  6.309   1.00 98.26  ? 34  VAL A C   1 
ATOM   166  O O   . VAL A 1 34  ? -8.706  12.058  6.003   1.00 98.09  ? 34  VAL A O   1 
ATOM   167  C CB  . VAL A 1 34  ? -8.323  13.696  8.853   1.00 100.47 ? 34  VAL A CB  1 
ATOM   168  C CG1 . VAL A 1 34  ? -9.065  12.438  9.275   1.00 101.52 ? 34  VAL A CG1 1 
ATOM   169  C CG2 . VAL A 1 34  ? -7.341  14.132  9.930   1.00 99.29  ? 34  VAL A CG2 1 
ATOM   170  N N   . SER A 1 35  ? -8.950  14.238  5.615   1.00 96.21  ? 35  SER A N   1 
ATOM   171  C CA  . SER A 1 35  ? -9.833  13.975  4.468   1.00 97.84  ? 35  SER A CA  1 
ATOM   172  C C   . SER A 1 35  ? -9.319  13.010  3.375   1.00 98.29  ? 35  SER A C   1 
ATOM   173  O O   . SER A 1 35  ? -9.956  12.008  3.051   1.00 99.21  ? 35  SER A O   1 
ATOM   174  C CB  . SER A 1 35  ? -10.263 15.297  3.822   1.00 98.68  ? 35  SER A CB  1 
ATOM   175  O OG  . SER A 1 35  ? -9.160  15.951  3.218   1.00 100.42 ? 35  SER A OG  1 
ATOM   176  N N   . LYS A 1 36  ? -8.165  13.355  2.824   1.00 99.82  ? 36  LYS A N   1 
ATOM   177  C CA  . LYS A 1 36  ? -7.474  12.695  1.741   1.00 97.38  ? 36  LYS A CA  1 
ATOM   178  C C   . LYS A 1 36  ? -6.969  11.447  2.357   1.00 97.79  ? 36  LYS A C   1 
ATOM   179  O O   . LYS A 1 36  ? -7.060  10.370  1.770   1.00 95.53  ? 36  LYS A O   1 
ATOM   180  C CB  . LYS A 1 36  ? -6.333  13.587  1.245   1.00 95.26  ? 36  LYS A CB  1 
ATOM   181  C CG  . LYS A 1 36  ? -6.768  14.899  0.615   1.00 93.12  ? 36  LYS A CG  1 
ATOM   182  C CD  . LYS A 1 36  ? -5.569  15.743  0.213   1.00 89.56  ? 36  LYS A CD  1 
ATOM   183  C CE  . LYS A 1 36  ? -6.005  17.067  -0.394  1.00 86.55  ? 36  LYS A CE  1 
ATOM   184  N NZ  . LYS A 1 36  ? -4.840  17.907  -0.787  1.00 83.11  ? 36  LYS A NZ  1 
ATOM   185  N N   . SER A 1 37  ? -6.438  11.568  3.575   1.00 95.51  ? 37  SER A N   1 
ATOM   186  C CA  . SER A 1 37  ? -5.982  10.347  4.240   1.00 92.25  ? 37  SER A CA  1 
ATOM   187  C C   . SER A 1 37  ? -6.880  9.094   4.113   1.00 92.42  ? 37  SER A C   1 
ATOM   188  O O   . SER A 1 37  ? -6.386  7.986   3.899   1.00 91.31  ? 37  SER A O   1 
ATOM   189  C CB  . SER A 1 37  ? -5.894  10.557  5.752   1.00 89.89  ? 37  SER A CB  1 
ATOM   190  O OG  . SER A 1 37  ? -5.497  9.366   6.410   1.00 89.42  ? 37  SER A OG  1 
ATOM   191  N N   . ILE A 1 38  ? -8.189  9.274   4.254   1.00 93.50  ? 38  ILE A N   1 
ATOM   192  C CA  . ILE A 1 38  ? -9.107  8.141   4.172   1.00 93.05  ? 38  ILE A CA  1 
ATOM   193  C C   . ILE A 1 38  ? -10.247 8.312   3.170   1.00 95.71  ? 38  ILE A C   1 
ATOM   194  O O   . ILE A 1 38  ? -10.842 7.326   2.733   1.00 93.88  ? 38  ILE A O   1 
ATOM   195  C CB  . ILE A 1 38  ? -9.709  7.811   5.552   1.00 92.72  ? 38  ILE A CB  1 
ATOM   196  C CG1 . ILE A 1 38  ? -10.563 8.978   6.054   1.00 96.28  ? 38  ILE A CG1 1 
ATOM   197  C CG2 . ILE A 1 38  ? -8.609  7.481   6.548   1.00 91.21  ? 38  ILE A CG2 1 
ATOM   198  C CD1 . ILE A 1 38  ? -11.777 8.548   6.848   1.00 96.66  ? 38  ILE A CD1 1 
ATOM   199  N N   . ALA A 1 39  ? -10.557 9.552   2.807   1.00 96.83  ? 39  ALA A N   1 
ATOM   200  C CA  . ALA A 1 39  ? -11.650 9.799   1.856   1.00 97.26  ? 39  ALA A CA  1 
ATOM   201  C C   . ALA A 1 39  ? -11.129 9.257   0.514   1.00 97.46  ? 39  ALA A C   1 
ATOM   202  O O   . ALA A 1 39  ? -11.882 8.681   -0.271  1.00 96.85  ? 39  ALA A O   1 
ATOM   203  C CB  . ALA A 1 39  ? -12.042 11.270  1.859   1.00 96.66  ? 39  ALA A CB  1 
ATOM   204  N N   . THR A 1 40  ? -9.830  9.446   0.287   1.00 97.54  ? 40  THR A N   1 
ATOM   205  C CA  . THR A 1 40  ? -9.186  9.059   -0.968  1.00 96.58  ? 40  THR A CA  1 
ATOM   206  C C   . THR A 1 40  ? -8.411  7.740   -1.145  1.00 92.97  ? 40  THR A C   1 
ATOM   207  O O   . THR A 1 40  ? -8.628  7.061   -2.148  1.00 93.02  ? 40  THR A O   1 
ATOM   208  C CB  . THR A 1 40  ? -8.270  10.196  -1.472  1.00 96.95  ? 40  THR A CB  1 
ATOM   209  O OG1 . THR A 1 40  ? -9.053  11.371  -1.715  1.00 97.80  ? 40  THR A OG1 1 
ATOM   210  C CG2 . THR A 1 40  ? -7.568  9.786   -2.756  1.00 93.67  ? 40  THR A CG2 1 
ATOM   211  N N   . THR A 1 41  ? -7.501  7.363   -0.244  1.00 90.06  ? 41  THR A N   1 
ATOM   212  C CA  . THR A 1 41  ? -6.756  6.119   -0.545  1.00 85.31  ? 41  THR A CA  1 
ATOM   213  C C   . THR A 1 41  ? -7.409  4.734   -0.286  1.00 81.21  ? 41  THR A C   1 
ATOM   214  O O   . THR A 1 41  ? -7.166  3.813   -1.066  1.00 81.61  ? 41  THR A O   1 
ATOM   215  C CB  . THR A 1 41  ? -5.394  6.201   0.184   1.00 84.38  ? 41  THR A CB  1 
ATOM   216  O OG1 . THR A 1 41  ? -5.611  6.385   1.589   1.00 85.91  ? 41  THR A OG1 1 
ATOM   217  C CG2 . THR A 1 41  ? -4.570  7.360   -0.354  1.00 83.24  ? 41  THR A CG2 1 
ATOM   218  N N   . LEU A 1 42  ? -8.187  4.544   0.774   1.00 82.65  ? 42  LEU A N   1 
ATOM   219  C CA  . LEU A 1 42  ? -8.727  3.217   1.062   1.00 80.75  ? 42  LEU A CA  1 
ATOM   220  C C   . LEU A 1 42  ? -10.234 3.005   0.972   1.00 81.69  ? 42  LEU A C   1 
ATOM   221  O O   . LEU A 1 42  ? -10.696 1.895   0.703   1.00 81.15  ? 42  LEU A O   1 
ATOM   222  C CB  . LEU A 1 42  ? -8.238  2.851   2.468   1.00 81.03  ? 42  LEU A CB  1 
ATOM   223  C CG  . LEU A 1 42  ? -8.515  1.419   2.930   1.00 79.35  ? 42  LEU A CG  1 
ATOM   224  C CD1 . LEU A 1 42  ? -7.401  0.924   3.840   1.00 74.06  ? 42  LEU A CD1 1 
ATOM   225  C CD2 . LEU A 1 42  ? -9.863  1.332   3.630   1.00 86.17  ? 42  LEU A CD2 1 
ATOM   226  N N   . ILE A 1 43  ? -10.997 4.064   1.203   1.00 82.07  ? 43  ILE A N   1 
ATOM   227  C CA  . ILE A 1 43  ? -12.449 3.973   1.164   1.00 85.55  ? 43  ILE A CA  1 
ATOM   228  C C   . ILE A 1 43  ? -12.884 3.860   -0.286  1.00 88.05  ? 43  ILE A C   1 
ATOM   229  O O   . ILE A 1 43  ? -14.075 3.876   -0.599  1.00 88.84  ? 43  ILE A O   1 
ATOM   230  C CB  . ILE A 1 43  ? -13.113 5.196   1.821   1.00 89.89  ? 43  ILE A CB  1 
ATOM   231  C CG1 . ILE A 1 43  ? -12.630 5.354   3.266   1.00 89.83  ? 43  ILE A CG1 1 
ATOM   232  C CG2 . ILE A 1 43  ? -14.628 5.071   1.771   1.00 90.39  ? 43  ILE A CG2 1 
ATOM   233  C CD1 . ILE A 1 43  ? -12.920 4.154   4.139   1.00 93.09  ? 43  ILE A CD1 1 
ATOM   234  N N   . ASP A 1 44  ? -11.898 3.748   -1.170  1.00 82.35  ? 44  ASP A N   1 
ATOM   235  C CA  . ASP A 1 44  ? -12.151 3.637   -2.596  1.00 74.12  ? 44  ASP A CA  1 
ATOM   236  C C   . ASP A 1 44  ? -12.528 2.157   -2.578  1.00 73.77  ? 44  ASP A C   1 
ATOM   237  O O   . ASP A 1 44  ? -11.676 1.297   -2.353  1.00 73.90  ? 44  ASP A O   1 
ATOM   238  C CB  . ASP A 1 44  ? -10.873 3.862   -3.395  1.00 73.33  ? 44  ASP A CB  1 
ATOM   239  C CG  . ASP A 1 44  ? -11.103 3.791   -4.892  1.00 73.82  ? 44  ASP A CG  1 
ATOM   240  O OD1 . ASP A 1 44  ? -11.827 4.658   -5.425  1.00 76.81  ? 44  ASP A OD1 1 
ATOM   241  O OD2 . ASP A 1 44  ? -10.558 2.869   -5.536  1.00 75.25  ? 44  ASP A OD2 1 
ATOM   242  N N   . ASP A 1 45  ? -13.808 1.867   -2.780  1.00 73.77  ? 45  ASP A N   1 
ATOM   243  C CA  . ASP A 1 45  ? -14.348 0.522   -2.656  1.00 71.15  ? 45  ASP A CA  1 
ATOM   244  C C   . ASP A 1 45  ? -13.544 -0.443  -3.508  1.00 64.58  ? 45  ASP A C   1 
ATOM   245  O O   . ASP A 1 45  ? -13.486 -1.627  -3.203  1.00 62.87  ? 45  ASP A O   1 
ATOM   246  C CB  . ASP A 1 45  ? -15.825 0.475   -3.051  1.00 72.32  ? 45  ASP A CB  1 
ATOM   247  C CG  . ASP A 1 45  ? -16.728 1.083   -1.994  1.00 75.49  ? 45  ASP A CG  1 
ATOM   248  O OD1 . ASP A 1 45  ? -16.284 1.224   -0.834  1.00 76.57  ? 45  ASP A OD1 1 
ATOM   249  O OD2 . ASP A 1 45  ? -17.886 1.415   -2.323  1.00 74.93  ? 45  ASP A OD2 1 
ATOM   250  N N   . THR A 1 46  ? -12.906 0.076   -4.554  1.00 62.59  ? 46  THR A N   1 
ATOM   251  C CA  . THR A 1 46  ? -12.025 -0.727  -5.395  1.00 62.72  ? 46  THR A CA  1 
ATOM   252  C C   . THR A 1 46  ? -10.722 -1.091  -4.661  1.00 58.35  ? 46  THR A C   1 
ATOM   253  O O   . THR A 1 46  ? -10.234 -2.217  -4.787  1.00 54.75  ? 46  THR A O   1 
ATOM   254  C CB  . THR A 1 46  ? -11.701 -0.003  -6.721  1.00 61.85  ? 46  THR A CB  1 
ATOM   255  O OG1 . THR A 1 46  ? -10.702 0.993   -6.499  1.00 66.59  ? 46  THR A OG1 1 
ATOM   256  C CG2 . THR A 1 46  ? -12.949 0.662   -7.283  1.00 60.42  ? 46  THR A CG2 1 
ATOM   257  N N   . SER A 1 47  ? -10.167 -0.154  -3.888  1.00 59.47  ? 47  SER A N   1 
ATOM   258  C CA  . SER A 1 47  ? -9.023  -0.462  -3.025  1.00 55.25  ? 47  SER A CA  1 
ATOM   259  C C   . SER A 1 47  ? -9.376  -1.576  -2.052  1.00 52.97  ? 47  SER A C   1 
ATOM   260  O O   . SER A 1 47  ? -8.577  -2.473  -1.813  1.00 47.64  ? 47  SER A O   1 
ATOM   261  C CB  . SER A 1 47  ? -8.550  0.770   -2.248  1.00 58.54  ? 47  SER A CB  1 
ATOM   262  O OG  . SER A 1 47  ? -7.619  1.521   -3.000  1.00 62.12  ? 47  SER A OG  1 
ATOM   263  N N   . SER A 1 48  ? -10.589 -1.520  -1.508  1.00 57.79  ? 48  SER A N   1 
ATOM   264  C CA  . SER A 1 48  ? -11.093 -2.564  -0.609  1.00 57.43  ? 48  SER A CA  1 
ATOM   265  C C   . SER A 1 48  ? -11.283 -3.926  -1.275  1.00 56.28  ? 48  SER A C   1 
ATOM   266  O O   . SER A 1 48  ? -11.117 -4.955  -0.617  1.00 54.91  ? 48  SER A O   1 
ATOM   267  C CB  . SER A 1 48  ? -12.417 -2.126  0.015   1.00 62.85  ? 48  SER A CB  1 
ATOM   268  O OG  . SER A 1 48  ? -12.203 -1.117  0.983   1.00 72.01  ? 48  SER A OG  1 
ATOM   269  N N   . GLU A 1 49  ? -11.655 -3.947  -2.556  1.00 54.95  ? 49  GLU A N   1 
ATOM   270  C CA  . GLU A 1 49  ? -11.736 -5.222  -3.267  1.00 55.26  ? 49  GLU A CA  1 
ATOM   271  C C   . GLU A 1 49  ? -10.344 -5.824  -3.379  1.00 51.84  ? 49  GLU A C   1 
ATOM   272  O O   . GLU A 1 49  ? -10.132 -6.994  -3.053  1.00 50.12  ? 49  GLU A O   1 
ATOM   273  C CB  . GLU A 1 49  ? -12.351 -5.063  -4.658  1.00 55.36  ? 49  GLU A CB  1 
ATOM   274  C CG  . GLU A 1 49  ? -12.528 -6.357  -5.417  1.00 68.95  ? 49  GLU A CG  1 
ATOM   275  C CD  . GLU A 1 49  ? -13.184 -6.182  -6.773  1.00 84.92  ? 49  GLU A CD  1 
ATOM   276  O OE1 . GLU A 1 49  ? -13.478 -5.026  -7.158  1.00 83.88  ? 49  GLU A OE1 1 
ATOM   277  O OE2 . GLU A 1 49  ? -13.427 -7.208  -7.445  1.00 91.17  ? 49  GLU A OE2 1 
ATOM   278  N N   . VAL A 1 50  ? -9.392  -5.005  -3.816  1.00 51.76  ? 50  VAL A N   1 
ATOM   279  C CA  . VAL A 1 50  ? -8.002  -5.438  -3.935  1.00 47.06  ? 50  VAL A CA  1 
ATOM   280  C C   . VAL A 1 50  ? -7.462  -5.958  -2.590  1.00 48.08  ? 50  VAL A C   1 
ATOM   281  O O   . VAL A 1 50  ? -6.861  -7.032  -2.525  1.00 46.45  ? 50  VAL A O   1 
ATOM   282  C CB  . VAL A 1 50  ? -7.123  -4.293  -4.474  1.00 40.39  ? 50  VAL A CB  1 
ATOM   283  C CG1 . VAL A 1 50  ? -5.646  -4.646  -4.389  1.00 36.46  ? 50  VAL A CG1 1 
ATOM   284  C CG2 . VAL A 1 50  ? -7.518  -3.972  -5.917  1.00 38.71  ? 50  VAL A CG2 1 
ATOM   285  N N   . LEU A 1 51  ? -7.713  -5.216  -1.517  1.00 46.63  ? 51  LEU A N   1 
ATOM   286  C CA  . LEU A 1 51  ? -7.298  -5.646  -0.174  1.00 48.69  ? 51  LEU A CA  1 
ATOM   287  C C   . LEU A 1 51  ? -7.965  -6.963  0.249   1.00 46.40  ? 51  LEU A C   1 
ATOM   288  O O   . LEU A 1 51  ? -7.314  -7.845  0.809   1.00 45.51  ? 51  LEU A O   1 
ATOM   289  C CB  . LEU A 1 51  ? -7.599  -4.544  0.844   1.00 48.87  ? 51  LEU A CB  1 
ATOM   290  C CG  . LEU A 1 51  ? -6.669  -3.332  0.742   1.00 45.11  ? 51  LEU A CG  1 
ATOM   291  C CD1 . LEU A 1 51  ? -7.084  -2.245  1.709   1.00 48.38  ? 51  LEU A CD1 1 
ATOM   292  C CD2 . LEU A 1 51  ? -5.254  -3.767  1.028   1.00 42.90  ? 51  LEU A CD2 1 
ATOM   293  N N   . ASP A 1 52  ? -9.255  -7.094  -0.041  1.00 50.40  ? 52  ASP A N   1 
ATOM   294  C CA  . ASP A 1 52  ? -9.997  -8.324  0.225   1.00 51.88  ? 52  ASP A CA  1 
ATOM   295  C C   . ASP A 1 52  ? -9.397  -9.518  -0.513  1.00 49.57  ? 52  ASP A C   1 
ATOM   296  O O   . ASP A 1 52  ? -9.280  -10.606 0.054   1.00 51.82  ? 52  ASP A O   1 
ATOM   297  C CB  . ASP A 1 52  ? -11.469 -8.168  -0.168  1.00 54.99  ? 52  ASP A CB  1 
ATOM   298  C CG  . ASP A 1 52  ? -12.247 -7.273  0.784   1.00 62.27  ? 52  ASP A CG  1 
ATOM   299  O OD1 . ASP A 1 52  ? -11.693 -6.868  1.833   1.00 66.44  ? 52  ASP A OD1 1 
ATOM   300  O OD2 . ASP A 1 52  ? -13.421 -6.971  0.475   1.00 65.09  ? 52  ASP A OD2 1 
ATOM   301  N N   . GLU A 1 53  ? -9.024  -9.323  -1.776  1.00 48.66  ? 53  GLU A N   1 
ATOM   302  C CA  . GLU A 1 53  ? -8.402  -10.405 -2.535  1.00 46.55  ? 53  GLU A CA  1 
ATOM   303  C C   . GLU A 1 53  ? -7.027  -10.710 -1.997  1.00 44.17  ? 53  GLU A C   1 
ATOM   304  O O   . GLU A 1 53  ? -6.636  -11.866 -1.917  1.00 44.90  ? 53  GLU A O   1 
ATOM   305  C CB  . GLU A 1 53  ? -8.293  -10.074 -4.022  1.00 46.68  ? 53  GLU A CB  1 
ATOM   306  C CG  . GLU A 1 53  ? -9.485  -10.518 -4.847  1.00 48.13  ? 53  GLU A CG  1 
ATOM   307  C CD  . GLU A 1 53  ? -9.984  -11.896 -4.462  1.00 50.54  ? 53  GLU A CD  1 
ATOM   308  O OE1 . GLU A 1 53  ? -9.177  -12.854 -4.406  1.00 47.80  ? 53  GLU A OE1 1 
ATOM   309  O OE2 . GLU A 1 53  ? -11.194 -12.009 -4.189  1.00 53.48  ? 53  GLU A OE2 1 
ATOM   310  N N   . LEU A 1 54  ? -6.279  -9.670  -1.648  1.00 46.74  ? 54  LEU A N   1 
ATOM   311  C CA  . LEU A 1 54  ? -4.980  -9.888  -1.035  1.00 45.26  ? 54  LEU A CA  1 
ATOM   312  C C   . LEU A 1 54  ? -5.164  -10.706 0.241   1.00 44.73  ? 54  LEU A C   1 
ATOM   313  O O   . LEU A 1 54  ? -4.348  -11.571 0.564   1.00 44.87  ? 54  LEU A O   1 
ATOM   314  C CB  . LEU A 1 54  ? -4.284  -8.565  -0.753  1.00 44.63  ? 54  LEU A CB  1 
ATOM   315  C CG  . LEU A 1 54  ? -3.812  -7.827  -2.011  1.00 44.14  ? 54  LEU A CG  1 
ATOM   316  C CD1 . LEU A 1 54  ? -3.118  -6.521  -1.643  1.00 41.96  ? 54  LEU A CD1 1 
ATOM   317  C CD2 . LEU A 1 54  ? -2.885  -8.707  -2.844  1.00 37.95  ? 54  LEU A CD2 1 
ATOM   318  N N   . TYR A 1 55  ? -6.258  -10.446 0.948   1.00 47.82  ? 55  TYR A N   1 
ATOM   319  C CA  . TYR A 1 55  ? -6.562  -11.199 2.157   1.00 51.91  ? 55  TYR A CA  1 
ATOM   320  C C   . TYR A 1 55  ? -6.822  -12.662 1.819   1.00 50.37  ? 55  TYR A C   1 
ATOM   321  O O   . TYR A 1 55  ? -6.251  -13.568 2.425   1.00 49.44  ? 55  TYR A O   1 
ATOM   322  C CB  . TYR A 1 55  ? -7.767  -10.601 2.882   1.00 53.84  ? 55  TYR A CB  1 
ATOM   323  C CG  . TYR A 1 55  ? -8.338  -11.510 3.946   1.00 57.51  ? 55  TYR A CG  1 
ATOM   324  C CD1 . TYR A 1 55  ? -7.803  -11.537 5.226   1.00 55.28  ? 55  TYR A CD1 1 
ATOM   325  C CD2 . TYR A 1 55  ? -9.412  -12.350 3.664   1.00 55.63  ? 55  TYR A CD2 1 
ATOM   326  C CE1 . TYR A 1 55  ? -8.326  -12.375 6.197   1.00 60.45  ? 55  TYR A CE1 1 
ATOM   327  C CE2 . TYR A 1 55  ? -9.938  -13.188 4.623   1.00 56.25  ? 55  TYR A CE2 1 
ATOM   328  C CZ  . TYR A 1 55  ? -9.394  -13.200 5.882   1.00 60.51  ? 55  TYR A CZ  1 
ATOM   329  O OH  . TYR A 1 55  ? -9.926  -14.035 6.836   1.00 64.41  ? 55  TYR A OH  1 
ATOM   330  N N   . ARG A 1 56  ? -7.686  -12.885 0.838   1.00 48.17  ? 56  ARG A N   1 
ATOM   331  C CA  . ARG A 1 56  ? -8.072  -14.241 0.486   1.00 48.92  ? 56  ARG A CA  1 
ATOM   332  C C   . ARG A 1 56  ? -6.887  -15.065 -0.004  1.00 47.90  ? 56  ARG A C   1 
ATOM   333  O O   . ARG A 1 56  ? -6.698  -16.192 0.442   1.00 50.53  ? 56  ARG A O   1 
ATOM   334  C CB  . ARG A 1 56  ? -9.182  -14.202 -0.558  1.00 51.15  ? 56  ARG A CB  1 
ATOM   335  C CG  . ARG A 1 56  ? -10.511 -13.800 0.049   1.00 51.25  ? 56  ARG A CG  1 
ATOM   336  C CD  . ARG A 1 56  ? -11.411 -13.154 -0.969  1.00 56.83  ? 56  ARG A CD  1 
ATOM   337  N NE  . ARG A 1 56  ? -12.511 -12.447 -0.323  1.00 60.87  ? 56  ARG A NE  1 
ATOM   338  C CZ  . ARG A 1 56  ? -13.313 -11.594 -0.948  1.00 60.53  ? 56  ARG A CZ  1 
ATOM   339  N NH1 . ARG A 1 56  ? -13.131 -11.345 -2.235  1.00 61.70  ? 56  ARG A NH1 1 
ATOM   340  N NH2 . ARG A 1 56  ? -14.291 -10.990 -0.287  1.00 63.20  ? 56  ARG A NH2 1 
ATOM   341  N N   . VAL A 1 57  ? -6.054  -14.509 -0.878  1.00 47.84  ? 57  VAL A N   1 
ATOM   342  C CA  . VAL A 1 57  ? -4.913  -15.288 -1.360  1.00 48.46  ? 57  VAL A CA  1 
ATOM   343  C C   . VAL A 1 57  ? -3.908  -15.571 -0.248  1.00 49.59  ? 57  VAL A C   1 
ATOM   344  O O   . VAL A 1 57  ? -3.234  -16.609 -0.259  1.00 46.70  ? 57  VAL A O   1 
ATOM   345  C CB  . VAL A 1 57  ? -4.184  -14.606 -2.542  1.00 46.73  ? 57  VAL A CB  1 
ATOM   346  C CG1 . VAL A 1 57  ? -5.065  -14.613 -3.761  1.00 48.61  ? 57  VAL A CG1 1 
ATOM   347  C CG2 . VAL A 1 57  ? -3.762  -13.191 -2.196  1.00 47.45  ? 57  VAL A CG2 1 
ATOM   348  N N   . THR A 1 58  ? -3.817  -14.666 0.723   1.00 48.80  ? 58  THR A N   1 
ATOM   349  C CA  . THR A 1 58  ? -2.938  -14.885 1.858   1.00 45.14  ? 58  THR A CA  1 
ATOM   350  C C   . THR A 1 58  ? -3.514  -15.949 2.804   1.00 47.49  ? 58  THR A C   1 
ATOM   351  O O   . THR A 1 58  ? -2.790  -16.830 3.270   1.00 47.81  ? 58  THR A O   1 
ATOM   352  C CB  . THR A 1 58  ? -2.697  -13.590 2.640   1.00 46.81  ? 58  THR A CB  1 
ATOM   353  O OG1 . THR A 1 58  ? -2.201  -12.575 1.750   1.00 45.78  ? 58  THR A OG1 1 
ATOM   354  C CG2 . THR A 1 58  ? -1.696  -13.835 3.756   1.00 46.77  ? 58  THR A CG2 1 
ATOM   355  N N   . LYS A 1 59  ? -4.811  -15.853 3.091   1.00 49.04  ? 59  LYS A N   1 
ATOM   356  C CA  . LYS A 1 59  ? -5.494  -16.846 3.922   1.00 53.78  ? 59  LYS A CA  1 
ATOM   357  C C   . LYS A 1 59  ? -5.474  -18.214 3.246   1.00 55.30  ? 59  LYS A C   1 
ATOM   358  O O   . LYS A 1 59  ? -5.263  -19.244 3.890   1.00 56.89  ? 59  LYS A O   1 
ATOM   359  C CB  . LYS A 1 59  ? -6.943  -16.421 4.197   1.00 58.46  ? 59  LYS A CB  1 
ATOM   360  C CG  . LYS A 1 59  ? -7.779  -17.512 4.857   1.00 59.50  ? 59  LYS A CG  1 
ATOM   361  C CD  . LYS A 1 59  ? -9.237  -17.103 5.039   1.00 61.99  ? 59  LYS A CD  1 
ATOM   362  C CE  . LYS A 1 59  ? -10.035 -18.240 5.678   1.00 65.03  ? 59  LYS A CE  1 
ATOM   363  N NZ  . LYS A 1 59  ? -9.392  -19.572 5.452   1.00 67.87  ? 59  LYS A NZ  1 
ATOM   364  N N   . GLU A 1 60  ? -5.689  -18.208 1.937   1.00 52.41  ? 60  GLU A N   1 
ATOM   365  C CA  . GLU A 1 60  ? -5.677  -19.432 1.149   1.00 56.13  ? 60  GLU A CA  1 
ATOM   366  C C   . GLU A 1 60  ? -4.300  -20.077 1.195   1.00 55.60  ? 60  GLU A C   1 
ATOM   367  O O   . GLU A 1 60  ? -4.180  -21.295 1.300   1.00 56.78  ? 60  GLU A O   1 
ATOM   368  C CB  . GLU A 1 60  ? -6.084  -19.142 -0.298  1.00 54.14  ? 60  GLU A CB  1 
ATOM   369  C CG  . GLU A 1 60  ? -6.137  -20.361 -1.192  1.00 58.87  ? 60  GLU A CG  1 
ATOM   370  C CD  . GLU A 1 60  ? -7.158  -21.386 -0.726  1.00 64.62  ? 60  GLU A CD  1 
ATOM   371  O OE1 . GLU A 1 60  ? -8.137  -21.001 -0.047  1.00 70.27  ? 60  GLU A OE1 1 
ATOM   372  O OE2 . GLU A 1 60  ? -6.975  -22.582 -1.036  1.00 68.45  ? 60  GLU A OE2 1 
ATOM   373  N N   . TYR A 1 61  ? -3.260  -19.258 1.152   1.00 50.69  ? 61  TYR A N   1 
ATOM   374  C CA  . TYR A 1 61  ? -1.917  -19.798 1.101   1.00 46.82  ? 61  TYR A CA  1 
ATOM   375  C C   . TYR A 1 61  ? -1.348  -20.149 2.479   1.00 55.83  ? 61  TYR A C   1 
ATOM   376  O O   . TYR A 1 61  ? -0.631  -21.141 2.619   1.00 54.68  ? 61  TYR A O   1 
ATOM   377  C CB  . TYR A 1 61  ? -0.979  -18.822 0.404   1.00 46.30  ? 61  TYR A CB  1 
ATOM   378  C CG  . TYR A 1 61  ? 0.424   -19.351 0.344   1.00 47.48  ? 61  TYR A CG  1 
ATOM   379  C CD1 . TYR A 1 61  ? 0.779   -20.320 -0.588  1.00 45.46  ? 61  TYR A CD1 1 
ATOM   380  C CD2 . TYR A 1 61  ? 1.392   -18.906 1.237   1.00 47.16  ? 61  TYR A CD2 1 
ATOM   381  C CE1 . TYR A 1 61  ? 2.069   -20.819 -0.635  1.00 43.77  ? 61  TYR A CE1 1 
ATOM   382  C CE2 . TYR A 1 61  ? 2.680   -19.399 1.197   1.00 45.25  ? 61  TYR A CE2 1 
ATOM   383  C CZ  . TYR A 1 61  ? 3.011   -20.351 0.256   1.00 47.25  ? 61  TYR A CZ  1 
ATOM   384  O OH  . TYR A 1 61  ? 4.296   -20.841 0.214   1.00 53.22  ? 61  TYR A OH  1 
ATOM   385  N N   . THR A 1 62  ? -1.639  -19.341 3.492   1.00 52.37  ? 62  THR A N   1 
ATOM   386  C CA  . THR A 1 62  ? -1.095  -19.611 4.826   1.00 53.24  ? 62  THR A CA  1 
ATOM   387  C C   . THR A 1 62  ? -1.932  -20.621 5.613   1.00 55.97  ? 62  THR A C   1 
ATOM   388  O O   . THR A 1 62  ? -1.432  -21.235 6.557   1.00 53.25  ? 62  THR A O   1 
ATOM   389  C CB  . THR A 1 62  ? -0.988  -18.331 5.672   1.00 49.43  ? 62  THR A CB  1 
ATOM   390  O OG1 . THR A 1 62  ? -2.275  -17.713 5.744   1.00 51.23  ? 62  THR A OG1 1 
ATOM   391  C CG2 . THR A 1 62  ? 0.029   -17.357 5.068   1.00 48.10  ? 62  THR A CG2 1 
ATOM   392  N N   . GLN A 1 63  ? -3.199  -20.764 5.227   1.00 58.18  ? 63  GLN A N   1 
ATOM   393  C CA  . GLN A 1 63  ? -4.153  -21.640 5.907   1.00 60.45  ? 63  GLN A CA  1 
ATOM   394  C C   . GLN A 1 63  ? -4.352  -21.165 7.348   1.00 63.19  ? 63  GLN A C   1 
ATOM   395  O O   . GLN A 1 63  ? -4.523  -21.967 8.267   1.00 65.89  ? 63  GLN A O   1 
ATOM   396  C CB  . GLN A 1 63  ? -3.679  -23.098 5.862   1.00 60.64  ? 63  GLN A CB  1 
ATOM   397  C CG  . GLN A 1 63  ? -4.763  -24.120 5.512   1.00 69.71  ? 63  GLN A CG  1 
ATOM   398  C CD  . GLN A 1 63  ? -4.208  -25.534 5.353   1.00 71.98  ? 63  GLN A CD  1 
ATOM   399  O OE1 . GLN A 1 63  ? -4.385  -26.391 6.224   1.00 72.54  ? 63  GLN A OE1 1 
ATOM   400  N NE2 . GLN A 1 63  ? -3.527  -25.778 4.239   1.00 71.63  ? 63  GLN A NE2 1 
ATOM   401  N N   . ASN A 1 64  ? -4.342  -19.845 7.521   1.00 58.09  ? 64  ASN A N   1 
ATOM   402  C CA  . ASN A 1 64  ? -4.409  -19.207 8.830   1.00 60.07  ? 64  ASN A CA  1 
ATOM   403  C C   . ASN A 1 64  ? -5.217  -17.934 8.576   1.00 62.94  ? 64  ASN A C   1 
ATOM   404  O O   . ASN A 1 64  ? -4.754  -17.035 7.870   1.00 64.59  ? 64  ASN A O   1 
ATOM   405  C CB  . ASN A 1 64  ? -2.996  -19.011 9.383   1.00 56.97  ? 64  ASN A CB  1 
ATOM   406  C CG  . ASN A 1 64  ? -2.975  -18.391 10.775  1.00 62.02  ? 64  ASN A CG  1 
ATOM   407  O OD1 . ASN A 1 64  ? -3.898  -17.680 11.189  1.00 65.18  ? 64  ASN A OD1 1 
ATOM   408  N ND2 . ASN A 1 64  ? -1.894  -18.647 11.501  1.00 63.38  ? 64  ASN A ND2 1 
ATOM   409  N N   . LYS A 1 65  ? -6.392  -17.838 9.188   1.00 63.16  ? 65  LYS A N   1 
ATOM   410  C CA  . LYS A 1 65  ? -7.263  -16.677 8.998   1.00 61.00  ? 65  LYS A CA  1 
ATOM   411  C C   . LYS A 1 65  ? -6.727  -15.452 9.728   1.00 60.36  ? 65  LYS A C   1 
ATOM   412  O O   . LYS A 1 65  ? -6.918  -14.323 9.270   1.00 61.92  ? 65  LYS A O   1 
ATOM   413  C CB  . LYS A 1 65  ? -8.694  -16.973 9.472   1.00 65.07  ? 65  LYS A CB  1 
ATOM   414  C CG  . LYS A 1 65  ? -9.598  -15.741 9.529   1.00 65.36  ? 65  LYS A CG  1 
ATOM   415  C CD  . LYS A 1 65  ? -11.077 -16.089 9.694   1.00 68.21  ? 65  LYS A CD  1 
ATOM   416  C CE  . LYS A 1 65  ? -11.965 -14.839 9.588   1.00 69.27  ? 65  LYS A CE  1 
ATOM   417  N NZ  . LYS A 1 65  ? -12.528 -14.623 8.209   1.00 76.61  ? 65  LYS A NZ  1 
ATOM   418  N N   . LYS A 1 66  ? -6.053  -15.650 10.855  1.00 62.75  ? 66  LYS A N   1 
ATOM   419  C CA  . LYS A 1 66  ? -5.622  -14.487 11.615  1.00 62.33  ? 66  LYS A CA  1 
ATOM   420  C C   . LYS A 1 66  ? -4.224  -14.003 11.219  1.00 59.16  ? 66  LYS A C   1 
ATOM   421  O O   . LYS A 1 66  ? -3.909  -12.836 11.403  1.00 53.53  ? 66  LYS A O   1 
ATOM   422  C CB  . LYS A 1 66  ? -5.711  -14.757 13.122  1.00 70.00  ? 66  LYS A CB  1 
ATOM   423  C CG  . LYS A 1 66  ? -6.942  -14.070 13.742  1.00 75.16  ? 66  LYS A CG  1 
ATOM   424  C CD  . LYS A 1 66  ? -7.330  -14.589 15.120  1.00 78.05  ? 66  LYS A CD  1 
ATOM   425  C CE  . LYS A 1 66  ? -8.507  -13.785 15.680  1.00 77.98  ? 66  LYS A CE  1 
ATOM   426  N NZ  . LYS A 1 66  ? -8.323  -13.382 17.111  1.00 80.49  ? 66  LYS A NZ  1 
ATOM   427  N N   . GLU A 1 67  ? -3.395  -14.870 10.650  1.00 57.76  ? 67  GLU A N   1 
ATOM   428  C CA  . GLU A 1 67  ? -2.133  -14.386 10.097  1.00 54.83  ? 67  GLU A CA  1 
ATOM   429  C C   . GLU A 1 67  ? -2.408  -13.560 8.837   1.00 52.29  ? 67  GLU A C   1 
ATOM   430  O O   . GLU A 1 67  ? -1.716  -12.576 8.558   1.00 48.60  ? 67  GLU A O   1 
ATOM   431  C CB  . GLU A 1 67  ? -1.185  -15.540 9.779   1.00 55.09  ? 67  GLU A CB  1 
ATOM   432  C CG  . GLU A 1 67  ? 0.129   -15.098 9.165   1.00 49.85  ? 67  GLU A CG  1 
ATOM   433  C CD  . GLU A 1 67  ? 0.968   -16.272 8.700   1.00 55.66  ? 67  GLU A CD  1 
ATOM   434  O OE1 . GLU A 1 67  ? 0.552   -17.425 8.935   1.00 53.80  ? 67  GLU A OE1 1 
ATOM   435  O OE2 . GLU A 1 67  ? 2.042   -16.047 8.097   1.00 55.23  ? 67  GLU A OE2 1 
ATOM   436  N N   . ALA A 1 68  ? -3.433  -13.954 8.087   1.00 53.16  ? 68  ALA A N   1 
ATOM   437  C CA  . ALA A 1 68  ? -3.843  -13.211 6.897   1.00 51.06  ? 68  ALA A CA  1 
ATOM   438  C C   . ALA A 1 68  ? -4.464  -11.873 7.276   1.00 49.57  ? 68  ALA A C   1 
ATOM   439  O O   . ALA A 1 68  ? -4.207  -10.857 6.629   1.00 47.43  ? 68  ALA A O   1 
ATOM   440  C CB  . ALA A 1 68  ? -4.822  -14.037 6.057   1.00 51.81  ? 68  ALA A CB  1 
ATOM   441  N N   . GLU A 1 69  ? -5.291  -11.879 8.319   1.00 52.00  ? 69  GLU A N   1 
ATOM   442  C CA  . GLU A 1 69  ? -5.819  -10.636 8.890   1.00 54.39  ? 69  GLU A CA  1 
ATOM   443  C C   . GLU A 1 69  ? -4.707  -9.659  9.285   1.00 51.03  ? 69  GLU A C   1 
ATOM   444  O O   . GLU A 1 69  ? -4.789  -8.472  8.979   1.00 46.77  ? 69  GLU A O   1 
ATOM   445  C CB  . GLU A 1 69  ? -6.697  -10.925 10.114  1.00 56.66  ? 69  GLU A CB  1 
ATOM   446  C CG  . GLU A 1 69  ? -8.159  -11.210 9.786   1.00 63.80  ? 69  GLU A CG  1 
ATOM   447  C CD  . GLU A 1 69  ? -9.073  -11.145 11.004  1.00 70.74  ? 69  GLU A CD  1 
ATOM   448  O OE1 . GLU A 1 69  ? -8.648  -10.598 12.045  1.00 71.03  ? 69  GLU A OE1 1 
ATOM   449  O OE2 . GLU A 1 69  ? -10.219 -11.641 10.917  1.00 73.07  ? 69  GLU A OE2 1 
ATOM   450  N N   . ARG A 1 70  ? -3.672  -10.149 9.964   1.00 51.81  ? 70  ARG A N   1 
ATOM   451  C CA  . ARG A 1 70  ? -2.604  -9.271  10.448  1.00 50.09  ? 70  ARG A CA  1 
ATOM   452  C C   . ARG A 1 70  ? -1.803  -8.643  9.303   1.00 46.95  ? 70  ARG A C   1 
ATOM   453  O O   . ARG A 1 70  ? -1.381  -7.489  9.388   1.00 45.23  ? 70  ARG A O   1 
ATOM   454  C CB  . ARG A 1 70  ? -1.657  -10.030 11.385  1.00 53.74  ? 70  ARG A CB  1 
ATOM   455  C CG  . ARG A 1 70  ? -0.412  -9.218  11.793  1.00 53.45  ? 70  ARG A CG  1 
ATOM   456  C CD  . ARG A 1 70  ? 0.463   -9.949  12.810  1.00 60.36  ? 70  ARG A CD  1 
ATOM   457  N NE  . ARG A 1 70  ? 0.985   -11.195 12.264  1.00 65.00  ? 70  ARG A NE  1 
ATOM   458  C CZ  . ARG A 1 70  ? 1.838   -11.996 12.894  1.00 70.97  ? 70  ARG A CZ  1 
ATOM   459  N NH1 . ARG A 1 70  ? 2.286   -11.674 14.103  1.00 75.40  ? 70  ARG A NH1 1 
ATOM   460  N NH2 . ARG A 1 70  ? 2.246   -13.119 12.310  1.00 70.83  ? 70  ARG A NH2 1 
ATOM   461  N N   . VAL A 1 71  ? -1.593  -9.404  8.233   1.00 45.60  ? 71  VAL A N   1 
ATOM   462  C CA  . VAL A 1 71  ? -0.884  -8.899  7.057   1.00 43.29  ? 71  VAL A CA  1 
ATOM   463  C C   . VAL A 1 71  ? -1.611  -7.716  6.433   1.00 39.21  ? 71  VAL A C   1 
ATOM   464  O O   . VAL A 1 71  ? -1.002  -6.686  6.136   1.00 39.48  ? 71  VAL A O   1 
ATOM   465  C CB  . VAL A 1 71  ? -0.704  -9.998  5.988   1.00 41.85  ? 71  VAL A CB  1 
ATOM   466  C CG1 . VAL A 1 71  ? -0.193  -9.388  4.695   1.00 40.16  ? 71  VAL A CG1 1 
ATOM   467  C CG2 . VAL A 1 71  ? 0.258   -11.064 6.498   1.00 43.52  ? 71  VAL A CG2 1 
ATOM   468  N N   . ILE A 1 72  ? -2.916  -7.857  6.233   1.00 39.50  ? 72  ILE A N   1 
ATOM   469  C CA  . ILE A 1 72  ? -3.702  -6.792  5.605   1.00 40.73  ? 72  ILE A CA  1 
ATOM   470  C C   . ILE A 1 72  ? -3.897  -5.588  6.536   1.00 42.30  ? 72  ILE A C   1 
ATOM   471  O O   . ILE A 1 72  ? -3.978  -4.429  6.091   1.00 36.43  ? 72  ILE A O   1 
ATOM   472  C CB  . ILE A 1 72  ? -5.061  -7.322  5.151   1.00 42.41  ? 72  ILE A CB  1 
ATOM   473  C CG1 . ILE A 1 72  ? -4.857  -8.500  4.194   1.00 44.88  ? 72  ILE A CG1 1 
ATOM   474  C CG2 . ILE A 1 72  ? -5.852  -6.245  4.455   1.00 44.54  ? 72  ILE A CG2 1 
ATOM   475  C CD1 . ILE A 1 72  ? -3.940  -8.174  3.037   1.00 42.95  ? 72  ILE A CD1 1 
ATOM   476  N N   . LYS A 1 73  ? -3.965  -5.856  7.833   1.00 43.94  ? 73  LYS A N   1 
ATOM   477  C CA  . LYS A 1 73  ? -4.090  -4.770  8.793   1.00 44.03  ? 73  LYS A CA  1 
ATOM   478  C C   . LYS A 1 73  ? -2.812  -3.935  8.794   1.00 43.97  ? 73  LYS A C   1 
ATOM   479  O O   . LYS A 1 73  ? -2.865  -2.706  8.799   1.00 48.29  ? 73  LYS A O   1 
ATOM   480  C CB  . LYS A 1 73  ? -4.400  -5.330  10.188  1.00 48.75  ? 73  LYS A CB  1 
ATOM   481  C CG  . LYS A 1 73  ? -5.865  -5.767  10.340  1.00 50.92  ? 73  LYS A CG  1 
ATOM   482  C CD  . LYS A 1 73  ? -6.108  -6.607  11.598  1.00 56.97  ? 73  LYS A CD  1 
ATOM   483  C CE  . LYS A 1 73  ? -5.365  -6.043  12.798  1.00 57.57  ? 73  LYS A CE  1 
ATOM   484  N NZ  . LYS A 1 73  ? -5.630  -6.819  14.053  1.00 68.28  ? 73  LYS A NZ  1 
ATOM   485  N N   . ASN A 1 74  ? -1.661  -4.603  8.785   1.00 42.55  ? 74  ASN A N   1 
ATOM   486  C CA  . ASN A 1 74  ? -0.369  -3.921  8.720   1.00 41.76  ? 74  ASN A CA  1 
ATOM   487  C C   . ASN A 1 74  ? -0.271  -3.047  7.484   1.00 43.13  ? 74  ASN A C   1 
ATOM   488  O O   . ASN A 1 74  ? 0.220   -1.919  7.539   1.00 43.81  ? 74  ASN A O   1 
ATOM   489  C CB  . ASN A 1 74  ? 0.783   -4.930  8.710   1.00 41.06  ? 74  ASN A CB  1 
ATOM   490  C CG  . ASN A 1 74  ? 0.936   -5.665  10.030  1.00 45.80  ? 74  ASN A CG  1 
ATOM   491  O OD1 . ASN A 1 74  ? 1.699   -6.629  10.128  1.00 44.17  ? 74  ASN A OD1 1 
ATOM   492  N ND2 . ASN A 1 74  ? 0.193   -5.232  11.046  1.00 46.39  ? 74  ASN A ND2 1 
ATOM   493  N N   . LEU A 1 75  ? -0.736  -3.591  6.366   1.00 39.82  ? 75  LEU A N   1 
ATOM   494  C CA  . LEU A 1 75  ? -0.715  -2.890  5.087   1.00 41.47  ? 75  LEU A CA  1 
ATOM   495  C C   . LEU A 1 75  ? -1.608  -1.659  5.135   1.00 40.02  ? 75  LEU A C   1 
ATOM   496  O O   . LEU A 1 75  ? -1.187  -0.551  4.790   1.00 40.67  ? 75  LEU A O   1 
ATOM   497  C CB  . LEU A 1 75  ? -1.150  -3.836  3.955   1.00 36.54  ? 75  LEU A CB  1 
ATOM   498  C CG  . LEU A 1 75  ? -1.321  -3.191  2.578   1.00 41.21  ? 75  LEU A CG  1 
ATOM   499  C CD1 . LEU A 1 75  ? -0.105  -2.343  2.231   1.00 37.43  ? 75  LEU A CD1 1 
ATOM   500  C CD2 . LEU A 1 75  ? -1.566  -4.250  1.500   1.00 33.08  ? 75  LEU A CD2 1 
ATOM   501  N N   . ILE A 1 76  ? -2.842  -1.846  5.579   1.00 39.68  ? 76  ILE A N   1 
ATOM   502  C CA  . ILE A 1 76  ? -3.767  -0.723  5.680   1.00 43.43  ? 76  ILE A CA  1 
ATOM   503  C C   . ILE A 1 76  ? -3.229  0.346   6.623   1.00 41.56  ? 76  ILE A C   1 
ATOM   504  O O   . ILE A 1 76  ? -3.326  1.541   6.339   1.00 45.67  ? 76  ILE A O   1 
ATOM   505  C CB  . ILE A 1 76  ? -5.143  -1.192  6.165   1.00 46.80  ? 76  ILE A CB  1 
ATOM   506  C CG1 . ILE A 1 76  ? -5.838  -2.004  5.073   1.00 47.27  ? 76  ILE A CG1 1 
ATOM   507  C CG2 . ILE A 1 76  ? -6.004  -0.006  6.589   1.00 49.80  ? 76  ILE A CG2 1 
ATOM   508  C CD1 . ILE A 1 76  ? -7.162  -2.573  5.506   1.00 46.89  ? 76  ILE A CD1 1 
ATOM   509  N N   . LYS A 1 77  ? -2.627  -0.083  7.731   1.00 44.16  ? 77  LYS A N   1 
ATOM   510  C CA  . LYS A 1 77  ? -2.085  0.872   8.708   1.00 44.53  ? 77  LYS A CA  1 
ATOM   511  C C   . LYS A 1 77  ? -0.958  1.697   8.137   1.00 43.46  ? 77  LYS A C   1 
ATOM   512  O O   . LYS A 1 77  ? -0.908  2.922   8.311   1.00 45.77  ? 77  LYS A O   1 
ATOM   513  C CB  . LYS A 1 77  ? -1.619  0.156   9.978   1.00 48.63  ? 77  LYS A CB  1 
ATOM   514  C CG  . LYS A 1 77  ? -2.754  -0.233  10.919  1.00 53.81  ? 77  LYS A CG  1 
ATOM   515  C CD  . LYS A 1 77  ? -2.503  -1.554  11.644  1.00 57.09  ? 77  LYS A CD  1 
ATOM   516  C CE  . LYS A 1 77  ? -3.063  -1.497  13.058  1.00 62.79  ? 77  LYS A CE  1 
ATOM   517  N NZ  . LYS A 1 77  ? -4.189  -0.529  13.164  1.00 67.80  ? 77  LYS A NZ  1 
ATOM   518  N N   . THR A 1 78  ? -0.063  1.018   7.436   1.00 42.09  ? 78  THR A N   1 
ATOM   519  C CA  . THR A 1 78  ? 1.080   1.658   6.815   1.00 41.86  ? 78  THR A CA  1 
ATOM   520  C C   . THR A 1 78  ? 0.647   2.711   5.800   1.00 43.98  ? 78  THR A C   1 
ATOM   521  O O   . THR A 1 78  ? 1.129   3.846   5.833   1.00 42.80  ? 78  THR A O   1 
ATOM   522  C CB  . THR A 1 78  ? 1.972   0.607   6.141   1.00 41.58  ? 78  THR A CB  1 
ATOM   523  O OG1 . THR A 1 78  ? 2.344   -0.379  7.112   1.00 44.62  ? 78  THR A OG1 1 
ATOM   524  C CG2 . THR A 1 78  ? 3.220   1.243   5.565   1.00 44.31  ? 78  THR A CG2 1 
ATOM   525  N N   . VAL A 1 79  ? -0.281  2.339   4.917   1.00 39.11  ? 79  VAL A N   1 
ATOM   526  C CA  . VAL A 1 79  ? -0.757  3.224   3.858   1.00 41.78  ? 79  VAL A CA  1 
ATOM   527  C C   . VAL A 1 79  ? -1.367  4.498   4.430   1.00 43.52  ? 79  VAL A C   1 
ATOM   528  O O   . VAL A 1 79  ? -1.067  5.603   3.966   1.00 42.16  ? 79  VAL A O   1 
ATOM   529  C CB  . VAL A 1 79  ? -1.812  2.530   2.958   1.00 40.18  ? 79  VAL A CB  1 
ATOM   530  C CG1 . VAL A 1 79  ? -2.536  3.554   2.079   1.00 48.65  ? 79  VAL A CG1 1 
ATOM   531  C CG2 . VAL A 1 79  ? -1.162  1.444   2.107   1.00 43.43  ? 79  VAL A CG2 1 
ATOM   532  N N   . ILE A 1 80  ? -2.230  4.338   5.429   1.00 44.07  ? 80  ILE A N   1 
ATOM   533  C CA  . ILE A 1 80  ? -2.829  5.488   6.114   1.00 49.02  ? 80  ILE A CA  1 
ATOM   534  C C   . ILE A 1 80  ? -1.812  6.435   6.730   1.00 44.53  ? 80  ILE A C   1 
ATOM   535  O O   . ILE A 1 80  ? -1.840  7.625   6.471   1.00 48.29  ? 80  ILE A O   1 
ATOM   536  C CB  . ILE A 1 80  ? -3.783  5.037   7.217   1.00 53.50  ? 80  ILE A CB  1 
ATOM   537  C CG1 . ILE A 1 80  ? -5.006  4.399   6.581   1.00 56.95  ? 80  ILE A CG1 1 
ATOM   538  C CG2 . ILE A 1 80  ? -4.171  6.213   8.099   1.00 58.00  ? 80  ILE A CG2 1 
ATOM   539  C CD1 . ILE A 1 80  ? -5.588  5.250   5.508   1.00 64.66  ? 80  ILE A CD1 1 
ATOM   540  N N   . LYS A 1 81  ? -0.919  5.896   7.545   1.00 45.88  ? 81  LYS A N   1 
ATOM   541  C CA  . LYS A 1 81  ? 0.100   6.704   8.186   1.00 44.41  ? 81  LYS A CA  1 
ATOM   542  C C   . LYS A 1 81  ? 0.917   7.406   7.128   1.00 47.21  ? 81  LYS A C   1 
ATOM   543  O O   . LYS A 1 81  ? 1.255   8.576   7.274   1.00 40.35  ? 81  LYS A O   1 
ATOM   544  C CB  . LYS A 1 81  ? 0.999   5.850   9.079   1.00 46.24  ? 81  LYS A CB  1 
ATOM   545  C CG  . LYS A 1 81  ? 0.278   5.224   10.260  1.00 43.98  ? 81  LYS A CG  1 
ATOM   546  C CD  . LYS A 1 81  ? 1.272   4.779   11.301  1.00 51.63  ? 81  LYS A CD  1 
ATOM   547  C CE  . LYS A 1 81  ? 0.578   4.469   12.615  1.00 51.17  ? 81  LYS A CE  1 
ATOM   548  N NZ  . LYS A 1 81  ? 1.166   5.281   13.705  1.00 59.98  ? 81  LYS A NZ  1 
ATOM   549  N N   . LEU A 1 82  ? 1.194   6.697   6.038   1.00 41.34  ? 82  LEU A N   1 
ATOM   550  C CA  . LEU A 1 82  ? 2.008   7.241   4.966   1.00 40.86  ? 82  LEU A CA  1 
ATOM   551  C C   . LEU A 1 82  ? 1.276   8.416   4.326   1.00 47.34  ? 82  LEU A C   1 
ATOM   552  O O   . LEU A 1 82  ? 1.864   9.471   4.057   1.00 48.18  ? 82  LEU A O   1 
ATOM   553  C CB  . LEU A 1 82  ? 2.322   6.145   3.936   1.00 45.83  ? 82  LEU A CB  1 
ATOM   554  C CG  . LEU A 1 82  ? 3.449   6.401   2.940   1.00 49.13  ? 82  LEU A CG  1 
ATOM   555  C CD1 . LEU A 1 82  ? 4.805   6.363   3.632   1.00 45.06  ? 82  LEU A CD1 1 
ATOM   556  C CD2 . LEU A 1 82  ? 3.389   5.399   1.783   1.00 51.58  ? 82  LEU A CD2 1 
ATOM   557  N N   . ALA A 1 83  ? -0.019  8.234   4.099   1.00 45.86  ? 83  ALA A N   1 
ATOM   558  C CA  . ALA A 1 83  ? -0.825  9.281   3.501   1.00 51.93  ? 83  ALA A CA  1 
ATOM   559  C C   . ALA A 1 83  ? -0.774  10.501  4.408   1.00 52.80  ? 83  ALA A C   1 
ATOM   560  O O   . ALA A 1 83  ? -0.375  11.569  3.974   1.00 51.89  ? 83  ALA A O   1 
ATOM   561  C CB  . ALA A 1 83  ? -2.256  8.819   3.286   1.00 55.12  ? 83  ALA A CB  1 
ATOM   562  N N   . VAL A 1 84  ? -1.129  10.317  5.676   1.00 51.20  ? 84  VAL A N   1 
ATOM   563  C CA  . VAL A 1 84  ? -1.178  11.426  6.632   1.00 58.12  ? 84  VAL A CA  1 
ATOM   564  C C   . VAL A 1 84  ? 0.125   12.222  6.717   1.00 50.71  ? 84  VAL A C   1 
ATOM   565  O O   . VAL A 1 84  ? 0.104   13.446  6.685   1.00 53.54  ? 84  VAL A O   1 
ATOM   566  C CB  . VAL A 1 84  ? -1.537  10.936  8.028   1.00 57.58  ? 84  VAL A CB  1 
ATOM   567  C CG1 . VAL A 1 84  ? -1.459  12.079  8.998   1.00 61.01  ? 84  VAL A CG1 1 
ATOM   568  C CG2 . VAL A 1 84  ? -2.933  10.343  8.030   1.00 59.01  ? 84  VAL A CG2 1 
ATOM   569  N N   . LEU A 1 85  ? 1.249   11.522  6.817   1.00 47.87  ? 85  LEU A N   1 
ATOM   570  C CA  . LEU A 1 85  ? 2.565   12.155  6.745   1.00 49.56  ? 85  LEU A CA  1 
ATOM   571  C C   . LEU A 1 85  ? 2.673   13.038  5.509   1.00 53.49  ? 85  LEU A C   1 
ATOM   572  O O   . LEU A 1 85  ? 3.005   14.224  5.597   1.00 52.87  ? 85  LEU A O   1 
ATOM   573  C CB  . LEU A 1 85  ? 3.672   11.096  6.727   1.00 46.30  ? 85  LEU A CB  1 
ATOM   574  C CG  . LEU A 1 85  ? 4.135   10.457  8.046   1.00 52.20  ? 85  LEU A CG  1 
ATOM   575  C CD1 . LEU A 1 85  ? 2.996   10.222  9.035   1.00 52.12  ? 85  LEU A CD1 1 
ATOM   576  C CD2 . LEU A 1 85  ? 4.895   9.145   7.797   1.00 38.01  ? 85  LEU A CD2 1 
ATOM   577  N N   . HIS A 1 86  ? 2.374   12.450  4.356   1.00 51.11  ? 86  HIS A N   1 
ATOM   578  C CA  . HIS A 1 86  ? 2.519   13.130  3.076   1.00 54.29  ? 86  HIS A CA  1 
ATOM   579  C C   . HIS A 1 86  ? 1.657   14.387  2.992   1.00 56.55  ? 86  HIS A C   1 
ATOM   580  O O   . HIS A 1 86  ? 2.155   15.467  2.670   1.00 58.62  ? 86  HIS A O   1 
ATOM   581  C CB  . HIS A 1 86  ? 2.176   12.173  1.926   1.00 54.51  ? 86  HIS A CB  1 
ATOM   582  C CG  . HIS A 1 86  ? 2.506   12.716  0.573   1.00 60.75  ? 86  HIS A CG  1 
ATOM   583  N ND1 . HIS A 1 86  ? 1.582   12.786  -0.448  1.00 67.75  ? 86  HIS A ND1 1 
ATOM   584  C CD2 . HIS A 1 86  ? 3.658   13.222  0.070   1.00 59.45  ? 86  HIS A CD2 1 
ATOM   585  C CE1 . HIS A 1 86  ? 2.151   13.304  -1.521  1.00 71.20  ? 86  HIS A CE1 1 
ATOM   586  N NE2 . HIS A 1 86  ? 3.412   13.576  -1.234  1.00 67.41  ? 86  HIS A NE2 1 
ATOM   587  N N   . ARG A 1 87  ? 0.364   14.233  3.259   1.00 56.44  ? 87  ARG A N   1 
ATOM   588  C CA  . ARG A 1 87  ? -0.576  15.346  3.198   1.00 59.14  ? 87  ARG A CA  1 
ATOM   589  C C   . ARG A 1 87  ? -0.207  16.461  4.168   1.00 60.39  ? 87  ARG A C   1 
ATOM   590  O O   . ARG A 1 87  ? -0.532  17.628  3.941   1.00 60.42  ? 87  ARG A O   1 
ATOM   591  C CB  . ARG A 1 87  ? -2.000  14.859  3.477   1.00 63.96  ? 87  ARG A CB  1 
ATOM   592  C CG  . ARG A 1 87  ? -2.244  13.407  3.102   1.00 70.02  ? 87  ARG A CG  1 
ATOM   593  C CD  . ARG A 1 87  ? -2.724  13.280  1.665   1.00 72.82  ? 87  ARG A CD  1 
ATOM   594  N NE  . ARG A 1 87  ? -3.393  12.005  1.422   1.00 79.39  ? 87  ARG A NE  1 
ATOM   595  C CZ  . ARG A 1 87  ? -3.978  11.676  0.276   1.00 86.18  ? 87  ARG A CZ  1 
ATOM   596  N NH1 . ARG A 1 87  ? -4.562  10.493  0.143   1.00 88.59  ? 87  ARG A NH1 1 
ATOM   597  N NH2 . ARG A 1 87  ? -3.978  12.528  -0.741  1.00 91.64  ? 87  ARG A NH2 1 
ATOM   598  N N   . ASN A 1 88  ? 0.470   16.097  5.250   1.00 58.54  ? 88  ASN A N   1 
ATOM   599  C CA  . ASN A 1 88  ? 0.881   17.070  6.260   1.00 60.01  ? 88  ASN A CA  1 
ATOM   600  C C   . ASN A 1 88  ? 2.201   17.762  5.957   1.00 58.98  ? 88  ASN A C   1 
ATOM   601  O O   . ASN A 1 88  ? 2.685   18.541  6.764   1.00 66.08  ? 88  ASN A O   1 
ATOM   602  C CB  . ASN A 1 88  ? 0.959   16.403  7.637   1.00 61.22  ? 88  ASN A CB  1 
ATOM   603  C CG  . ASN A 1 88  ? 1.093   17.402  8.772   1.00 70.37  ? 88  ASN A CG  1 
ATOM   604  O OD1 . ASN A 1 88  ? 1.710   17.115  9.808   1.00 70.45  ? 88  ASN A OD1 1 
ATOM   605  N ND2 . ASN A 1 88  ? 0.538   18.605  8.570   1.00 67.56  ? 88  ASN A ND2 1 
ATOM   606  N N   . ASN A 1 89  ? 2.785   17.503  4.795   1.00 60.95  ? 89  ASN A N   1 
ATOM   607  C CA  . ASN A 1 89  ? 4.083   18.097  4.481   1.00 60.26  ? 89  ASN A CA  1 
ATOM   608  C C   . ASN A 1 89  ? 5.087   17.813  5.600   1.00 57.08  ? 89  ASN A C   1 
ATOM   609  O O   . ASN A 1 89  ? 5.895   18.670  5.957   1.00 61.27  ? 89  ASN A O   1 
ATOM   610  C CB  . ASN A 1 89  ? 3.960   19.616  4.263   1.00 64.76  ? 89  ASN A CB  1 
ATOM   611  C CG  . ASN A 1 89  ? 2.653   20.008  3.586   1.00 66.84  ? 89  ASN A CG  1 
ATOM   612  O OD1 . ASN A 1 89  ? 1.798   20.649  4.196   1.00 70.65  ? 89  ASN A OD1 1 
ATOM   613  N ND2 . ASN A 1 89  ? 2.496   19.629  2.321   1.00 64.06  ? 89  ASN A ND2 1 
ATOM   614  N N   . GLN A 1 90  ? 4.999   16.623  6.190   1.00 55.45  ? 90  GLN A N   1 
ATOM   615  C CA  . GLN A 1 90  ? 5.968   16.231  7.201   1.00 55.12  ? 90  GLN A CA  1 
ATOM   616  C C   . GLN A 1 90  ? 7.217   15.728  6.514   1.00 51.97  ? 90  GLN A C   1 
ATOM   617  O O   . GLN A 1 90  ? 8.262   15.597  7.138   1.00 48.60  ? 90  GLN A O   1 
ATOM   618  C CB  . GLN A 1 90  ? 5.418   15.161  8.143   1.00 55.96  ? 90  GLN A CB  1 
ATOM   619  C CG  . GLN A 1 90  ? 4.442   15.711  9.149   1.00 59.92  ? 90  GLN A CG  1 
ATOM   620  C CD  . GLN A 1 90  ? 4.728   15.294  10.584  1.00 66.37  ? 90  GLN A CD  1 
ATOM   621  O OE1 . GLN A 1 90  ? 5.650   14.522  10.860  1.00 70.78  ? 90  GLN A OE1 1 
ATOM   622  N NE2 . GLN A 1 90  ? 3.941   15.825  11.514  1.00 66.57  ? 90  GLN A NE2 1 
ATOM   623  N N   . PHE A 1 91  ? 7.111   15.469  5.219   1.00 44.24  ? 91  PHE A N   1 
ATOM   624  C CA  . PHE A 1 91  ? 8.247   14.981  4.451   1.00 48.19  ? 91  PHE A CA  1 
ATOM   625  C C   . PHE A 1 91  ? 9.165   16.117  4.097   1.00 48.35  ? 91  PHE A C   1 
ATOM   626  O O   . PHE A 1 91  ? 8.712   17.170  3.694   1.00 48.83  ? 91  PHE A O   1 
ATOM   627  C CB  . PHE A 1 91  ? 7.805   14.284  3.156   1.00 44.20  ? 91  PHE A CB  1 
ATOM   628  C CG  . PHE A 1 91  ? 7.125   12.968  3.369   1.00 45.61  ? 91  PHE A CG  1 
ATOM   629  C CD1 . PHE A 1 91  ? 7.409   12.193  4.479   1.00 45.56  ? 91  PHE A CD1 1 
ATOM   630  C CD2 . PHE A 1 91  ? 6.204   12.498  2.439   1.00 49.60  ? 91  PHE A CD2 1 
ATOM   631  C CE1 . PHE A 1 91  ? 6.773   10.967  4.666   1.00 46.85  ? 91  PHE A CE1 1 
ATOM   632  C CE2 . PHE A 1 91  ? 5.569   11.287  2.621   1.00 46.80  ? 91  PHE A CE2 1 
ATOM   633  C CZ  . PHE A 1 91  ? 5.844   10.521  3.725   1.00 47.76  ? 91  PHE A CZ  1 
ATOM   634  N N   . ASN A 1 92  ? 10.462  15.896  4.234   1.00 50.08  ? 92  ASN A N   1 
ATOM   635  C CA  . ASN A 1 92  ? 11.415  16.857  3.724   1.00 50.11  ? 92  ASN A CA  1 
ATOM   636  C C   . ASN A 1 92  ? 11.719  16.559  2.262   1.00 52.12  ? 92  ASN A C   1 
ATOM   637  O O   . ASN A 1 92  ? 11.168  15.623  1.683   1.00 46.60  ? 92  ASN A O   1 
ATOM   638  C CB  . ASN A 1 92  ? 12.702  16.856  4.564   1.00 53.54  ? 92  ASN A CB  1 
ATOM   639  C CG  . ASN A 1 92  ? 13.395  15.498  4.591   1.00 52.78  ? 92  ASN A CG  1 
ATOM   640  O OD1 . ASN A 1 92  ? 13.156  14.640  3.728   1.00 49.84  ? 92  ASN A OD1 1 
ATOM   641  N ND2 . ASN A 1 92  ? 14.261  15.292  5.592   1.00 43.34  ? 92  ASN A ND2 1 
ATOM   642  N N   . GLN A 1 93  ? 12.611  17.367  1.698   1.00 54.20  ? 93  GLN A N   1 
ATOM   643  C CA  . GLN A 1 93  ? 13.068  17.311  0.304   1.00 53.91  ? 93  GLN A CA  1 
ATOM   644  C C   . GLN A 1 93  ? 13.443  15.895  -0.160  1.00 55.24  ? 93  GLN A C   1 
ATOM   645  O O   . GLN A 1 93  ? 13.101  15.475  -1.279  1.00 55.65  ? 93  GLN A O   1 
ATOM   646  C CB  . GLN A 1 93  ? 14.280  18.243  0.151   1.00 58.45  ? 93  GLN A CB  1 
ATOM   647  C CG  . GLN A 1 93  ? 15.350  17.919  1.206   1.00 61.92  ? 93  GLN A CG  1 
ATOM   648  C CD  . GLN A 1 93  ? 15.143  18.517  2.601   1.00 63.35  ? 93  GLN A CD  1 
ATOM   649  O OE1 . GLN A 1 93  ? 14.447  19.528  2.811   1.00 57.34  ? 93  GLN A OE1 1 
ATOM   650  N NE2 . GLN A 1 93  ? 15.667  17.805  3.581   1.00 67.60  ? 93  GLN A NE2 1 
ATOM   651  N N   . ASP A 1 94  ? 14.127  15.147  0.702   1.00 54.02  ? 94  ASP A N   1 
ATOM   652  C CA  . ASP A 1 94  ? 14.627  13.817  0.344   1.00 55.24  ? 94  ASP A CA  1 
ATOM   653  C C   . ASP A 1 94  ? 13.574  12.728  0.490   1.00 47.61  ? 94  ASP A C   1 
ATOM   654  O O   . ASP A 1 94  ? 13.595  11.750  -0.254  1.00 50.87  ? 94  ASP A O   1 
ATOM   655  C CB  . ASP A 1 94  ? 15.849  13.459  1.190   1.00 57.13  ? 94  ASP A CB  1 
ATOM   656  C CG  . ASP A 1 94  ? 17.060  14.304  0.850   1.00 63.76  ? 94  ASP A CG  1 
ATOM   657  O OD1 . ASP A 1 94  ? 17.415  14.402  -0.345  1.00 67.23  ? 94  ASP A OD1 1 
ATOM   658  O OD2 . ASP A 1 94  ? 17.678  14.848  1.787   1.00 69.85  ? 94  ASP A OD2 1 
ATOM   659  N N   . GLU A 1 95  ? 12.658  12.907  1.439   1.00 43.28  ? 95  GLU A N   1 
ATOM   660  C CA  . GLU A 1 95  ? 11.542  11.997  1.642   1.00 43.04  ? 95  GLU A CA  1 
ATOM   661  C C   . GLU A 1 95  ? 10.476  12.178  0.548   1.00 49.75  ? 95  GLU A C   1 
ATOM   662  O O   . GLU A 1 95  ? 9.763   11.242  0.203   1.00 41.79  ? 95  GLU A O   1 
ATOM   663  C CB  . GLU A 1 95  ? 10.944  12.201  3.030   1.00 43.14  ? 95  GLU A CB  1 
ATOM   664  C CG  . GLU A 1 95  ? 11.889  11.719  4.139   1.00 44.77  ? 95  GLU A CG  1 
ATOM   665  C CD  . GLU A 1 95  ? 11.610  12.341  5.491   1.00 44.03  ? 95  GLU A CD  1 
ATOM   666  O OE1 . GLU A 1 95  ? 10.852  13.331  5.562   1.00 45.55  ? 95  GLU A OE1 1 
ATOM   667  O OE2 . GLU A 1 95  ? 12.159  11.837  6.493   1.00 37.18  ? 95  GLU A OE2 1 
ATOM   668  N N   . LEU A 1 96  ? 10.379  13.377  -0.011  1.00 45.76  ? 96  LEU A N   1 
ATOM   669  C CA  . LEU A 1 96  ? 9.454   13.579  -1.120  1.00 48.25  ? 96  LEU A CA  1 
ATOM   670  C C   . LEU A 1 96  ? 9.996   12.917  -2.380  1.00 44.80  ? 96  LEU A C   1 
ATOM   671  O O   . LEU A 1 96  ? 9.249   12.305  -3.147  1.00 46.84  ? 96  LEU A O   1 
ATOM   672  C CB  . LEU A 1 96  ? 9.212   15.071  -1.355  1.00 48.25  ? 96  LEU A CB  1 
ATOM   673  C CG  . LEU A 1 96  ? 8.427   15.762  -0.242  1.00 44.12  ? 96  LEU A CG  1 
ATOM   674  C CD1 . LEU A 1 96  ? 8.589   17.275  -0.358  1.00 47.19  ? 96  LEU A CD1 1 
ATOM   675  C CD2 . LEU A 1 96  ? 6.950   15.372  -0.271  1.00 43.42  ? 96  LEU A CD2 1 
ATOM   676  N N   . ALA A 1 97  ? 11.305  13.020  -2.590  1.00 42.16  ? 97  ALA A N   1 
ATOM   677  C CA  . ALA A 1 97  ? 11.916  12.397  -3.755  1.00 44.32  ? 97  ALA A CA  1 
ATOM   678  C C   . ALA A 1 97  ? 11.819  10.879  -3.632  1.00 46.07  ? 97  ALA A C   1 
ATOM   679  O O   . ALA A 1 97  ? 11.602  10.170  -4.610  1.00 43.56  ? 97  ALA A O   1 
ATOM   680  C CB  . ALA A 1 97  ? 13.351  12.828  -3.892  1.00 44.28  ? 97  ALA A CB  1 
ATOM   681  N N   . LEU A 1 98  ? 11.986  10.391  -2.410  1.00 43.11  ? 98  LEU A N   1 
ATOM   682  C CA  . LEU A 1 98  ? 11.818  8.981   -2.124  1.00 41.93  ? 98  LEU A CA  1 
ATOM   683  C C   . LEU A 1 98  ? 10.385  8.565   -2.383  1.00 41.90  ? 98  LEU A C   1 
ATOM   684  O O   . LEU A 1 98  ? 10.136  7.529   -3.016  1.00 41.37  ? 98  LEU A O   1 
ATOM   685  C CB  . LEU A 1 98  ? 12.205  8.673   -0.680  1.00 42.00  ? 98  LEU A CB  1 
ATOM   686  C CG  . LEU A 1 98  ? 13.707  8.591   -0.406  1.00 44.55  ? 98  LEU A CG  1 
ATOM   687  C CD1 . LEU A 1 98  ? 13.967  8.358   1.071   1.00 41.48  ? 98  LEU A CD1 1 
ATOM   688  C CD2 . LEU A 1 98  ? 14.334  7.481   -1.237  1.00 45.95  ? 98  LEU A CD2 1 
ATOM   689  N N   . MET A 1 99  ? 9.446   9.369   -1.892  1.00 39.53  ? 99  MET A N   1 
ATOM   690  C CA  . MET A 1 99  ? 8.033   9.064   -2.057  1.00 42.82  ? 99  MET A CA  1 
ATOM   691  C C   . MET A 1 99  ? 7.691   8.985   -3.541  1.00 44.84  ? 99  MET A C   1 
ATOM   692  O O   . MET A 1 99  ? 6.899   8.135   -3.974  1.00 40.11  ? 99  MET A O   1 
ATOM   693  C CB  . MET A 1 99  ? 7.167   10.111  -1.361  1.00 44.59  ? 99  MET A CB  1 
ATOM   694  C CG  . MET A 1 99  ? 5.677   9.926   -1.585  1.00 51.30  ? 99  MET A CG  1 
ATOM   695  S SD  . MET A 1 99  ? 5.083   8.397   -0.831  1.00 59.32  ? 99  MET A SD  1 
ATOM   696  C CE  . MET A 1 99  ? 4.051   9.024   0.484   1.00 57.99  ? 99  MET A CE  1 
ATOM   697  N N   . GLU A 1 100 ? 8.319   9.848   -4.330  1.00 41.13  ? 100 GLU A N   1 
ATOM   698  C CA  . GLU A 1 100 ? 8.002   9.878   -5.739  1.00 47.23  ? 100 GLU A CA  1 
ATOM   699  C C   . GLU A 1 100 ? 8.570   8.649   -6.408  1.00 44.03  ? 100 GLU A C   1 
ATOM   700  O O   . GLU A 1 100 ? 7.946   8.097   -7.285  1.00 38.09  ? 100 GLU A O   1 
ATOM   701  C CB  . GLU A 1 100 ? 8.506   11.159  -6.397  1.00 49.68  ? 100 GLU A CB  1 
ATOM   702  C CG  . GLU A 1 100 ? 7.484   11.734  -7.365  1.00 62.08  ? 100 GLU A CG  1 
ATOM   703  C CD  . GLU A 1 100 ? 6.164   12.120  -6.690  1.00 59.88  ? 100 GLU A CD  1 
ATOM   704  O OE1 . GLU A 1 100 ? 6.090   12.148  -5.439  1.00 61.83  ? 100 GLU A OE1 1 
ATOM   705  O OE2 . GLU A 1 100 ? 5.186   12.379  -7.424  1.00 67.36  ? 100 GLU A OE2 1 
ATOM   706  N N   . LYS A 1 101 ? 9.733   8.193   -5.953  1.00 43.32  ? 101 LYS A N   1 
ATOM   707  C CA  . LYS A 1 101 ? 10.279  6.956   -6.484  1.00 43.38  ? 101 LYS A CA  1 
ATOM   708  C C   . LYS A 1 101 ? 9.412   5.767   -6.059  1.00 41.21  ? 101 LYS A C   1 
ATOM   709  O O   . LYS A 1 101 ? 9.198   4.834   -6.840  1.00 35.12  ? 101 LYS A O   1 
ATOM   710  C CB  . LYS A 1 101 ? 11.728  6.757   -6.036  1.00 42.22  ? 101 LYS A CB  1 
ATOM   711  C CG  . LYS A 1 101 ? 12.594  6.140   -7.125  1.00 50.78  ? 101 LYS A CG  1 
ATOM   712  C CD  . LYS A 1 101 ? 13.999  5.762   -6.665  1.00 54.15  ? 101 LYS A CD  1 
ATOM   713  C CE  . LYS A 1 101 ? 14.757  5.107   -7.828  1.00 62.85  ? 101 LYS A CE  1 
ATOM   714  N NZ  . LYS A 1 101 ? 15.818  4.153   -7.392  1.00 66.22  ? 101 LYS A NZ  1 
ATOM   715  N N   . PHE A 1 102 ? 8.923   5.804   -4.820  1.00 37.90  ? 102 PHE A N   1 
ATOM   716  C CA  . PHE A 1 102 ? 8.045   4.754   -4.300  1.00 36.96  ? 102 PHE A CA  1 
ATOM   717  C C   . PHE A 1 102 ? 6.789   4.625   -5.173  1.00 38.19  ? 102 PHE A C   1 
ATOM   718  O O   . PHE A 1 102 ? 6.430   3.533   -5.601  1.00 35.60  ? 102 PHE A O   1 
ATOM   719  C CB  . PHE A 1 102 ? 7.661   5.046   -2.842  1.00 36.59  ? 102 PHE A CB  1 
ATOM   720  C CG  . PHE A 1 102 ? 6.673   4.070   -2.255  1.00 36.34  ? 102 PHE A CG  1 
ATOM   721  C CD1 . PHE A 1 102 ? 7.051   2.767   -1.955  1.00 37.37  ? 102 PHE A CD1 1 
ATOM   722  C CD2 . PHE A 1 102 ? 5.370   4.464   -1.975  1.00 37.64  ? 102 PHE A CD2 1 
ATOM   723  C CE1 . PHE A 1 102 ? 6.147   1.865   -1.394  1.00 32.76  ? 102 PHE A CE1 1 
ATOM   724  C CE2 . PHE A 1 102 ? 4.457   3.574   -1.422  1.00 36.49  ? 102 PHE A CE2 1 
ATOM   725  C CZ  . PHE A 1 102 ? 4.848   2.264   -1.131  1.00 36.89  ? 102 PHE A CZ  1 
ATOM   726  N N   . LYS A 1 103 ? 6.139   5.738   -5.447  1.00 37.77  ? 103 LYS A N   1 
ATOM   727  C CA  . LYS A 1 103 ? 4.941   5.764   -6.270  1.00 39.09  ? 103 LYS A CA  1 
ATOM   728  C C   . LYS A 1 103 ? 5.205   5.179   -7.651  1.00 36.63  ? 103 LYS A C   1 
ATOM   729  O O   . LYS A 1 103 ? 4.433   4.406   -8.135  1.00 37.22  ? 103 LYS A O   1 
ATOM   730  C CB  . LYS A 1 103 ? 4.368   7.160   -6.342  1.00 42.90  ? 103 LYS A CB  1 
ATOM   731  C CG  . LYS A 1 103 ? 3.630   7.593   -5.091  1.00 48.24  ? 103 LYS A CG  1 
ATOM   732  C CD  . LYS A 1 103 ? 3.115   9.009   -5.247  1.00 56.10  ? 103 LYS A CD  1 
ATOM   733  C CE  . LYS A 1 103 ? 1.816   9.246   -4.516  1.00 72.63  ? 103 LYS A CE  1 
ATOM   734  N NZ  . LYS A 1 103 ? 1.853   10.466  -3.673  1.00 77.63  ? 103 LYS A NZ  1 
ATOM   735  N N   . LYS A 1 104 ? 6.307   5.559   -8.263  1.00 34.66  ? 104 LYS A N   1 
ATOM   736  C CA  . LYS A 1 104 ? 6.707   4.982   -9.551  1.00 36.57  ? 104 LYS A CA  1 
ATOM   737  C C   . LYS A 1 104 ? 6.933   3.476   -9.445  1.00 37.55  ? 104 LYS A C   1 
ATOM   738  O O   . LYS A 1 104 ? 6.595   2.716   -10.346 1.00 33.78  ? 104 LYS A O   1 
ATOM   739  C CB  . LYS A 1 104 ? 7.982   5.653   -10.075 1.00 40.27  ? 104 LYS A CB  1 
ATOM   740  C CG  . LYS A 1 104 ? 7.799   7.124   -10.488 1.00 51.38  ? 104 LYS A CG  1 
ATOM   741  C CD  . LYS A 1 104 ? 9.085   7.735   -11.060 1.00 54.52  ? 104 LYS A CD  1 
ATOM   742  C CE  . LYS A 1 104 ? 8.951   9.241   -11.285 1.00 57.64  ? 104 LYS A CE  1 
ATOM   743  N NZ  . LYS A 1 104 ? 8.683   9.549   -12.713 1.00 61.36  ? 104 LYS A NZ  1 
ATOM   744  N N   . LYS A 1 105 ? 7.520   3.030   -8.346  1.00 35.00  ? 105 LYS A N   1 
ATOM   745  C CA  . LYS A 1 105 ? 7.842   1.623   -8.243  1.00 33.30  ? 105 LYS A CA  1 
ATOM   746  C C   . LYS A 1 105 ? 6.582   0.789   -7.999  1.00 35.24  ? 105 LYS A C   1 
ATOM   747  O O   . LYS A 1 105 ? 6.466   -0.330  -8.515  1.00 34.35  ? 105 LYS A O   1 
ATOM   748  C CB  . LYS A 1 105 ? 8.888   1.391   -7.156  1.00 38.62  ? 105 LYS A CB  1 
ATOM   749  C CG  . LYS A 1 105 ? 9.997   0.462   -7.640  1.00 48.70  ? 105 LYS A CG  1 
ATOM   750  C CD  . LYS A 1 105 ? 11.160  1.257   -8.225  1.00 50.31  ? 105 LYS A CD  1 
ATOM   751  C CE  . LYS A 1 105 ? 11.892  0.440   -9.289  1.00 48.10  ? 105 LYS A CE  1 
ATOM   752  N NZ  . LYS A 1 105 ? 12.997  1.213   -9.938  1.00 54.35  ? 105 LYS A NZ  1 
ATOM   753  N N   . VAL A 1 106 ? 5.636   1.349   -7.246  1.00 31.71  ? 106 VAL A N   1 
ATOM   754  C CA  . VAL A 1 106 ? 4.351   0.694   -6.982  1.00 31.69  ? 106 VAL A CA  1 
ATOM   755  C C   . VAL A 1 106 ? 3.489   0.640   -8.247  1.00 34.31  ? 106 VAL A C   1 
ATOM   756  O O   . VAL A 1 106 ? 2.778   -0.339  -8.494  1.00 32.76  ? 106 VAL A O   1 
ATOM   757  C CB  . VAL A 1 106 ? 3.575   1.416   -5.852  1.00 36.38  ? 106 VAL A CB  1 
ATOM   758  C CG1 . VAL A 1 106 ? 2.184   0.837   -5.703  1.00 38.15  ? 106 VAL A CG1 1 
ATOM   759  C CG2 . VAL A 1 106 ? 4.328   1.283   -4.519  1.00 36.11  ? 106 VAL A CG2 1 
ATOM   760  N N   . HIS A 1 107 ? 3.559   1.687   -9.052  1.00 34.03  ? 107 HIS A N   1 
ATOM   761  C CA  . HIS A 1 107 ? 2.848   1.722   -10.335 1.00 32.75  ? 107 HIS A CA  1 
ATOM   762  C C   . HIS A 1 107 ? 3.353   0.578   -11.209 1.00 32.56  ? 107 HIS A C   1 
ATOM   763  O O   . HIS A 1 107 ? 2.575   -0.177  -11.779 1.00 33.97  ? 107 HIS A O   1 
ATOM   764  C CB  . HIS A 1 107 ? 3.067   3.089   -10.999 1.00 34.46  ? 107 HIS A CB  1 
ATOM   765  C CG  . HIS A 1 107 ? 2.160   3.361   -12.163 1.00 35.20  ? 107 HIS A CG  1 
ATOM   766  N ND1 . HIS A 1 107 ? 0.826   3.641   -12.021 1.00 31.14  ? 107 HIS A ND1 1 
ATOM   767  C CD2 . HIS A 1 107 ? 2.430   3.442   -13.490 1.00 31.15  ? 107 HIS A CD2 1 
ATOM   768  C CE1 . HIS A 1 107 ? 0.296   3.870   -13.206 1.00 36.14  ? 107 HIS A CE1 1 
ATOM   769  N NE2 . HIS A 1 107 ? 1.242   3.746   -14.117 1.00 36.25  ? 107 HIS A NE2 1 
ATOM   770  N N   . GLN A 1 108 ? 4.672   0.451   -11.279 1.00 32.55  ? 108 GLN A N   1 
ATOM   771  C CA  . GLN A 1 108 ? 5.337   -0.581  -12.062 1.00 37.82  ? 108 GLN A CA  1 
ATOM   772  C C   . GLN A 1 108 ? 5.065   -1.997  -11.537 1.00 39.89  ? 108 GLN A C   1 
ATOM   773  O O   . GLN A 1 108 ? 4.932   -2.968  -12.298 1.00 31.05  ? 108 GLN A O   1 
ATOM   774  C CB  . GLN A 1 108 ? 6.838   -0.296  -12.057 1.00 38.03  ? 108 GLN A CB  1 
ATOM   775  C CG  . GLN A 1 108 ? 7.695   -1.436  -12.581 1.00 43.65  ? 108 GLN A CG  1 
ATOM   776  C CD  . GLN A 1 108 ? 9.170   -1.103  -12.505 1.00 51.60  ? 108 GLN A CD  1 
ATOM   777  O OE1 . GLN A 1 108 ? 9.555   -0.080  -11.932 1.00 54.72  ? 108 GLN A OE1 1 
ATOM   778  N NE2 . GLN A 1 108 ? 10.002  -1.961  -13.082 1.00 53.27  ? 108 GLN A NE2 1 
ATOM   779  N N   . LEU A 1 109 ? 5.020   -2.111  -10.217 1.00 33.26  ? 109 LEU A N   1 
ATOM   780  C CA  . LEU A 1 109 ? 4.658   -3.367  -9.573  1.00 31.82  ? 109 LEU A CA  1 
ATOM   781  C C   . LEU A 1 109 ? 3.249   -3.748  -9.982  1.00 32.70  ? 109 LEU A C   1 
ATOM   782  O O   . LEU A 1 109 ? 2.999   -4.873  -10.412 1.00 32.14  ? 109 LEU A O   1 
ATOM   783  C CB  . LEU A 1 109 ? 4.758   -3.244  -8.039  1.00 32.55  ? 109 LEU A CB  1 
ATOM   784  C CG  . LEU A 1 109 ? 4.226   -4.416  -7.196  1.00 35.25  ? 109 LEU A CG  1 
ATOM   785  C CD1 . LEU A 1 109 ? 5.032   -5.673  -7.440  1.00 29.02  ? 109 LEU A CD1 1 
ATOM   786  C CD2 . LEU A 1 109 ? 4.292   -4.052  -5.724  1.00 33.39  ? 109 LEU A CD2 1 
ATOM   787  N N   . ALA A 1 110 ? 2.326   -2.805  -9.844  1.00 28.60  ? 110 ALA A N   1 
ATOM   788  C CA  . ALA A 1 110 ? 0.929   -3.040  -10.208 1.00 30.79  ? 110 ALA A CA  1 
ATOM   789  C C   . ALA A 1 110 ? 0.765   -3.500  -11.662 1.00 32.16  ? 110 ALA A C   1 
ATOM   790  O O   . ALA A 1 110 ? 0.044   -4.473  -11.949 1.00 29.77  ? 110 ALA A O   1 
ATOM   791  C CB  . ALA A 1 110 ? 0.119   -1.785  -9.975  1.00 33.64  ? 110 ALA A CB  1 
ATOM   792  N N   . MET A 1 111 ? 1.426   -2.815  -12.587 1.00 29.04  ? 111 MET A N   1 
ATOM   793  C CA  . MET A 1 111 ? 1.320   -3.223  -13.996 1.00 30.27  ? 111 MET A CA  1 
ATOM   794  C C   . MET A 1 111 ? 2.048   -4.541  -14.288 1.00 34.84  ? 111 MET A C   1 
ATOM   795  O O   . MET A 1 111 ? 1.669   -5.278  -15.197 1.00 29.63  ? 111 MET A O   1 
ATOM   796  C CB  . MET A 1 111 ? 1.848   -2.116  -14.891 1.00 33.29  ? 111 MET A CB  1 
ATOM   797  C CG  . MET A 1 111 ? 1.022   -0.836  -14.778 1.00 31.79  ? 111 MET A CG  1 
ATOM   798  S SD  . MET A 1 111 ? 1.520   0.414   -15.961 1.00 34.97  ? 111 MET A SD  1 
ATOM   799  C CE  . MET A 1 111 ? 3.253   0.589   -15.502 1.00 37.89  ? 111 MET A CE  1 
ATOM   800  N N   . THR A 1 112 ? 3.080   -4.865  -13.509 1.00 31.19  ? 112 THR A N   1 
ATOM   801  C CA  . THR A 1 112 ? 3.832   -6.092  -13.765 1.00 33.30  ? 112 THR A CA  1 
ATOM   802  C C   . THR A 1 112 ? 3.052   -7.284  -13.228 1.00 32.69  ? 112 THR A C   1 
ATOM   803  O O   . THR A 1 112 ? 2.980   -8.349  -13.858 1.00 34.62  ? 112 THR A O   1 
ATOM   804  C CB  . THR A 1 112 ? 5.240   -6.021  -13.151 1.00 37.49  ? 112 THR A CB  1 
ATOM   805  O OG1 . THR A 1 112 ? 5.943   -4.928  -13.753 1.00 36.90  ? 112 THR A OG1 1 
ATOM   806  C CG2 . THR A 1 112 ? 6.024   -7.281  -13.421 1.00 35.03  ? 112 THR A CG2 1 
ATOM   807  N N   . VAL A 1 113 ? 2.419   -7.095  -12.083 1.00 32.04  ? 113 VAL A N   1 
ATOM   808  C CA  . VAL A 1 113 ? 1.521   -8.125  -11.552 1.00 31.76  ? 113 VAL A CA  1 
ATOM   809  C C   . VAL A 1 113 ? 0.425   -8.483  -12.576 1.00 33.96  ? 113 VAL A C   1 
ATOM   810  O O   . VAL A 1 113 ? 0.082   -9.676  -12.812 1.00 28.70  ? 113 VAL A O   1 
ATOM   811  C CB  . VAL A 1 113 ? 0.891   -7.636  -10.227 1.00 34.32  ? 113 VAL A CB  1 
ATOM   812  C CG1 . VAL A 1 113 ? -0.290  -8.493  -9.842  1.00 35.36  ? 113 VAL A CG1 1 
ATOM   813  C CG2 . VAL A 1 113 ? 1.946   -7.622  -9.113  1.00 33.73  ? 113 VAL A CG2 1 
ATOM   814  N N   . VAL A 1 114 ? -0.121  -7.445  -13.202 1.00 32.11  ? 114 VAL A N   1 
ATOM   815  C CA  . VAL A 1 114 ? -1.182  -7.634  -14.190 1.00 31.50  ? 114 VAL A CA  1 
ATOM   816  C C   . VAL A 1 114 ? -0.650  -8.266  -15.473 1.00 31.20  ? 114 VAL A C   1 
ATOM   817  O O   . VAL A 1 114 ? -1.225  -9.217  -15.997 1.00 34.65  ? 114 VAL A O   1 
ATOM   818  C CB  . VAL A 1 114 ? -1.873  -6.283  -14.504 1.00 31.90  ? 114 VAL A CB  1 
ATOM   819  C CG1 . VAL A 1 114 ? -2.722  -6.372  -15.785 1.00 30.08  ? 114 VAL A CG1 1 
ATOM   820  C CG2 . VAL A 1 114 ? -2.710  -5.840  -13.309 1.00 30.70  ? 114 VAL A CG2 1 
ATOM   821  N N   . SER A 1 115 ? 0.454   -7.734  -15.983 1.00 31.85  ? 115 SER A N   1 
ATOM   822  C CA  . SER A 1 115 ? 1.065   -8.262  -17.197 1.00 32.14  ? 115 SER A CA  1 
ATOM   823  C C   . SER A 1 115 ? 1.470   -9.743  -17.066 1.00 33.84  ? 115 SER A C   1 
ATOM   824  O O   . SER A 1 115 ? 1.389   -10.508 -18.042 1.00 32.27  ? 115 SER A O   1 
ATOM   825  C CB  . SER A 1 115 ? 2.287   -7.416  -17.564 1.00 31.92  ? 115 SER A CB  1 
ATOM   826  O OG  . SER A 1 115 ? 2.802   -7.844  -18.811 1.00 36.69  ? 115 SER A OG  1 
ATOM   827  N N   . PHE A 1 116 ? 1.903   -10.153 -15.874 1.00 32.54  ? 116 PHE A N   1 
ATOM   828  C CA  . PHE A 1 116 ? 2.301   -11.553 -15.649 1.00 33.43  ? 116 PHE A CA  1 
ATOM   829  C C   . PHE A 1 116 ? 1.087   -12.484 -15.633 1.00 32.83  ? 116 PHE A C   1 
ATOM   830  O O   . PHE A 1 116 ? 1.220   -13.719 -15.744 1.00 33.88  ? 116 PHE A O   1 
ATOM   831  C CB  . PHE A 1 116 ? 3.084   -11.707 -14.341 1.00 30.86  ? 116 PHE A CB  1 
ATOM   832  C CG  . PHE A 1 116 ? 4.521   -11.262 -14.430 1.00 32.44  ? 116 PHE A CG  1 
ATOM   833  C CD1 . PHE A 1 116 ? 5.064   -10.852 -15.640 1.00 32.98  ? 116 PHE A CD1 1 
ATOM   834  C CD2 . PHE A 1 116 ? 5.322   -11.245 -13.301 1.00 35.63  ? 116 PHE A CD2 1 
ATOM   835  C CE1 . PHE A 1 116 ? 6.378   -10.443 -15.729 1.00 34.57  ? 116 PHE A CE1 1 
ATOM   836  C CE2 . PHE A 1 116 ? 6.644   -10.827 -13.370 1.00 34.89  ? 116 PHE A CE2 1 
ATOM   837  C CZ  . PHE A 1 116 ? 7.175   -10.423 -14.584 1.00 37.12  ? 116 PHE A CZ  1 
ATOM   838  N N   . HIS A 1 117 ? -0.102  -11.908 -15.492 1.00 31.41  ? 117 HIS A N   1 
ATOM   839  C CA  . HIS A 1 117 ? -1.313  -12.703 -15.676 1.00 30.42  ? 117 HIS A CA  1 
ATOM   840  C C   . HIS A 1 117 ? -1.871  -12.560 -17.085 1.00 36.24  ? 117 HIS A C   1 
ATOM   841  O O   . HIS A 1 117 ? -2.332  -13.536 -17.677 1.00 32.98  ? 117 HIS A O   1 
ATOM   842  C CB  . HIS A 1 117 ? -2.382  -12.305 -14.666 1.00 32.80  ? 117 HIS A CB  1 
ATOM   843  C CG  . HIS A 1 117 ? -3.748  -12.819 -14.995 1.00 36.46  ? 117 HIS A CG  1 
ATOM   844  N ND1 . HIS A 1 117 ? -4.051  -14.166 -15.049 1.00 39.72  ? 117 HIS A ND1 1 
ATOM   845  C CD2 . HIS A 1 117 ? -4.903  -12.169 -15.288 1.00 38.66  ? 117 HIS A CD2 1 
ATOM   846  C CE1 . HIS A 1 117 ? -5.325  -14.321 -15.346 1.00 42.06  ? 117 HIS A CE1 1 
ATOM   847  N NE2 . HIS A 1 117 ? -5.868  -13.123 -15.500 1.00 41.31  ? 117 HIS A NE2 1 
ATOM   848  N N   . GLN A 1 118 ? -1.852  -11.347 -17.625 1.00 30.88  ? 118 GLN A N   1 
ATOM   849  C CA  . GLN A 1 118 ? -2.465  -11.106 -18.921 1.00 30.69  ? 118 GLN A CA  1 
ATOM   850  C C   . GLN A 1 118 ? -1.673  -11.711 -20.077 1.00 31.28  ? 118 GLN A C   1 
ATOM   851  O O   . GLN A 1 118 ? -2.247  -12.080 -21.111 1.00 31.19  ? 118 GLN A O   1 
ATOM   852  C CB  . GLN A 1 118 ? -2.649  -9.593  -19.143 1.00 28.52  ? 118 GLN A CB  1 
ATOM   853  C CG  . GLN A 1 118 ? -3.793  -8.997  -18.338 1.00 28.61  ? 118 GLN A CG  1 
ATOM   854  C CD  . GLN A 1 118 ? -4.023  -7.545  -18.665 1.00 31.26  ? 118 GLN A CD  1 
ATOM   855  O OE1 . GLN A 1 118 ? -3.197  -6.910  -19.332 1.00 27.54  ? 118 GLN A OE1 1 
ATOM   856  N NE2 . GLN A 1 118 ? -5.153  -7.001  -18.203 1.00 29.16  ? 118 GLN A NE2 1 
ATOM   857  N N   . VAL A 1 119 ? -0.354  -11.768 -19.939 1.00 30.62  ? 119 VAL A N   1 
ATOM   858  C CA  . VAL A 1 119 ? 0.450   -12.427 -20.953 1.00 33.71  ? 119 VAL A CA  1 
ATOM   859  C C   . VAL A 1 119 ? 0.836   -13.792 -20.400 1.00 36.61  ? 119 VAL A C   1 
ATOM   860  O O   . VAL A 1 119 ? 1.607   -13.926 -19.410 1.00 32.25  ? 119 VAL A O   1 
ATOM   861  C CB  . VAL A 1 119 ? 1.709   -11.636 -21.355 1.00 33.81  ? 119 VAL A CB  1 
ATOM   862  C CG1 . VAL A 1 119 ? 2.440   -12.344 -22.506 1.00 32.39  ? 119 VAL A CG1 1 
ATOM   863  C CG2 . VAL A 1 119 ? 1.347   -10.229 -21.794 1.00 27.26  ? 119 VAL A CG2 1 
ATOM   864  N N   . GLU A 1 120 ? 0.259   -14.796 -21.035 1.00 32.32  ? 120 GLU A N   1 
ATOM   865  C CA  . GLU A 1 120 ? 0.344   -16.194 -20.604 1.00 35.75  ? 120 GLU A CA  1 
ATOM   866  C C   . GLU A 1 120 ? 1.737   -16.643 -20.200 1.00 32.28  ? 120 GLU A C   1 
ATOM   867  O O   . GLU A 1 120 ? 2.680   -16.503 -20.972 1.00 32.91  ? 120 GLU A O   1 
ATOM   868  C CB  . GLU A 1 120 ? -0.143  -17.084 -21.737 1.00 42.39  ? 120 GLU A CB  1 
ATOM   869  C CG  . GLU A 1 120 ? -1.124  -18.143 -21.341 1.00 54.91  ? 120 GLU A CG  1 
ATOM   870  C CD  . GLU A 1 120 ? -1.421  -19.077 -22.501 1.00 56.18  ? 120 GLU A CD  1 
ATOM   871  O OE1 . GLU A 1 120 ? -0.493  -19.367 -23.293 1.00 54.51  ? 120 GLU A OE1 1 
ATOM   872  O OE2 . GLU A 1 120 ? -2.587  -19.497 -22.639 1.00 68.11  ? 120 GLU A OE2 1 
ATOM   873  N N   . TYR A 1 121 ? 1.863   -17.201 -19.001 1.00 35.41  ? 121 TYR A N   1 
ATOM   874  C CA  . TYR A 1 121 ? 3.121   -17.792 -18.565 1.00 35.67  ? 121 TYR A CA  1 
ATOM   875  C C   . TYR A 1 121 ? 4.332   -16.841 -18.525 1.00 36.75  ? 121 TYR A C   1 
ATOM   876  O O   . TYR A 1 121 ? 5.476   -17.303 -18.534 1.00 36.69  ? 121 TYR A O   1 
ATOM   877  C CB  . TYR A 1 121 ? 3.441   -19.023 -19.446 1.00 36.00  ? 121 TYR A CB  1 
ATOM   878  C CG  . TYR A 1 121 ? 2.503   -20.175 -19.148 1.00 38.83  ? 121 TYR A CG  1 
ATOM   879  C CD1 . TYR A 1 121 ? 2.593   -20.863 -17.948 1.00 41.48  ? 121 TYR A CD1 1 
ATOM   880  C CD2 . TYR A 1 121 ? 1.503   -20.545 -20.042 1.00 42.05  ? 121 TYR A CD2 1 
ATOM   881  C CE1 . TYR A 1 121 ? 1.728   -21.919 -17.654 1.00 41.11  ? 121 TYR A CE1 1 
ATOM   882  C CE2 . TYR A 1 121 ? 0.628   -21.594 -19.755 1.00 40.21  ? 121 TYR A CE2 1 
ATOM   883  C CZ  . TYR A 1 121 ? 0.755   -22.271 -18.561 1.00 43.38  ? 121 TYR A CZ  1 
ATOM   884  O OH  . TYR A 1 121 ? -0.100  -23.292 -18.254 1.00 46.72  ? 121 TYR A OH  1 
ATOM   885  N N   . THR A 1 122 ? 4.117   -15.528 -18.422 1.00 35.18  ? 122 THR A N   1 
ATOM   886  C CA  . THR A 1 122 ? 5.289   -14.656 -18.307 1.00 36.15  ? 122 THR A CA  1 
ATOM   887  C C   . THR A 1 122 ? 5.679   -14.407 -16.853 1.00 35.47  ? 122 THR A C   1 
ATOM   888  O O   . THR A 1 122 ? 6.622   -13.661 -16.583 1.00 37.08  ? 122 THR A O   1 
ATOM   889  C CB  . THR A 1 122 ? 5.095   -13.297 -19.023 1.00 37.74  ? 122 THR A CB  1 
ATOM   890  O OG1 . THR A 1 122 ? 3.918   -12.631 -18.539 1.00 35.09  ? 122 THR A OG1 1 
ATOM   891  C CG2 . THR A 1 122 ? 4.981   -13.522 -20.518 1.00 35.40  ? 122 THR A CG2 1 
ATOM   892  N N   . PHE A 1 123 ? 4.979   -15.055 -15.924 1.00 37.50  ? 123 PHE A N   1 
ATOM   893  C CA  . PHE A 1 123 ? 5.318   -14.960 -14.497 1.00 35.58  ? 123 PHE A CA  1 
ATOM   894  C C   . PHE A 1 123 ? 6.794   -15.219 -14.222 1.00 38.29  ? 123 PHE A C   1 
ATOM   895  O O   . PHE A 1 123 ? 7.339   -16.248 -14.608 1.00 35.62  ? 123 PHE A O   1 
ATOM   896  C CB  . PHE A 1 123 ? 4.497   -15.957 -13.664 1.00 35.79  ? 123 PHE A CB  1 
ATOM   897  C CG  . PHE A 1 123 ? 5.030   -16.154 -12.248 1.00 35.39  ? 123 PHE A CG  1 
ATOM   898  C CD1 . PHE A 1 123 ? 4.999   -15.126 -11.336 1.00 34.12  ? 123 PHE A CD1 1 
ATOM   899  C CD2 . PHE A 1 123 ? 5.534   -17.389 -11.846 1.00 35.82  ? 123 PHE A CD2 1 
ATOM   900  C CE1 . PHE A 1 123 ? 5.484   -15.291 -10.031 1.00 35.81  ? 123 PHE A CE1 1 
ATOM   901  C CE2 . PHE A 1 123 ? 6.008   -17.586 -10.569 1.00 33.95  ? 123 PHE A CE2 1 
ATOM   902  C CZ  . PHE A 1 123 ? 5.994   -16.521 -9.644  1.00 36.40  ? 123 PHE A CZ  1 
ATOM   903  N N   . ASP A 1 124 ? 7.418   -14.293 -13.511 1.00 36.40  ? 124 ASP A N   1 
ATOM   904  C CA  . ASP A 1 124 ? 8.811   -14.421 -13.134 1.00 37.67  ? 124 ASP A CA  1 
ATOM   905  C C   . ASP A 1 124 ? 8.953   -13.984 -11.682 1.00 40.96  ? 124 ASP A C   1 
ATOM   906  O O   . ASP A 1 124 ? 8.911   -12.787 -11.375 1.00 38.25  ? 124 ASP A O   1 
ATOM   907  C CB  . ASP A 1 124 ? 9.695   -13.585 -14.061 1.00 33.51  ? 124 ASP A CB  1 
ATOM   908  C CG  . ASP A 1 124 ? 11.177  -13.693 -13.729 1.00 43.31  ? 124 ASP A CG  1 
ATOM   909  O OD1 . ASP A 1 124 ? 11.559  -13.660 -12.535 1.00 45.09  ? 124 ASP A OD1 1 
ATOM   910  O OD2 . ASP A 1 124 ? 11.980  -13.802 -14.675 1.00 47.65  ? 124 ASP A OD2 1 
ATOM   911  N N   . ARG A 1 125 ? 9.122   -14.960 -10.799 1.00 41.03  ? 125 ARG A N   1 
ATOM   912  C CA  . ARG A 1 125 ? 9.155   -14.715 -9.363  1.00 41.79  ? 125 ARG A CA  1 
ATOM   913  C C   . ARG A 1 125 ? 10.269  -13.760 -8.944  1.00 44.30  ? 125 ARG A C   1 
ATOM   914  O O   . ARG A 1 125 ? 10.118  -13.014 -7.976  1.00 44.20  ? 125 ARG A O   1 
ATOM   915  C CB  . ARG A 1 125 ? 9.259   -16.053 -8.620  1.00 47.60  ? 125 ARG A CB  1 
ATOM   916  C CG  . ARG A 1 125 ? 10.483  -16.885 -8.939  1.00 47.72  ? 125 ARG A CG  1 
ATOM   917  C CD  . ARG A 1 125 ? 10.411  -18.240 -8.259  1.00 51.50  ? 125 ARG A CD  1 
ATOM   918  N NE  . ARG A 1 125 ? 11.701  -18.917 -8.351  1.00 54.01  ? 125 ARG A NE  1 
ATOM   919  C CZ  . ARG A 1 125 ? 12.099  -19.662 -9.377  1.00 57.30  ? 125 ARG A CZ  1 
ATOM   920  N NH1 . ARG A 1 125 ? 11.289  -19.880 -10.417 1.00 51.84  ? 125 ARG A NH1 1 
ATOM   921  N NH2 . ARG A 1 125 ? 13.310  -20.209 -9.345  1.00 58.33  ? 125 ARG A NH2 1 
ATOM   922  N N   . ASN A 1 126 ? 11.371  -13.741 -9.682  1.00 42.30  ? 126 ASN A N   1 
ATOM   923  C CA  . ASN A 1 126 ? 12.470  -12.850 -9.339  1.00 42.66  ? 126 ASN A CA  1 
ATOM   924  C C   . ASN A 1 126 ? 12.178  -11.395 -9.659  1.00 44.52  ? 126 ASN A C   1 
ATOM   925  O O   . ASN A 1 126 ? 12.604  -10.497 -8.934  1.00 40.22  ? 126 ASN A O   1 
ATOM   926  C CB  . ASN A 1 126 ? 13.741  -13.285 -10.049 1.00 45.93  ? 126 ASN A CB  1 
ATOM   927  C CG  . ASN A 1 126 ? 14.065  -14.741 -9.793  1.00 53.33  ? 126 ASN A CG  1 
ATOM   928  O OD1 . ASN A 1 126 ? 14.144  -15.171 -8.639  1.00 54.67  ? 126 ASN A OD1 1 
ATOM   929  N ND2 . ASN A 1 126 ? 14.215  -15.519 -10.867 1.00 48.03  ? 126 ASN A ND2 1 
ATOM   930  N N   . VAL A 1 127 ? 11.460  -11.148 -10.751 1.00 39.17  ? 127 VAL A N   1 
ATOM   931  C CA  . VAL A 1 127 ? 11.105  -9.771  -11.070 1.00 40.66  ? 127 VAL A CA  1 
ATOM   932  C C   . VAL A 1 127 ? 10.182  -9.218  -9.994  1.00 37.63  ? 127 VAL A C   1 
ATOM   933  O O   . VAL A 1 127 ? 10.404  -8.125  -9.485  1.00 39.91  ? 127 VAL A O   1 
ATOM   934  C CB  . VAL A 1 127 ? 10.437  -9.654  -12.437 1.00 40.25  ? 127 VAL A CB  1 
ATOM   935  C CG1 . VAL A 1 127 ? 9.976   -8.237  -12.662 1.00 36.69  ? 127 VAL A CG1 1 
ATOM   936  C CG2 . VAL A 1 127 ? 11.419  -10.062 -13.511 1.00 40.52  ? 127 VAL A CG2 1 
ATOM   937  N N   . LEU A 1 128 ? 9.171   -9.998  -9.623  1.00 37.19  ? 128 LEU A N   1 
ATOM   938  C CA  . LEU A 1 128 ? 8.238   -9.576  -8.586  1.00 36.96  ? 128 LEU A CA  1 
ATOM   939  C C   . LEU A 1 128 ? 8.911   -9.402  -7.213  1.00 37.44  ? 128 LEU A C   1 
ATOM   940  O O   . LEU A 1 128 ? 8.574   -8.476  -6.508  1.00 35.87  ? 128 LEU A O   1 
ATOM   941  C CB  . LEU A 1 128 ? 7.080   -10.568 -8.483  1.00 36.05  ? 128 LEU A CB  1 
ATOM   942  C CG  . LEU A 1 128 ? 6.172   -10.532 -9.716  1.00 38.85  ? 128 LEU A CG  1 
ATOM   943  C CD1 . LEU A 1 128 ? 4.956   -11.396 -9.534  1.00 30.86  ? 128 LEU A CD1 1 
ATOM   944  C CD2 . LEU A 1 128 ? 5.757   -9.080  -10.014 1.00 38.70  ? 128 LEU A CD2 1 
ATOM   945  N N   . SER A 1 129 ? 9.844   -10.285 -6.838  1.00 38.44  ? 129 SER A N   1 
ATOM   946  C CA  . SER A 1 129 ? 10.553  -10.159 -5.558  1.00 39.49  ? 129 SER A CA  1 
ATOM   947  C C   . SER A 1 129 ? 11.432  -8.924  -5.563  1.00 39.65  ? 129 SER A C   1 
ATOM   948  O O   . SER A 1 129 ? 11.438  -8.167  -4.600  1.00 40.41  ? 129 SER A O   1 
ATOM   949  C CB  . SER A 1 129 ? 11.403  -11.398 -5.260  1.00 38.52  ? 129 SER A CB  1 
ATOM   950  O OG  . SER A 1 129 ? 10.658  -12.563 -5.543  1.00 44.23  ? 129 SER A OG  1 
ATOM   951  N N   . ARG A 1 130 ? 12.168  -8.709  -6.653  1.00 41.12  ? 130 ARG A N   1 
ATOM   952  C CA  . ARG A 1 130 ? 12.964  -7.492  -6.785  1.00 43.46  ? 130 ARG A CA  1 
ATOM   953  C C   . ARG A 1 130 ? 12.103  -6.236  -6.625  1.00 42.84  ? 130 ARG A C   1 
ATOM   954  O O   . ARG A 1 130 ? 12.435  -5.339  -5.842  1.00 43.85  ? 130 ARG A O   1 
ATOM   955  C CB  . ARG A 1 130 ? 13.683  -7.478  -8.135  1.00 49.42  ? 130 ARG A CB  1 
ATOM   956  C CG  . ARG A 1 130 ? 14.560  -6.265  -8.346  1.00 55.46  ? 130 ARG A CG  1 
ATOM   957  C CD  . ARG A 1 130 ? 15.368  -6.337  -9.640  1.00 57.44  ? 130 ARG A CD  1 
ATOM   958  N NE  . ARG A 1 130 ? 14.541  -6.317  -10.849 1.00 61.30  ? 130 ARG A NE  1 
ATOM   959  C CZ  . ARG A 1 130 ? 14.029  -5.208  -11.387 1.00 63.81  ? 130 ARG A CZ  1 
ATOM   960  N NH1 . ARG A 1 130 ? 14.225  -4.032  -10.808 1.00 59.75  ? 130 ARG A NH1 1 
ATOM   961  N NH2 . ARG A 1 130 ? 13.300  -5.276  -12.497 1.00 66.45  ? 130 ARG A NH2 1 
ATOM   962  N N   . LEU A 1 131 ? 10.983  -6.165  -7.341  1.00 38.07  ? 131 LEU A N   1 
ATOM   963  C CA  . LEU A 1 131 ? 10.128  -4.973  -7.272  1.00 36.48  ? 131 LEU A CA  1 
ATOM   964  C C   . LEU A 1 131 ? 9.513   -4.779  -5.890  1.00 36.22  ? 131 LEU A C   1 
ATOM   965  O O   . LEU A 1 131 ? 9.439   -3.661  -5.402  1.00 34.69  ? 131 LEU A O   1 
ATOM   966  C CB  . LEU A 1 131 ? 9.008   -5.036  -8.315  1.00 36.25  ? 131 LEU A CB  1 
ATOM   967  C CG  . LEU A 1 131 ? 9.374   -4.661  -9.748  1.00 39.46  ? 131 LEU A CG  1 
ATOM   968  C CD1 . LEU A 1 131 ? 8.143   -4.850  -10.614 1.00 38.35  ? 131 LEU A CD1 1 
ATOM   969  C CD2 . LEU A 1 131 ? 9.852   -3.221  -9.826  1.00 47.23  ? 131 LEU A CD2 1 
ATOM   970  N N   . LEU A 1 132 ? 9.053   -5.863  -5.277  1.00 35.69  ? 132 LEU A N   1 
ATOM   971  C CA  . LEU A 1 132 ? 8.469   -5.801  -3.938  1.00 34.76  ? 132 LEU A CA  1 
ATOM   972  C C   . LEU A 1 132 ? 9.484   -5.325  -2.909  1.00 36.55  ? 132 LEU A C   1 
ATOM   973  O O   . LEU A 1 132 ? 9.159   -4.541  -2.035  1.00 36.71  ? 132 LEU A O   1 
ATOM   974  C CB  . LEU A 1 132 ? 7.929   -7.171  -3.527  1.00 33.92  ? 132 LEU A CB  1 
ATOM   975  C CG  . LEU A 1 132 ? 6.586   -7.479  -4.180  1.00 36.15  ? 132 LEU A CG  1 
ATOM   976  C CD1 . LEU A 1 132 ? 6.303   -8.984  -4.137  1.00 34.80  ? 132 LEU A CD1 1 
ATOM   977  C CD2 . LEU A 1 132 ? 5.505   -6.709  -3.474  1.00 34.13  ? 132 LEU A CD2 1 
ATOM   978  N N   . ASN A 1 133 ? 10.714  -5.805  -3.013  1.00 35.73  ? 133 ASN A N   1 
ATOM   979  C CA  . ASN A 1 133 ? 11.726  -5.469  -2.023  1.00 41.52  ? 133 ASN A CA  1 
ATOM   980  C C   . ASN A 1 133 ? 12.196  -4.037  -2.202  1.00 40.64  ? 133 ASN A C   1 
ATOM   981  O O   . ASN A 1 133 ? 12.496  -3.354  -1.219  1.00 40.56  ? 133 ASN A O   1 
ATOM   982  C CB  . ASN A 1 133 ? 12.884  -6.460  -2.093  1.00 38.71  ? 133 ASN A CB  1 
ATOM   983  C CG  . ASN A 1 133 ? 12.535  -7.795  -1.456  1.00 45.74  ? 133 ASN A CG  1 
ATOM   984  O OD1 . ASN A 1 133 ? 12.031  -7.842  -0.329  1.00 49.05  ? 133 ASN A OD1 1 
ATOM   985  N ND2 . ASN A 1 133 ? 12.777  -8.881  -2.177  1.00 48.18  ? 133 ASN A ND2 1 
ATOM   986  N N   . GLU A 1 134 ? 12.214  -3.570  -3.450  1.00 37.97  ? 134 GLU A N   1 
ATOM   987  C CA  . GLU A 1 134 ? 12.518  -2.172  -3.754  1.00 39.94  ? 134 GLU A CA  1 
ATOM   988  C C   . GLU A 1 134 ? 11.464  -1.248  -3.132  1.00 37.95  ? 134 GLU A C   1 
ATOM   989  O O   . GLU A 1 134 ? 11.800  -0.204  -2.563  1.00 41.10  ? 134 GLU A O   1 
ATOM   990  C CB  . GLU A 1 134 ? 12.612  -1.964  -5.273  1.00 44.84  ? 134 GLU A CB  1 
ATOM   991  C CG  . GLU A 1 134 ? 13.887  -2.551  -5.901  1.00 44.20  ? 134 GLU A CG  1 
ATOM   992  C CD  . GLU A 1 134 ? 13.827  -2.640  -7.431  1.00 55.64  ? 134 GLU A CD  1 
ATOM   993  O OE1 . GLU A 1 134 ? 12.801  -2.243  -8.019  1.00 52.50  ? 134 GLU A OE1 1 
ATOM   994  O OE2 . GLU A 1 134 ? 14.803  -3.125  -8.050  1.00 57.84  ? 134 GLU A OE2 1 
ATOM   995  N N   . CYS A 1 135 ? 10.195  -1.648  -3.204  1.00 36.03  ? 135 CYS A N   1 
ATOM   996  C CA  . CYS A 1 135 ? 9.133   -0.923  -2.503  1.00 32.79  ? 135 CYS A CA  1 
ATOM   997  C C   . CYS A 1 135 ? 9.369   -0.940  -0.994  1.00 37.44  ? 135 CYS A C   1 
ATOM   998  O O   . CYS A 1 135 ? 9.207   0.068   -0.329  1.00 34.32  ? 135 CYS A O   1 
ATOM   999  C CB  . CYS A 1 135 ? 7.767   -1.526  -2.793  1.00 36.82  ? 135 CYS A CB  1 
ATOM   1000 S SG  . CYS A 1 135 ? 7.164   -1.251  -4.473  1.00 36.66  ? 135 CYS A SG  1 
ATOM   1001 N N   . ARG A 1 136 ? 9.728   -2.110  -0.477  1.00 34.00  ? 136 ARG A N   1 
ATOM   1002 C CA  . ARG A 1 136 ? 9.931   -2.312  0.959   1.00 35.54  ? 136 ARG A CA  1 
ATOM   1003 C C   . ARG A 1 136 ? 11.003  -1.370  1.492   1.00 36.75  ? 136 ARG A C   1 
ATOM   1004 O O   . ARG A 1 136 ? 10.787  -0.662  2.470   1.00 33.33  ? 136 ARG A O   1 
ATOM   1005 C CB  . ARG A 1 136 ? 10.319  -3.769  1.241   1.00 36.34  ? 136 ARG A CB  1 
ATOM   1006 C CG  . ARG A 1 136 ? 10.458  -4.100  2.722   1.00 39.06  ? 136 ARG A CG  1 
ATOM   1007 C CD  . ARG A 1 136 ? 11.521  -5.160  2.954   1.00 39.18  ? 136 ARG A CD  1 
ATOM   1008 N NE  . ARG A 1 136 ? 11.162  -6.421  2.337   1.00 42.82  ? 136 ARG A NE  1 
ATOM   1009 C CZ  . ARG A 1 136 ? 10.828  -7.525  3.003   1.00 47.63  ? 136 ARG A CZ  1 
ATOM   1010 N NH1 . ARG A 1 136 ? 10.825  -7.534  4.336   1.00 45.04  ? 136 ARG A NH1 1 
ATOM   1011 N NH2 . ARG A 1 136 ? 10.520  -8.636  2.332   1.00 43.20  ? 136 ARG A NH2 1 
ATOM   1012 N N   . GLU A 1 137 ? 12.154  -1.356  0.824   1.00 37.50  ? 137 GLU A N   1 
ATOM   1013 C CA  . GLU A 1 137 ? 13.271  -0.499  1.205   1.00 39.63  ? 137 GLU A CA  1 
ATOM   1014 C C   . GLU A 1 137 ? 12.978  0.981   1.054   1.00 39.76  ? 137 GLU A C   1 
ATOM   1015 O O   . GLU A 1 137 ? 13.438  1.801   1.852   1.00 36.33  ? 137 GLU A O   1 
ATOM   1016 C CB  . GLU A 1 137 ? 14.509  -0.867  0.393   1.00 40.32  ? 137 GLU A CB  1 
ATOM   1017 C CG  . GLU A 1 137 ? 14.980  -2.286  0.675   1.00 46.98  ? 137 GLU A CG  1 
ATOM   1018 C CD  . GLU A 1 137 ? 16.139  -2.721  -0.197  1.00 52.37  ? 137 GLU A CD  1 
ATOM   1019 O OE1 . GLU A 1 137 ? 16.813  -3.699  0.181   1.00 58.09  ? 137 GLU A OE1 1 
ATOM   1020 O OE2 . GLU A 1 137 ? 16.365  -2.103  -1.264  1.00 57.96  ? 137 GLU A OE2 1 
ATOM   1021 N N   . LEU A 1 138 ? 12.223  1.330   0.026   1.00 36.86  ? 138 LEU A N   1 
ATOM   1022 C CA  . LEU A 1 138 ? 11.802  2.709   -0.140  1.00 33.68  ? 138 LEU A CA  1 
ATOM   1023 C C   . LEU A 1 138 ? 10.947  3.131   1.051   1.00 36.91  ? 138 LEU A C   1 
ATOM   1024 O O   . LEU A 1 138 ? 11.167  4.201   1.611   1.00 36.00  ? 138 LEU A O   1 
ATOM   1025 C CB  . LEU A 1 138 ? 11.047  2.882   -1.465  1.00 36.92  ? 138 LEU A CB  1 
ATOM   1026 C CG  . LEU A 1 138 ? 12.006  2.921   -2.658  1.00 37.89  ? 138 LEU A CG  1 
ATOM   1027 C CD1 . LEU A 1 138 ? 11.284  2.880   -4.030  1.00 37.57  ? 138 LEU A CD1 1 
ATOM   1028 C CD2 . LEU A 1 138 ? 12.885  4.175   -2.540  1.00 40.18  ? 138 LEU A CD2 1 
ATOM   1029 N N   . LEU A 1 139 ? 9.983   2.297   1.442   1.00 34.48  ? 139 LEU A N   1 
ATOM   1030 C CA  . LEU A 1 139 ? 9.106   2.607   2.587   1.00 36.61  ? 139 LEU A CA  1 
ATOM   1031 C C   . LEU A 1 139 ? 9.858   2.752   3.904   1.00 38.39  ? 139 LEU A C   1 
ATOM   1032 O O   . LEU A 1 139 ? 9.578   3.673   4.688   1.00 35.32  ? 139 LEU A O   1 
ATOM   1033 C CB  . LEU A 1 139 ? 8.028   1.528   2.759   1.00 34.55  ? 139 LEU A CB  1 
ATOM   1034 C CG  . LEU A 1 139 ? 6.723   1.706   1.991   1.00 39.31  ? 139 LEU A CG  1 
ATOM   1035 C CD1 . LEU A 1 139 ? 5.694   0.682   2.435   1.00 44.62  ? 139 LEU A CD1 1 
ATOM   1036 C CD2 . LEU A 1 139 ? 6.165   3.098   2.150   1.00 41.86  ? 139 LEU A CD2 1 
ATOM   1037 N N   . HIS A 1 140 ? 10.790  1.840   4.168   1.00 36.69  ? 140 HIS A N   1 
ATOM   1038 C CA  . HIS A 1 140 ? 11.604  1.953   5.391   1.00 39.84  ? 140 HIS A CA  1 
ATOM   1039 C C   . HIS A 1 140 ? 12.259  3.294   5.444   1.00 37.87  ? 140 HIS A C   1 
ATOM   1040 O O   . HIS A 1 140 ? 12.190  3.990   6.451   1.00 41.81  ? 140 HIS A O   1 
ATOM   1041 C CB  . HIS A 1 140 ? 12.688  0.890   5.458   1.00 37.05  ? 140 HIS A CB  1 
ATOM   1042 C CG  . HIS A 1 140 ? 12.189  -0.458  5.861   1.00 38.76  ? 140 HIS A CG  1 
ATOM   1043 N ND1 . HIS A 1 140 ? 11.380  -0.648  6.960   1.00 40.03  ? 140 HIS A ND1 1 
ATOM   1044 C CD2 . HIS A 1 140 ? 12.414  -1.682  5.339   1.00 36.27  ? 140 HIS A CD2 1 
ATOM   1045 C CE1 . HIS A 1 140 ? 11.112  -1.939  7.086   1.00 40.91  ? 140 HIS A CE1 1 
ATOM   1046 N NE2 . HIS A 1 140 ? 11.727  -2.587  6.108   1.00 38.92  ? 140 HIS A NE2 1 
ATOM   1047 N N   . GLU A 1 141 ? 12.891  3.673   4.341   1.00 37.19  ? 141 GLU A N   1 
ATOM   1048 C CA  . GLU A 1 141 ? 13.690  4.879   4.343   1.00 41.79  ? 141 GLU A CA  1 
ATOM   1049 C C   . GLU A 1 141 ? 12.830  6.153   4.412   1.00 42.73  ? 141 GLU A C   1 
ATOM   1050 O O   . GLU A 1 141 ? 13.258  7.153   4.983   1.00 41.27  ? 141 GLU A O   1 
ATOM   1051 C CB  . GLU A 1 141 ? 14.592  4.919   3.114   1.00 41.05  ? 141 GLU A CB  1 
ATOM   1052 C CG  . GLU A 1 141 ? 15.670  5.968   3.257   1.00 49.72  ? 141 GLU A CG  1 
ATOM   1053 C CD  . GLU A 1 141 ? 16.779  5.808   2.248   1.00 53.36  ? 141 GLU A CD  1 
ATOM   1054 O OE1 . GLU A 1 141 ? 16.587  5.028   1.281   1.00 46.88  ? 141 GLU A OE1 1 
ATOM   1055 O OE2 . GLU A 1 141 ? 17.838  6.470   2.430   1.00 52.98  ? 141 GLU A OE2 1 
ATOM   1056 N N   . ILE A 1 142 ? 11.631  6.105   3.827   1.00 37.94  ? 142 ILE A N   1 
ATOM   1057 C CA  . ILE A 1 142 ? 10.684  7.227   3.874   1.00 39.01  ? 142 ILE A CA  1 
ATOM   1058 C C   . ILE A 1 142 ? 10.178  7.489   5.297   1.00 38.10  ? 142 ILE A C   1 
ATOM   1059 O O   . ILE A 1 142 ? 10.059  8.635   5.719   1.00 38.34  ? 142 ILE A O   1 
ATOM   1060 C CB  . ILE A 1 142 ? 9.458   6.973   2.923   1.00 37.80  ? 142 ILE A CB  1 
ATOM   1061 C CG1 . ILE A 1 142 ? 9.869   7.103   1.462   1.00 39.79  ? 142 ILE A CG1 1 
ATOM   1062 C CG2 . ILE A 1 142 ? 8.323   7.942   3.193   1.00 38.52  ? 142 ILE A CG2 1 
ATOM   1063 C CD1 . ILE A 1 142 ? 8.891   6.395   0.440   1.00 37.89  ? 142 ILE A CD1 1 
ATOM   1064 N N   . ILE A 1 143 ? 9.884   6.428   6.039   1.00 37.29  ? 143 ILE A N   1 
ATOM   1065 C CA  . ILE A 1 143 ? 9.324   6.591   7.382   1.00 42.00  ? 143 ILE A CA  1 
ATOM   1066 C C   . ILE A 1 143 ? 10.385  6.636   8.483   1.00 38.45  ? 143 ILE A C   1 
ATOM   1067 O O   . ILE A 1 143 ? 10.045  6.782   9.658   1.00 40.02  ? 143 ILE A O   1 
ATOM   1068 C CB  . ILE A 1 143 ? 8.348   5.455   7.715   1.00 36.48  ? 143 ILE A CB  1 
ATOM   1069 C CG1 . ILE A 1 143 ? 9.127   4.141   7.884   1.00 36.35  ? 143 ILE A CG1 1 
ATOM   1070 C CG2 . ILE A 1 143 ? 7.277   5.369   6.628   1.00 35.66  ? 143 ILE A CG2 1 
ATOM   1071 C CD1 . ILE A 1 143 ? 8.265   2.913   8.057   1.00 36.06  ? 143 ILE A CD1 1 
ATOM   1072 N N   . GLN A 1 144 ? 11.654  6.512   8.103   1.00 31.98  ? 144 GLN A N   1 
ATOM   1073 C CA  . GLN A 1 144 ? 12.737  6.329   9.071   1.00 37.79  ? 144 GLN A CA  1 
ATOM   1074 C C   . GLN A 1 144 ? 12.804  7.463   10.086  1.00 38.18  ? 144 GLN A C   1 
ATOM   1075 O O   . GLN A 1 144 ? 13.001  7.237   11.292  1.00 38.62  ? 144 GLN A O   1 
ATOM   1076 C CB  . GLN A 1 144 ? 14.075  6.211   8.340   1.00 38.99  ? 144 GLN A CB  1 
ATOM   1077 C CG  . GLN A 1 144 ? 15.291  6.244   9.264   1.00 38.66  ? 144 GLN A CG  1 
ATOM   1078 C CD  . GLN A 1 144 ? 15.397  5.001   10.135  1.00 35.54  ? 144 GLN A CD  1 
ATOM   1079 O OE1 . GLN A 1 144 ? 14.597  4.077   10.014  1.00 34.47  ? 144 GLN A OE1 1 
ATOM   1080 N NE2 . GLN A 1 144 ? 16.386  4.985   11.039  1.00 31.55  ? 144 GLN A NE2 1 
ATOM   1081 N N   . ARG A 1 145 ? 12.631  8.688   9.599   1.00 37.80  ? 145 ARG A N   1 
ATOM   1082 C CA  . ARG A 1 145 ? 12.665  9.856   10.462  1.00 43.36  ? 145 ARG A CA  1 
ATOM   1083 C C   . ARG A 1 145 ? 11.347  10.193  11.129  1.00 46.83  ? 145 ARG A C   1 
ATOM   1084 O O   . ARG A 1 145 ? 11.274  11.114  11.942  1.00 48.80  ? 145 ARG A O   1 
ATOM   1085 C CB  . ARG A 1 145 ? 13.213  11.070  9.672   1.00 43.16  ? 145 ARG A CB  1 
ATOM   1086 C CG  . ARG A 1 145 ? 13.323  12.345  10.491  1.00 43.89  ? 145 ARG A CG  1 
ATOM   1087 C CD  . ARG A 1 145 ? 13.924  13.476  9.674   1.00 44.56  ? 145 ARG A CD  1 
ATOM   1088 N NE  . ARG A 1 145 ? 13.062  13.867  8.562   1.00 46.87  ? 145 ARG A NE  1 
ATOM   1089 C CZ  . ARG A 1 145 ? 12.035  14.702  8.672   1.00 51.42  ? 145 ARG A CZ  1 
ATOM   1090 N NH1 . ARG A 1 145 ? 11.737  15.239  9.847   1.00 47.74  ? 145 ARG A NH1 1 
ATOM   1091 N NH2 . ARG A 1 145 ? 11.304  15.002  7.606   1.00 44.61  ? 145 ARG A NH2 1 
ATOM   1092 N N   . HIS A 1 146 ? 10.281  9.456   10.812  1.00 43.05  ? 146 HIS A N   1 
ATOM   1093 C CA  . HIS A 1 146 ? 8.977   9.776   11.410  1.00 42.57  ? 146 HIS A CA  1 
ATOM   1094 C C   . HIS A 1 146 ? 8.071   8.660   11.969  1.00 44.90  ? 146 HIS A C   1 
ATOM   1095 O O   . HIS A 1 146 ? 6.928   8.939   12.333  1.00 53.90  ? 146 HIS A O   1 
ATOM   1096 C CB  . HIS A 1 146 ? 8.168   10.652  10.444  1.00 54.22  ? 146 HIS A CB  1 
ATOM   1097 C CG  . HIS A 1 146 ? 9.012   11.535  9.580   1.00 50.37  ? 146 HIS A CG  1 
ATOM   1098 N ND1 . HIS A 1 146 ? 8.925   12.911  9.611   1.00 48.04  ? 146 HIS A ND1 1 
ATOM   1099 C CD2 . HIS A 1 146 ? 9.960   11.240  8.658   1.00 45.96  ? 146 HIS A CD2 1 
ATOM   1100 C CE1 . HIS A 1 146 ? 9.783   13.424  8.748   1.00 47.91  ? 146 HIS A CE1 1 
ATOM   1101 N NE2 . HIS A 1 146 ? 10.423  12.432  8.157   1.00 46.25  ? 146 HIS A NE2 1 
ATOM   1102 N N   . LEU A 1 147 ? 8.546   7.421   12.047  1.00 44.61  ? 147 LEU A N   1 
ATOM   1103 C CA  . LEU A 1 147 ? 7.713   6.355   12.585  1.00 42.03  ? 147 LEU A CA  1 
ATOM   1104 C C   . LEU A 1 147 ? 8.559   5.532   13.538  1.00 44.68  ? 147 LEU A C   1 
ATOM   1105 O O   . LEU A 1 147 ? 9.789   5.594   13.508  1.00 44.94  ? 147 LEU A O   1 
ATOM   1106 C CB  . LEU A 1 147 ? 7.065   5.442   11.541  1.00 46.09  ? 147 LEU A CB  1 
ATOM   1107 C CG  . LEU A 1 147 ? 6.008   6.086   10.641  1.00 42.92  ? 147 LEU A CG  1 
ATOM   1108 C CD1 . LEU A 1 147 ? 5.557   5.114   9.561   1.00 46.91  ? 147 LEU A CD1 1 
ATOM   1109 C CD2 . LEU A 1 147 ? 4.823   6.567   11.463  1.00 45.80  ? 147 LEU A CD2 1 
ATOM   1110 N N   . THR A 1 148 ? 7.891   4.759   14.385  1.00 44.36  ? 148 THR A N   1 
ATOM   1111 C CA  . THR A 1 148 ? 8.598   3.917   15.351  1.00 48.36  ? 148 THR A CA  1 
ATOM   1112 C C   . THR A 1 148 ? 8.822   2.493   14.822  1.00 48.23  ? 148 THR A C   1 
ATOM   1113 O O   . THR A 1 148 ? 8.522   2.187   13.662  1.00 46.25  ? 148 THR A O   1 
ATOM   1114 C CB  . THR A 1 148 ? 7.833   3.856   16.705  1.00 42.77  ? 148 THR A CB  1 
ATOM   1115 O OG1 . THR A 1 148 ? 6.438   3.630   16.461  1.00 51.65  ? 148 THR A OG1 1 
ATOM   1116 C CG2 . THR A 1 148 ? 7.967   5.182   17.433  1.00 52.01  ? 148 THR A CG2 1 
ATOM   1117 N N   . ALA A 1 149 ? 9.352   1.624   15.679  1.00 43.46  ? 149 ALA A N   1 
ATOM   1118 C CA  . ALA A 1 149 ? 9.703   0.265   15.280  1.00 41.10  ? 149 ALA A CA  1 
ATOM   1119 C C   . ALA A 1 149 ? 8.513   -0.552  14.815  1.00 45.18  ? 149 ALA A C   1 
ATOM   1120 O O   . ALA A 1 149 ? 8.648   -1.380  13.903  1.00 40.75  ? 149 ALA A O   1 
ATOM   1121 C CB  . ALA A 1 149 ? 10.390  -0.457  16.415  1.00 46.98  ? 149 ALA A CB  1 
ATOM   1122 N N   . LYS A 1 150 ? 7.363   -0.359  15.455  1.00 41.96  ? 150 LYS A N   1 
ATOM   1123 C CA  . LYS A 1 150 ? 6.175   -1.114  15.105  1.00 42.40  ? 150 LYS A CA  1 
ATOM   1124 C C   . LYS A 1 150 ? 5.863   -0.944  13.600  1.00 41.75  ? 150 LYS A C   1 
ATOM   1125 O O   . LYS A 1 150 ? 5.569   -1.914  12.912  1.00 40.83  ? 150 LYS A O   1 
ATOM   1126 C CB  . LYS A 1 150 ? 4.967   -0.676  15.930  1.00 46.47  ? 150 LYS A CB  1 
ATOM   1127 C CG  . LYS A 1 150 ? 5.256   -0.304  17.371  1.00 58.34  ? 150 LYS A CG  1 
ATOM   1128 C CD  . LYS A 1 150 ? 4.102   0.505   17.962  1.00 61.28  ? 150 LYS A CD  1 
ATOM   1129 C CE  . LYS A 1 150 ? 4.442   1.025   19.360  1.00 66.80  ? 150 LYS A CE  1 
ATOM   1130 N NZ  . LYS A 1 150 ? 4.240   -0.018  20.414  1.00 72.72  ? 150 LYS A NZ  1 
ATOM   1131 N N   . SER A 1 151 ? 5.949   0.281   13.100  1.00 40.77  ? 151 SER A N   1 
ATOM   1132 C CA  . SER A 1 151 ? 5.667   0.541   11.683  1.00 43.53  ? 151 SER A CA  1 
ATOM   1133 C C   . SER A 1 151 ? 6.665   -0.131  10.742  1.00 43.07  ? 151 SER A C   1 
ATOM   1134 O O   . SER A 1 151 ? 6.275   -0.622  9.692   1.00 40.74  ? 151 SER A O   1 
ATOM   1135 C CB  . SER A 1 151 ? 5.637   2.040   11.415  1.00 40.48  ? 151 SER A CB  1 
ATOM   1136 O OG  . SER A 1 151 ? 4.459   2.593   11.960  1.00 51.03  ? 151 SER A OG  1 
ATOM   1137 N N   . HIS A 1 152 ? 7.947   -0.148  11.103  1.00 40.72  ? 152 HIS A N   1 
ATOM   1138 C CA  . HIS A 1 152 ? 8.933   -0.891  10.309  1.00 39.59  ? 152 HIS A CA  1 
ATOM   1139 C C   . HIS A 1 152 ? 8.618   -2.400  10.306  1.00 40.61  ? 152 HIS A C   1 
ATOM   1140 O O   . HIS A 1 152 ? 8.819   -3.077  9.295   1.00 40.53  ? 152 HIS A O   1 
ATOM   1141 C CB  . HIS A 1 152 ? 10.363  -0.663  10.834  1.00 39.24  ? 152 HIS A CB  1 
ATOM   1142 C CG  . HIS A 1 152 ? 10.909  0.705   10.570  1.00 40.94  ? 152 HIS A CG  1 
ATOM   1143 N ND1 . HIS A 1 152 ? 11.404  1.083   9.342   1.00 39.25  ? 152 HIS A ND1 1 
ATOM   1144 C CD2 . HIS A 1 152 ? 11.089  1.771   11.392  1.00 39.77  ? 152 HIS A CD2 1 
ATOM   1145 C CE1 . HIS A 1 152 ? 11.836  2.330   9.406   1.00 40.21  ? 152 HIS A CE1 1 
ATOM   1146 N NE2 . HIS A 1 152 ? 11.653  2.773   10.638  1.00 33.44  ? 152 HIS A NE2 1 
ATOM   1147 N N   . GLY A 1 153 ? 8.129   -2.922  11.432  1.00 38.68  ? 153 GLY A N   1 
ATOM   1148 C CA  . GLY A 1 153 ? 7.708   -4.318  11.536  1.00 41.13  ? 153 GLY A CA  1 
ATOM   1149 C C   . GLY A 1 153 ? 6.532   -4.639  10.626  1.00 42.87  ? 153 GLY A C   1 
ATOM   1150 O O   . GLY A 1 153 ? 6.532   -5.649  9.909   1.00 39.01  ? 153 GLY A O   1 
ATOM   1151 N N   . ARG A 1 154 ? 5.523   -3.776  10.649  1.00 40.19  ? 154 ARG A N   1 
ATOM   1152 C CA  . ARG A 1 154 ? 4.396   -3.891  9.721   1.00 40.66  ? 154 ARG A CA  1 
ATOM   1153 C C   . ARG A 1 154 ? 4.860   -3.914  8.265   1.00 41.99  ? 154 ARG A C   1 
ATOM   1154 O O   . ARG A 1 154 ? 4.380   -4.722  7.456   1.00 37.69  ? 154 ARG A O   1 
ATOM   1155 C CB  . ARG A 1 154 ? 3.419   -2.734  9.925   1.00 41.67  ? 154 ARG A CB  1 
ATOM   1156 C CG  . ARG A 1 154 ? 2.612   -2.837  11.189  1.00 46.32  ? 154 ARG A CG  1 
ATOM   1157 C CD  . ARG A 1 154 ? 1.935   -1.516  11.513  1.00 46.83  ? 154 ARG A CD  1 
ATOM   1158 N NE  . ARG A 1 154 ? 1.412   -1.524  12.875  1.00 51.95  ? 154 ARG A NE  1 
ATOM   1159 C CZ  . ARG A 1 154 ? 1.053   -0.434  13.543  1.00 56.10  ? 154 ARG A CZ  1 
ATOM   1160 N NH1 . ARG A 1 154 ? 1.151   0.759   12.972  1.00 54.79  ? 154 ARG A NH1 1 
ATOM   1161 N NH2 . ARG A 1 154 ? 0.595   -0.537  14.786  1.00 59.88  ? 154 ARG A NH2 1 
ATOM   1162 N N   . VAL A 1 155 ? 5.788   -3.023  7.927   1.00 39.89  ? 155 VAL A N   1 
ATOM   1163 C CA  . VAL A 1 155 ? 6.315   -2.995  6.570   1.00 38.61  ? 155 VAL A CA  1 
ATOM   1164 C C   . VAL A 1 155 ? 6.952   -4.344  6.199   1.00 40.50  ? 155 VAL A C   1 
ATOM   1165 O O   . VAL A 1 155 ? 6.710   -4.884  5.113   1.00 39.01  ? 155 VAL A O   1 
ATOM   1166 C CB  . VAL A 1 155 ? 7.331   -1.853  6.389   1.00 41.02  ? 155 VAL A CB  1 
ATOM   1167 C CG1 . VAL A 1 155 ? 8.070   -2.009  5.061   1.00 40.83  ? 155 VAL A CG1 1 
ATOM   1168 C CG2 . VAL A 1 155 ? 6.609   -0.472  6.432   1.00 34.73  ? 155 VAL A CG2 1 
ATOM   1169 N N   . ASN A 1 156 ? 7.743   -4.910  7.100   1.00 37.73  ? 156 ASN A N   1 
ATOM   1170 C CA  . ASN A 1 156 ? 8.376   -6.194  6.824   1.00 40.30  ? 156 ASN A CA  1 
ATOM   1171 C C   . ASN A 1 156 ? 7.408   -7.374  6.804   1.00 38.47  ? 156 ASN A C   1 
ATOM   1172 O O   . ASN A 1 156 ? 7.553   -8.280  5.977   1.00 39.14  ? 156 ASN A O   1 
ATOM   1173 C CB  . ASN A 1 156 ? 9.494   -6.462  7.831   1.00 42.19  ? 156 ASN A CB  1 
ATOM   1174 C CG  . ASN A 1 156 ? 10.726  -5.650  7.529   1.00 43.47  ? 156 ASN A CG  1 
ATOM   1175 O OD1 . ASN A 1 156 ? 10.980  -5.314  6.370   1.00 40.71  ? 156 ASN A OD1 1 
ATOM   1176 N ND2 . ASN A 1 156 ? 11.488  -5.306  8.559   1.00 38.53  ? 156 ASN A ND2 1 
ATOM   1177 N N   . ASN A 1 157 ? 6.419   -7.365  7.690   1.00 36.16  ? 157 ASN A N   1 
ATOM   1178 C CA  . ASN A 1 157 ? 5.414   -8.419  7.690   1.00 39.03  ? 157 ASN A CA  1 
ATOM   1179 C C   . ASN A 1 157 ? 4.638   -8.479  6.362   1.00 37.54  ? 157 ASN A C   1 
ATOM   1180 O O   . ASN A 1 157 ? 4.384   -9.557  5.816   1.00 37.68  ? 157 ASN A O   1 
ATOM   1181 C CB  . ASN A 1 157 ? 4.433   -8.233  8.853   1.00 39.15  ? 157 ASN A CB  1 
ATOM   1182 C CG  . ASN A 1 157 ? 3.539   -9.450  9.036   1.00 44.23  ? 157 ASN A CG  1 
ATOM   1183 O OD1 . ASN A 1 157 ? 4.002   -10.577 8.915   1.00 43.72  ? 157 ASN A OD1 1 
ATOM   1184 N ND2 . ASN A 1 157 ? 2.251   -9.229  9.283   1.00 46.85  ? 157 ASN A ND2 1 
ATOM   1185 N N   . VAL A 1 158 ? 4.264   -7.311  5.849   1.00 40.50  ? 158 VAL A N   1 
ATOM   1186 C CA  . VAL A 1 158 ? 3.542   -7.226  4.578   1.00 36.49  ? 158 VAL A CA  1 
ATOM   1187 C C   . VAL A 1 158 ? 4.407   -7.714  3.432   1.00 36.47  ? 158 VAL A C   1 
ATOM   1188 O O   . VAL A 1 158 ? 4.003   -8.569  2.641   1.00 39.04  ? 158 VAL A O   1 
ATOM   1189 C CB  . VAL A 1 158 ? 3.081   -5.781  4.302   1.00 39.06  ? 158 VAL A CB  1 
ATOM   1190 C CG1 . VAL A 1 158 ? 2.629   -5.596  2.821   1.00 34.09  ? 158 VAL A CG1 1 
ATOM   1191 C CG2 . VAL A 1 158 ? 1.967   -5.410  5.255   1.00 36.87  ? 158 VAL A CG2 1 
ATOM   1192 N N   . PHE A 1 159 ? 5.618   -7.185  3.334   1.00 36.01  ? 159 PHE A N   1 
ATOM   1193 C CA  . PHE A 1 159 ? 6.431   -7.543  2.190   1.00 39.65  ? 159 PHE A CA  1 
ATOM   1194 C C   . PHE A 1 159 ? 7.119   -8.905  2.304   1.00 39.98  ? 159 PHE A C   1 
ATOM   1195 O O   . PHE A 1 159 ? 7.534   -9.454  1.282   1.00 39.07  ? 159 PHE A O   1 
ATOM   1196 C CB  . PHE A 1 159 ? 7.450   -6.446  1.923   1.00 37.71  ? 159 PHE A CB  1 
ATOM   1197 C CG  . PHE A 1 159 ? 6.855   -5.251  1.261   1.00 37.08  ? 159 PHE A CG  1 
ATOM   1198 C CD1 . PHE A 1 159 ? 6.565   -5.270  -0.094  1.00 38.64  ? 159 PHE A CD1 1 
ATOM   1199 C CD2 . PHE A 1 159 ? 6.562   -4.109  1.990   1.00 39.24  ? 159 PHE A CD2 1 
ATOM   1200 C CE1 . PHE A 1 159 ? 6.001   -4.152  -0.715  1.00 38.88  ? 159 PHE A CE1 1 
ATOM   1201 C CE2 . PHE A 1 159 ? 5.999   -3.004  1.379   1.00 38.27  ? 159 PHE A CE2 1 
ATOM   1202 C CZ  . PHE A 1 159 ? 5.722   -3.023  0.034   1.00 39.20  ? 159 PHE A CZ  1 
ATOM   1203 N N   . ASP A 1 160 ? 7.227   -9.462  3.512   1.00 35.05  ? 160 ASP A N   1 
ATOM   1204 C CA  . ASP A 1 160 ? 7.732   -10.826 3.659   1.00 37.64  ? 160 ASP A CA  1 
ATOM   1205 C C   . ASP A 1 160 ? 6.750   -11.834 3.094   1.00 36.01  ? 160 ASP A C   1 
ATOM   1206 O O   . ASP A 1 160 ? 7.160   -12.849 2.551   1.00 37.43  ? 160 ASP A O   1 
ATOM   1207 C CB  . ASP A 1 160 ? 7.996   -11.210 5.118   1.00 39.86  ? 160 ASP A CB  1 
ATOM   1208 C CG  . ASP A 1 160 ? 9.320   -10.671 5.650   1.00 44.37  ? 160 ASP A CG  1 
ATOM   1209 O OD1 . ASP A 1 160 ? 10.090  -10.072 4.871   1.00 46.82  ? 160 ASP A OD1 1 
ATOM   1210 O OD2 . ASP A 1 160 ? 9.586   -10.865 6.854   1.00 37.63  ? 160 ASP A OD2 1 
ATOM   1211 N N   . HIS A 1 161 ? 5.460   -11.583 3.294   1.00 30.18  ? 161 HIS A N   1 
ATOM   1212 C CA  . HIS A 1 161 ? 4.429   -12.499 2.840   1.00 37.38  ? 161 HIS A CA  1 
ATOM   1213 C C   . HIS A 1 161 ? 4.245   -12.424 1.329   1.00 38.26  ? 161 HIS A C   1 
ATOM   1214 O O   . HIS A 1 161 ? 4.070   -13.438 0.656   1.00 39.43  ? 161 HIS A O   1 
ATOM   1215 C CB  . HIS A 1 161 ? 3.096   -12.200 3.525   1.00 38.33  ? 161 HIS A CB  1 
ATOM   1216 C CG  . HIS A 1 161 ? 2.979   -12.764 4.906   1.00 42.81  ? 161 HIS A CG  1 
ATOM   1217 N ND1 . HIS A 1 161 ? 3.394   -12.081 6.026   1.00 40.25  ? 161 HIS A ND1 1 
ATOM   1218 C CD2 . HIS A 1 161 ? 2.472   -13.940 5.348   1.00 42.81  ? 161 HIS A CD2 1 
ATOM   1219 C CE1 . HIS A 1 161 ? 3.161   -12.813 7.098   1.00 43.13  ? 161 HIS A CE1 1 
ATOM   1220 N NE2 . HIS A 1 161 ? 2.589   -13.939 6.717   1.00 43.76  ? 161 HIS A NE2 1 
ATOM   1221 N N   . PHE A 1 162 ? 4.249   -11.214 0.786   1.00 34.28  ? 162 PHE A N   1 
ATOM   1222 C CA  . PHE A 1 162 ? 3.934   -11.090 -0.626  1.00 37.47  ? 162 PHE A CA  1 
ATOM   1223 C C   . PHE A 1 162 ? 5.141   -11.397 -1.508  1.00 33.33  ? 162 PHE A C   1 
ATOM   1224 O O   . PHE A 1 162 ? 4.979   -11.813 -2.648  1.00 32.83  ? 162 PHE A O   1 
ATOM   1225 C CB  . PHE A 1 162 ? 3.352   -9.695  -0.890  1.00 38.10  ? 162 PHE A CB  1 
ATOM   1226 C CG  . PHE A 1 162 ? 1.979   -9.526  -0.308  1.00 37.60  ? 162 PHE A CG  1 
ATOM   1227 C CD1 . PHE A 1 162 ? 0.993   -10.455 -0.576  1.00 44.17  ? 162 PHE A CD1 1 
ATOM   1228 C CD2 . PHE A 1 162 ? 1.689   -8.497  0.544   1.00 44.09  ? 162 PHE A CD2 1 
ATOM   1229 C CE1 . PHE A 1 162 ? -0.265  -10.325 -0.029  1.00 45.54  ? 162 PHE A CE1 1 
ATOM   1230 C CE2 . PHE A 1 162 ? 0.429   -8.359  1.086   1.00 41.04  ? 162 PHE A CE2 1 
ATOM   1231 C CZ  . PHE A 1 162 ? -0.535  -9.267  0.817   1.00 43.23  ? 162 PHE A CZ  1 
ATOM   1232 N N   . SER A 1 163 ? 6.354   -11.216 -0.993  1.00 32.30  ? 163 SER A N   1 
ATOM   1233 C CA  . SER A 1 163 ? 7.525   -11.489 -1.822  1.00 35.40  ? 163 SER A CA  1 
ATOM   1234 C C   . SER A 1 163 ? 7.988   -12.961 -1.687  1.00 36.94  ? 163 SER A C   1 
ATOM   1235 O O   . SER A 1 163 ? 8.924   -13.388 -2.369  1.00 36.42  ? 163 SER A O   1 
ATOM   1236 C CB  . SER A 1 163 ? 8.669   -10.529 -1.478  1.00 33.12  ? 163 SER A CB  1 
ATOM   1237 O OG  . SER A 1 163 ? 9.250   -10.878 -0.237  1.00 37.59  ? 163 SER A OG  1 
ATOM   1238 N N   . ASP A 1 164 ? 7.329   -13.721 -0.813  1.00 34.00  ? 164 ASP A N   1 
ATOM   1239 C CA  . ASP A 1 164 ? 7.630   -15.149 -0.634  1.00 39.91  ? 164 ASP A CA  1 
ATOM   1240 C C   . ASP A 1 164 ? 7.501   -15.878 -1.980  1.00 36.94  ? 164 ASP A C   1 
ATOM   1241 O O   . ASP A 1 164 ? 6.436   -15.890 -2.576  1.00 34.26  ? 164 ASP A O   1 
ATOM   1242 C CB  . ASP A 1 164 ? 6.689   -15.776 0.411   1.00 35.54  ? 164 ASP A CB  1 
ATOM   1243 C CG  . ASP A 1 164 ? 6.941   -17.287 0.627   1.00 33.81  ? 164 ASP A CG  1 
ATOM   1244 O OD1 . ASP A 1 164 ? 6.830   -18.084 -0.323  1.00 42.01  ? 164 ASP A OD1 1 
ATOM   1245 O OD2 . ASP A 1 164 ? 7.210   -17.678 1.771   1.00 38.87  ? 164 ASP A OD2 1 
ATOM   1246 N N   . SER A 1 165 ? 8.600   -16.474 -2.434  1.00 41.66  ? 165 SER A N   1 
ATOM   1247 C CA  . SER A 1 165 ? 8.709   -17.136 -3.734  1.00 42.36  ? 165 SER A CA  1 
ATOM   1248 C C   . SER A 1 165 ? 7.658   -18.215 -3.958  1.00 39.64  ? 165 SER A C   1 
ATOM   1249 O O   . SER A 1 165 ? 7.085   -18.340 -5.047  1.00 40.86  ? 165 SER A O   1 
ATOM   1250 C CB  . SER A 1 165 ? 10.107  -17.755 -3.875  1.00 47.78  ? 165 SER A CB  1 
ATOM   1251 O OG  . SER A 1 165 ? 11.080  -16.759 -4.170  1.00 48.52  ? 165 SER A OG  1 
ATOM   1252 N N   . ASP A 1 166 ? 7.424   -19.009 -2.923  1.00 39.82  ? 166 ASP A N   1 
ATOM   1253 C CA  . ASP A 1 166 ? 6.469   -20.095 -3.004  1.00 39.02  ? 166 ASP A CA  1 
ATOM   1254 C C   . ASP A 1 166 ? 5.046   -19.537 -2.998  1.00 42.43  ? 166 ASP A C   1 
ATOM   1255 O O   . ASP A 1 166 ? 4.161   -20.081 -3.666  1.00 35.37  ? 166 ASP A O   1 
ATOM   1256 C CB  . ASP A 1 166 ? 6.697   -21.098 -1.861  1.00 42.28  ? 166 ASP A CB  1 
ATOM   1257 C CG  . ASP A 1 166 ? 8.068   -21.770 -1.945  1.00 47.18  ? 166 ASP A CG  1 
ATOM   1258 O OD1 . ASP A 1 166 ? 8.445   -22.189 -3.069  1.00 46.83  ? 166 ASP A OD1 1 
ATOM   1259 O OD2 . ASP A 1 166 ? 8.775   -21.875 -0.906  1.00 48.74  ? 166 ASP A OD2 1 
ATOM   1260 N N   . PHE A 1 167 ? 4.819   -18.439 -2.280  1.00 37.98  ? 167 PHE A N   1 
ATOM   1261 C CA  . PHE A 1 167 ? 3.524   -17.760 -2.386  1.00 37.91  ? 167 PHE A CA  1 
ATOM   1262 C C   . PHE A 1 167 ? 3.313   -17.254 -3.815  1.00 35.12  ? 167 PHE A C   1 
ATOM   1263 O O   . PHE A 1 167 ? 2.248   -17.474 -4.419  1.00 34.03  ? 167 PHE A O   1 
ATOM   1264 C CB  . PHE A 1 167 ? 3.397   -16.582 -1.395  1.00 38.58  ? 167 PHE A CB  1 
ATOM   1265 C CG  . PHE A 1 167 ? 2.255   -15.646 -1.730  1.00 34.35  ? 167 PHE A CG  1 
ATOM   1266 C CD1 . PHE A 1 167 ? 0.937   -16.054 -1.569  1.00 39.57  ? 167 PHE A CD1 1 
ATOM   1267 C CD2 . PHE A 1 167 ? 2.499   -14.385 -2.257  1.00 37.74  ? 167 PHE A CD2 1 
ATOM   1268 C CE1 . PHE A 1 167 ? -0.123  -15.225 -1.904  1.00 40.15  ? 167 PHE A CE1 1 
ATOM   1269 C CE2 . PHE A 1 167 ? 1.447   -13.539 -2.591  1.00 35.91  ? 167 PHE A CE2 1 
ATOM   1270 C CZ  . PHE A 1 167 ? 0.132   -13.959 -2.422  1.00 40.87  ? 167 PHE A CZ  1 
ATOM   1271 N N   . LEU A 1 168 ? 4.327   -16.605 -4.380  1.00 33.58  ? 168 LEU A N   1 
ATOM   1272 C CA  . LEU A 1 168 ? 4.169   -16.055 -5.736  1.00 36.17  ? 168 LEU A CA  1 
ATOM   1273 C C   . LEU A 1 168 ? 3.927   -17.133 -6.782  1.00 33.76  ? 168 LEU A C   1 
ATOM   1274 O O   . LEU A 1 168 ? 3.080   -16.976 -7.666  1.00 34.56  ? 168 LEU A O   1 
ATOM   1275 C CB  . LEU A 1 168 ? 5.392   -15.230 -6.119  1.00 35.46  ? 168 LEU A CB  1 
ATOM   1276 C CG  . LEU A 1 168 ? 5.484   -13.908 -5.367  1.00 33.67  ? 168 LEU A CG  1 
ATOM   1277 C CD1 . LEU A 1 168 ? 6.838   -13.270 -5.630  1.00 34.72  ? 168 LEU A CD1 1 
ATOM   1278 C CD2 . LEU A 1 168 ? 4.332   -12.977 -5.773  1.00 32.99  ? 168 LEU A CD2 1 
ATOM   1279 N N   . ALA A 1 169 ? 4.661   -18.235 -6.685  1.00 33.45  ? 169 ALA A N   1 
ATOM   1280 C CA  . ALA A 1 169 ? 4.504   -19.352 -7.630  1.00 34.78  ? 169 ALA A CA  1 
ATOM   1281 C C   . ALA A 1 169 ? 3.100   -19.948 -7.585  1.00 35.70  ? 169 ALA A C   1 
ATOM   1282 O O   . ALA A 1 169 ? 2.564   -20.347 -8.606  1.00 38.64  ? 169 ALA A O   1 
ATOM   1283 C CB  . ALA A 1 169 ? 5.548   -20.445 -7.351  1.00 34.84  ? 169 ALA A CB  1 
ATOM   1284 N N   . ALA A 1 170 ? 2.513   -20.036 -6.397  1.00 36.69  ? 170 ALA A N   1 
ATOM   1285 C CA  . ALA A 1 170 ? 1.159   -20.576 -6.255  1.00 38.59  ? 170 ALA A CA  1 
ATOM   1286 C C   . ALA A 1 170 ? 0.122   -19.602 -6.782  1.00 38.85  ? 170 ALA A C   1 
ATOM   1287 O O   . ALA A 1 170 ? -0.877  -19.988 -7.408  1.00 34.95  ? 170 ALA A O   1 
ATOM   1288 C CB  . ALA A 1 170 ? 0.867   -20.915 -4.790  1.00 40.38  ? 170 ALA A CB  1 
ATOM   1289 N N   . LEU A 1 171 ? 0.346   -18.323 -6.521  1.00 36.82  ? 171 LEU A N   1 
ATOM   1290 C CA  . LEU A 1 171 ? -0.592  -17.313 -6.980  1.00 32.87  ? 171 LEU A CA  1 
ATOM   1291 C C   . LEU A 1 171 ? -0.711  -17.314 -8.505  1.00 31.73  ? 171 LEU A C   1 
ATOM   1292 O O   . LEU A 1 171 ? -1.789  -17.090 -9.047  1.00 33.00  ? 171 LEU A O   1 
ATOM   1293 C CB  . LEU A 1 171 ? -0.168  -15.935 -6.479  1.00 34.13  ? 171 LEU A CB  1 
ATOM   1294 C CG  . LEU A 1 171 ? -1.024  -14.769 -6.980  1.00 37.56  ? 171 LEU A CG  1 
ATOM   1295 C CD1 . LEU A 1 171 ? -2.506  -14.842 -6.552  1.00 36.64  ? 171 LEU A CD1 1 
ATOM   1296 C CD2 . LEU A 1 171 ? -0.395  -13.479 -6.516  1.00 34.96  ? 171 LEU A CD2 1 
ATOM   1297 N N   . TYR A 1 172 ? 0.401   -17.565 -9.191  1.00 28.29  ? 172 TYR A N   1 
ATOM   1298 C CA  . TYR A 1 172 ? 0.416   -17.596 -10.643 1.00 31.39  ? 172 TYR A CA  1 
ATOM   1299 C C   . TYR A 1 172 ? 0.315   -19.015 -11.246 1.00 34.04  ? 172 TYR A C   1 
ATOM   1300 O O   . TYR A 1 172 ? 0.497   -19.206 -12.454 1.00 32.88  ? 172 TYR A O   1 
ATOM   1301 C CB  . TYR A 1 172 ? 1.674   -16.898 -11.135 1.00 32.04  ? 172 TYR A CB  1 
ATOM   1302 C CG  . TYR A 1 172 ? 1.556   -15.392 -11.066 1.00 34.03  ? 172 TYR A CG  1 
ATOM   1303 C CD1 . TYR A 1 172 ? 1.908   -14.697 -9.914  1.00 30.13  ? 172 TYR A CD1 1 
ATOM   1304 C CD2 . TYR A 1 172 ? 1.069   -14.671 -12.151 1.00 31.07  ? 172 TYR A CD2 1 
ATOM   1305 C CE1 . TYR A 1 172 ? 1.796   -13.302 -9.867  1.00 27.85  ? 172 TYR A CE1 1 
ATOM   1306 C CE2 . TYR A 1 172 ? 0.951   -13.309 -12.116 1.00 28.68  ? 172 TYR A CE2 1 
ATOM   1307 C CZ  . TYR A 1 172 ? 1.307   -12.625 -10.974 1.00 33.00  ? 172 TYR A CZ  1 
ATOM   1308 O OH  . TYR A 1 172 ? 1.187   -11.258 -10.952 1.00 31.06  ? 172 TYR A OH  1 
ATOM   1309 N N   . ASN A 1 173 ? 0.022   -19.997 -10.405 1.00 35.49  ? 173 ASN A N   1 
ATOM   1310 C CA  . ASN A 1 173 ? -0.255  -21.365 -10.877 1.00 35.47  ? 173 ASN A CA  1 
ATOM   1311 C C   . ASN A 1 173 ? -1.620  -21.385 -11.551 1.00 38.07  ? 173 ASN A C   1 
ATOM   1312 O O   . ASN A 1 173 ? -2.641  -21.185 -10.889 1.00 37.65  ? 173 ASN A O   1 
ATOM   1313 C CB  . ASN A 1 173 ? -0.214  -22.359 -9.702  1.00 40.55  ? 173 ASN A CB  1 
ATOM   1314 C CG  . ASN A 1 173 ? -0.305  -23.820 -10.151 1.00 40.60  ? 173 ASN A CG  1 
ATOM   1315 O OD1 . ASN A 1 173 ? -0.562  -24.105 -11.309 1.00 41.48  ? 173 ASN A OD1 1 
ATOM   1316 N ND2 . ASN A 1 173 ? -0.096  -24.740 -9.221  1.00 41.77  ? 173 ASN A ND2 1 
ATOM   1317 N N   . PRO A 1 174 ? -1.658  -21.610 -12.873 1.00 40.32  ? 174 PRO A N   1 
ATOM   1318 C CA  . PRO A 1 174 ? -2.948  -21.500 -13.553 1.00 42.23  ? 174 PRO A CA  1 
ATOM   1319 C C   . PRO A 1 174 ? -3.826  -22.730 -13.331 1.00 44.57  ? 174 PRO A C   1 
ATOM   1320 O O   . PRO A 1 174 ? -4.953  -22.759 -13.833 1.00 43.51  ? 174 PRO A O   1 
ATOM   1321 C CB  . PRO A 1 174 ? -2.553  -21.381 -15.030 1.00 42.03  ? 174 PRO A CB  1 
ATOM   1322 C CG  . PRO A 1 174 ? -1.295  -22.149 -15.126 1.00 41.07  ? 174 PRO A CG  1 
ATOM   1323 C CD  . PRO A 1 174 ? -0.586  -22.019 -13.798 1.00 40.41  ? 174 PRO A CD  1 
ATOM   1324 N N   . PHE A 1 175 ? -3.327  -23.715 -12.586 1.00 44.31  ? 175 PHE A N   1 
ATOM   1325 C CA  . PHE A 1 175 ? -4.029  -25.003 -12.486 1.00 46.98  ? 175 PHE A CA  1 
ATOM   1326 C C   . PHE A 1 175 ? -4.653  -25.232 -11.119 1.00 46.52  ? 175 PHE A C   1 
ATOM   1327 O O   . PHE A 1 175 ? -5.377  -26.213 -10.927 1.00 52.56  ? 175 PHE A O   1 
ATOM   1328 C CB  . PHE A 1 175 ? -3.079  -26.158 -12.832 1.00 44.81  ? 175 PHE A CB  1 
ATOM   1329 C CG  . PHE A 1 175 ? -2.538  -26.082 -14.227 1.00 40.89  ? 175 PHE A CG  1 
ATOM   1330 C CD1 . PHE A 1 175 ? -3.374  -26.262 -15.312 1.00 46.90  ? 175 PHE A CD1 1 
ATOM   1331 C CD2 . PHE A 1 175 ? -1.205  -25.801 -14.452 1.00 42.86  ? 175 PHE A CD2 1 
ATOM   1332 C CE1 . PHE A 1 175 ? -2.890  -26.163 -16.603 1.00 45.16  ? 175 PHE A CE1 1 
ATOM   1333 C CE2 . PHE A 1 175 ? -0.712  -25.703 -15.734 1.00 39.58  ? 175 PHE A CE2 1 
ATOM   1334 C CZ  . PHE A 1 175 ? -1.557  -25.887 -16.813 1.00 44.07  ? 175 PHE A CZ  1 
ATOM   1335 N N   . GLY A 1 176 ? -4.398  -24.314 -10.189 1.00 47.70  ? 176 GLY A N   1 
ATOM   1336 C CA  . GLY A 1 176 ? -4.793  -24.489 -8.800  1.00 49.29  ? 176 GLY A CA  1 
ATOM   1337 C C   . GLY A 1 176 ? -5.863  -23.529 -8.307  1.00 50.74  ? 176 GLY A C   1 
ATOM   1338 O O   . GLY A 1 176 ? -6.460  -22.788 -9.095  1.00 49.68  ? 176 GLY A O   1 
ATOM   1339 N N   . LYS A 1 177 ? -6.097  -23.547 -6.996  1.00 48.27  ? 177 LYS A N   1 
ATOM   1340 C CA  . LYS A 1 177 ? -7.134  -22.741 -6.356  1.00 54.20  ? 177 LYS A CA  1 
ATOM   1341 C C   . LYS A 1 177 ? -7.018  -21.241 -6.653  1.00 49.28  ? 177 LYS A C   1 
ATOM   1342 O O   . LYS A 1 177 ? -8.008  -20.511 -6.611  1.00 51.07  ? 177 LYS A O   1 
ATOM   1343 C CB  . LYS A 1 177 ? -7.085  -22.946 -4.835  1.00 55.83  ? 177 LYS A CB  1 
ATOM   1344 C CG  . LYS A 1 177 ? -7.209  -24.401 -4.380  1.00 63.31  ? 177 LYS A CG  1 
ATOM   1345 C CD  . LYS A 1 177 ? -8.485  -25.053 -4.895  1.00 64.02  ? 177 LYS A CD  1 
ATOM   1346 C CE  . LYS A 1 177 ? -8.436  -26.576 -4.735  1.00 65.53  ? 177 LYS A CE  1 
ATOM   1347 N NZ  . LYS A 1 177 ? -7.328  -27.205 -5.519  1.00 65.00  ? 177 LYS A NZ  1 
ATOM   1348 N N   . PHE A 1 178 ? -5.802  -20.790 -6.943  1.00 44.44  ? 178 PHE A N   1 
ATOM   1349 C CA  . PHE A 1 178 ? -5.495  -19.352 -6.991  1.00 46.01  ? 178 PHE A CA  1 
ATOM   1350 C C   . PHE A 1 178 ? -5.894  -18.655 -8.274  1.00 46.16  ? 178 PHE A C   1 
ATOM   1351 O O   . PHE A 1 178 ? -6.014  -17.429 -8.282  1.00 44.06  ? 178 PHE A O   1 
ATOM   1352 C CB  . PHE A 1 178 ? -4.004  -19.136 -6.764  1.00 39.88  ? 178 PHE A CB  1 
ATOM   1353 C CG  . PHE A 1 178 ? -3.580  -19.410 -5.368  1.00 45.02  ? 178 PHE A CG  1 
ATOM   1354 C CD1 . PHE A 1 178 ? -3.186  -20.681 -4.991  1.00 43.25  ? 178 PHE A CD1 1 
ATOM   1355 C CD2 . PHE A 1 178 ? -3.584  -18.394 -4.418  1.00 41.68  ? 178 PHE A CD2 1 
ATOM   1356 C CE1 . PHE A 1 178 ? -2.795  -20.939 -3.678  1.00 45.58  ? 178 PHE A CE1 1 
ATOM   1357 C CE2 . PHE A 1 178 ? -3.192  -18.644 -3.114  1.00 45.37  ? 178 PHE A CE2 1 
ATOM   1358 C CZ  . PHE A 1 178 ? -2.799  -19.916 -2.743  1.00 47.30  ? 178 PHE A CZ  1 
ATOM   1359 N N   . LYS A 1 179 ? -6.094  -19.417 -9.353  1.00 41.42  ? 179 LYS A N   1 
ATOM   1360 C CA  . LYS A 1 179 ? -6.400  -18.800 -10.653 1.00 42.90  ? 179 LYS A CA  1 
ATOM   1361 C C   . LYS A 1 179 ? -7.555  -17.788 -10.590 1.00 43.39  ? 179 LYS A C   1 
ATOM   1362 O O   . LYS A 1 179 ? -7.406  -16.662 -11.061 1.00 45.59  ? 179 LYS A O   1 
ATOM   1363 C CB  . LYS A 1 179 ? -6.698  -19.875 -11.716 1.00 45.21  ? 179 LYS A CB  1 
ATOM   1364 C CG  . LYS A 1 179 ? -7.142  -19.315 -13.072 1.00 45.52  ? 179 LYS A CG  1 
ATOM   1365 C CD  . LYS A 1 179 ? -7.612  -20.424 -14.020 1.00 50.25  ? 179 LYS A CD  1 
ATOM   1366 C CE  . LYS A 1 179 ? -8.057  -19.850 -15.367 1.00 55.33  ? 179 LYS A CE  1 
ATOM   1367 N NZ  . LYS A 1 179 ? -7.696  -20.749 -16.500 1.00 57.75  ? 179 LYS A NZ  1 
ATOM   1368 N N   . PRO A 1 180 ? -8.707  -18.166 -10.002 1.00 44.36  ? 180 PRO A N   1 
ATOM   1369 C CA  . PRO A 1 180 ? -9.771  -17.154 -9.997  1.00 40.33  ? 180 PRO A CA  1 
ATOM   1370 C C   . PRO A 1 180 ? -9.476  -15.975 -9.070  1.00 44.01  ? 180 PRO A C   1 
ATOM   1371 O O   . PRO A 1 180 ? -10.067 -14.915 -9.226  1.00 43.55  ? 180 PRO A O   1 
ATOM   1372 C CB  . PRO A 1 180 ? -10.993 -17.931 -9.500  1.00 47.38  ? 180 PRO A CB  1 
ATOM   1373 C CG  . PRO A 1 180 ? -10.443 -19.096 -8.764  1.00 43.70  ? 180 PRO A CG  1 
ATOM   1374 C CD  . PRO A 1 180 ? -9.164  -19.447 -9.434  1.00 42.62  ? 180 PRO A CD  1 
ATOM   1375 N N   . HIS A 1 181 ? -8.582  -16.154 -8.109  1.00 43.94  ? 181 HIS A N   1 
ATOM   1376 C CA  . HIS A 1 181 ? -8.226  -15.042 -7.241  1.00 45.24  ? 181 HIS A CA  1 
ATOM   1377 C C   . HIS A 1 181 ? -7.330  -14.073 -7.987  1.00 41.60  ? 181 HIS A C   1 
ATOM   1378 O O   . HIS A 1 181 ? -7.471  -12.862 -7.844  1.00 43.03  ? 181 HIS A O   1 
ATOM   1379 C CB  . HIS A 1 181 ? -7.539  -15.533 -5.973  1.00 46.43  ? 181 HIS A CB  1 
ATOM   1380 C CG  . HIS A 1 181 ? -8.456  -16.256 -5.042  1.00 52.75  ? 181 HIS A CG  1 
ATOM   1381 N ND1 . HIS A 1 181 ? -9.346  -15.601 -4.218  1.00 54.67  ? 181 HIS A ND1 1 
ATOM   1382 C CD2 . HIS A 1 181 ? -8.628  -17.580 -4.807  1.00 49.13  ? 181 HIS A CD2 1 
ATOM   1383 C CE1 . HIS A 1 181 ? -10.028 -16.491 -3.519  1.00 53.97  ? 181 HIS A CE1 1 
ATOM   1384 N NE2 . HIS A 1 181 ? -9.612  -17.696 -3.858  1.00 50.80  ? 181 HIS A NE2 1 
ATOM   1385 N N   . LEU A 1 182 ? -6.404  -14.614 -8.774  1.00 35.65  ? 182 LEU A N   1 
ATOM   1386 C CA  . LEU A 1 182 ? -5.491  -13.788 -9.540  1.00 37.59  ? 182 LEU A CA  1 
ATOM   1387 C C   . LEU A 1 182 ? -6.277  -12.947 -10.537 1.00 39.72  ? 182 LEU A C   1 
ATOM   1388 O O   . LEU A 1 182 ? -6.033  -11.744 -10.710 1.00 38.78  ? 182 LEU A O   1 
ATOM   1389 C CB  . LEU A 1 182 ? -4.458  -14.647 -10.258 1.00 38.36  ? 182 LEU A CB  1 
ATOM   1390 C CG  . LEU A 1 182 ? -3.437  -13.849 -11.067 1.00 36.34  ? 182 LEU A CG  1 
ATOM   1391 C CD1 . LEU A 1 182 ? -2.650  -12.891 -10.139 1.00 36.33  ? 182 LEU A CD1 1 
ATOM   1392 C CD2 . LEU A 1 182 ? -2.507  -14.819 -11.768 1.00 35.11  ? 182 LEU A CD2 1 
ATOM   1393 N N   . GLN A 1 183 ? -7.247  -13.577 -11.177 1.00 37.09  ? 183 GLN A N   1 
ATOM   1394 C CA  . GLN A 1 183 ? -8.121  -12.855 -12.084 1.00 40.64  ? 183 GLN A CA  1 
ATOM   1395 C C   . GLN A 1 183 ? -8.851  -11.694 -11.382 1.00 38.47  ? 183 GLN A C   1 
ATOM   1396 O O   . GLN A 1 183 ? -8.835  -10.569 -11.872 1.00 38.90  ? 183 GLN A O   1 
ATOM   1397 C CB  . GLN A 1 183 ? -9.110  -13.831 -12.713 1.00 40.26  ? 183 GLN A CB  1 
ATOM   1398 C CG  . GLN A 1 183 ? -10.171 -13.179 -13.558 1.00 41.53  ? 183 GLN A CG  1 
ATOM   1399 C CD  . GLN A 1 183 ? -11.005 -14.199 -14.301 1.00 49.50  ? 183 GLN A CD  1 
ATOM   1400 O OE1 . GLN A 1 183 ? -10.519 -15.283 -14.671 1.00 46.20  ? 183 GLN A OE1 1 
ATOM   1401 N NE2 . GLN A 1 183 ? -12.271 -13.865 -14.523 1.00 50.50  ? 183 GLN A NE2 1 
ATOM   1402 N N   . LYS A 1 184 ? -9.476  -11.953 -10.237 1.00 42.19  ? 184 LYS A N   1 
ATOM   1403 C CA  . LYS A 1 184 ? -10.158 -10.888 -9.480  1.00 42.39  ? 184 LYS A CA  1 
ATOM   1404 C C   . LYS A 1 184 ? -9.194  -9.804  -9.000  1.00 41.30  ? 184 LYS A C   1 
ATOM   1405 O O   . LYS A 1 184 ? -9.483  -8.612  -9.113  1.00 38.37  ? 184 LYS A O   1 
ATOM   1406 C CB  . LYS A 1 184 ? -10.896 -11.458 -8.257  1.00 49.46  ? 184 LYS A CB  1 
ATOM   1407 C CG  . LYS A 1 184 ? -12.112 -12.327 -8.560  1.00 51.95  ? 184 LYS A CG  1 
ATOM   1408 C CD  . LYS A 1 184 ? -12.714 -12.902 -7.264  1.00 55.00  ? 184 LYS A CD  1 
ATOM   1409 C CE  . LYS A 1 184 ? -13.939 -13.776 -7.545  1.00 60.15  ? 184 LYS A CE  1 
ATOM   1410 N NZ  . LYS A 1 184 ? -14.496 -14.399 -6.295  1.00 58.43  ? 184 LYS A NZ  1 
ATOM   1411 N N   . LEU A 1 185 ? -8.063  -10.227 -8.440  1.00 42.11  ? 185 LEU A N   1 
ATOM   1412 C CA  . LEU A 1 185 ? -7.028  -9.289  -7.992  1.00 39.63  ? 185 LEU A CA  1 
ATOM   1413 C C   . LEU A 1 185 ? -6.628  -8.356  -9.140  1.00 38.87  ? 185 LEU A C   1 
ATOM   1414 O O   . LEU A 1 185 ? -6.581  -7.132  -8.985  1.00 34.59  ? 185 LEU A O   1 
ATOM   1415 C CB  . LEU A 1 185 ? -5.800  -10.055 -7.462  1.00 36.82  ? 185 LEU A CB  1 
ATOM   1416 C CG  . LEU A 1 185 ? -4.614  -9.193  -7.004  1.00 41.42  ? 185 LEU A CG  1 
ATOM   1417 C CD1 . LEU A 1 185 ? -5.078  -8.176  -5.977  1.00 38.38  ? 185 LEU A CD1 1 
ATOM   1418 C CD2 . LEU A 1 185 ? -3.491  -10.047 -6.421  1.00 41.14  ? 185 LEU A CD2 1 
ATOM   1419 N N   . CYS A 1 186 ? -6.379  -8.939  -10.310 1.00 37.05  ? 186 CYS A N   1 
ATOM   1420 C CA  . CYS A 1 186 ? -5.942  -8.164  -11.471 1.00 35.20  ? 186 CYS A CA  1 
ATOM   1421 C C   . CYS A 1 186 ? -6.994  -7.189  -11.959 1.00 33.86  ? 186 CYS A C   1 
ATOM   1422 O O   . CYS A 1 186 ? -6.663  -6.113  -12.444 1.00 34.48  ? 186 CYS A O   1 
ATOM   1423 C CB  . CYS A 1 186 ? -5.553  -9.095  -12.612 1.00 36.09  ? 186 CYS A CB  1 
ATOM   1424 S SG  . CYS A 1 186 ? -3.914  -9.790  -12.415 1.00 34.01  ? 186 CYS A SG  1 
ATOM   1425 N N   . ASP A 1 187 ? -8.263  -7.583  -11.858 1.00 38.10  ? 187 ASP A N   1 
ATOM   1426 C CA  . ASP A 1 187 ? -9.374  -6.710  -12.236 1.00 35.49  ? 187 ASP A CA  1 
ATOM   1427 C C   . ASP A 1 187 ? -9.353  -5.490  -11.326 1.00 35.32  ? 187 ASP A C   1 
ATOM   1428 O O   . ASP A 1 187 ? -9.494  -4.360  -11.774 1.00 36.59  ? 187 ASP A O   1 
ATOM   1429 C CB  . ASP A 1 187 ? -10.719 -7.439  -12.114 1.00 36.06  ? 187 ASP A CB  1 
ATOM   1430 C CG  . ASP A 1 187 ? -10.981 -8.414  -13.266 1.00 41.32  ? 187 ASP A CG  1 
ATOM   1431 O OD1 . ASP A 1 187 ? -10.396 -8.256  -14.344 1.00 36.51  ? 187 ASP A OD1 1 
ATOM   1432 O OD2 . ASP A 1 187 ? -11.802 -9.334  -13.101 1.00 46.46  ? 187 ASP A OD2 1 
ATOM   1433 N N   . GLY A 1 188 ? -9.178  -5.736  -10.037 1.00 35.09  ? 188 GLY A N   1 
ATOM   1434 C CA  . GLY A 1 188 ? -9.133  -4.664  -9.056  1.00 34.75  ? 188 GLY A CA  1 
ATOM   1435 C C   . GLY A 1 188 ? -7.939  -3.755  -9.241  1.00 31.89  ? 188 GLY A C   1 
ATOM   1436 O O   . GLY A 1 188 ? -8.065  -2.535  -9.179  1.00 37.33  ? 188 GLY A O   1 
ATOM   1437 N N   . ILE A 1 189 ? -6.757  -4.336  -9.436  1.00 29.06  ? 189 ILE A N   1 
ATOM   1438 C CA  . ILE A 1 189 ? -5.571  -3.507  -9.661  1.00 32.17  ? 189 ILE A CA  1 
ATOM   1439 C C   . ILE A 1 189 ? -5.757  -2.626  -10.905 1.00 37.03  ? 189 ILE A C   1 
ATOM   1440 O O   . ILE A 1 189 ? -5.546  -1.421  -10.872 1.00 34.73  ? 189 ILE A O   1 
ATOM   1441 C CB  . ILE A 1 189 ? -4.312  -4.381  -9.801  1.00 28.52  ? 189 ILE A CB  1 
ATOM   1442 C CG1 . ILE A 1 189 ? -3.942  -4.983  -8.448  1.00 31.11  ? 189 ILE A CG1 1 
ATOM   1443 C CG2 . ILE A 1 189 ? -3.147  -3.572  -10.348 1.00 30.63  ? 189 ILE A CG2 1 
ATOM   1444 C CD1 . ILE A 1 189 ? -2.748  -5.935  -8.487  1.00 31.60  ? 189 ILE A CD1 1 
ATOM   1445 N N   . ASN A 1 190 ? -6.194  -3.241  -11.997 1.00 33.76  ? 190 ASN A N   1 
ATOM   1446 C CA  . ASN A 1 190 ? -6.432  -2.523  -13.247 1.00 31.81  ? 190 ASN A CA  1 
ATOM   1447 C C   . ASN A 1 190 ? -7.437  -1.398  -13.076 1.00 33.14  ? 190 ASN A C   1 
ATOM   1448 O O   . ASN A 1 190 ? -7.252  -0.307  -13.598 1.00 34.99  ? 190 ASN A O   1 
ATOM   1449 C CB  . ASN A 1 190 ? -6.919  -3.491  -14.323 1.00 32.24  ? 190 ASN A CB  1 
ATOM   1450 C CG  . ASN A 1 190 ? -5.774  -4.201  -15.038 1.00 33.89  ? 190 ASN A CG  1 
ATOM   1451 O OD1 . ASN A 1 190 ? -4.758  -3.586  -15.404 1.00 31.73  ? 190 ASN A OD1 1 
ATOM   1452 N ND2 . ASN A 1 190 ? -5.945  -5.499  -15.267 1.00 32.28  ? 190 ASN A ND2 1 
ATOM   1453 N N   . LYS A 1 191 ? -8.501  -1.657  -12.333 1.00 32.75  ? 191 LYS A N   1 
ATOM   1454 C CA  . LYS A 1 191 ? -9.442  -0.588  -11.996 1.00 38.57  ? 191 LYS A CA  1 
ATOM   1455 C C   . LYS A 1 191 ? -8.765  0.606   -11.279 1.00 39.17  ? 191 LYS A C   1 
ATOM   1456 O O   . LYS A 1 191 ? -9.030  1.761   -11.602 1.00 41.01  ? 191 LYS A O   1 
ATOM   1457 C CB  . LYS A 1 191 ? -10.569 -1.162  -11.136 1.00 41.77  ? 191 LYS A CB  1 
ATOM   1458 C CG  . LYS A 1 191 ? -11.745 -0.240  -10.971 1.00 51.41  ? 191 LYS A CG  1 
ATOM   1459 C CD  . LYS A 1 191 ? -13.039 -1.045  -10.873 1.00 57.17  ? 191 LYS A CD  1 
ATOM   1460 C CE  . LYS A 1 191 ? -14.232 -0.158  -11.194 1.00 61.49  ? 191 LYS A CE  1 
ATOM   1461 N NZ  . LYS A 1 191 ? -14.063 1.182   -10.568 1.00 58.93  ? 191 LYS A NZ  1 
ATOM   1462 N N   . MET A 1 192 ? -7.873  0.334   -10.326 1.00 37.77  ? 192 MET A N   1 
ATOM   1463 C CA  . MET A 1 192 ? -7.163  1.403   -9.618  1.00 41.21  ? 192 MET A CA  1 
ATOM   1464 C C   . MET A 1 192 ? -6.245  2.170   -10.568 1.00 40.97  ? 192 MET A C   1 
ATOM   1465 O O   . MET A 1 192 ? -6.186  3.405   -10.557 1.00 36.98  ? 192 MET A O   1 
ATOM   1466 C CB  . MET A 1 192 ? -6.340  0.834   -8.454  1.00 37.48  ? 192 MET A CB  1 
ATOM   1467 C CG  . MET A 1 192 ? -7.161  0.235   -7.333  1.00 43.21  ? 192 MET A CG  1 
ATOM   1468 S SD  . MET A 1 192 ? -6.116  -0.276  -5.951  1.00 49.21  ? 192 MET A SD  1 
ATOM   1469 C CE  . MET A 1 192 ? -5.240  1.244   -5.620  1.00 48.32  ? 192 MET A CE  1 
ATOM   1470 N N   . LEU A 1 193 ? -5.523  1.411   -11.383 1.00 36.19  ? 193 LEU A N   1 
ATOM   1471 C CA  . LEU A 1 193 ? -4.655  1.974   -12.406 1.00 34.19  ? 193 LEU A CA  1 
ATOM   1472 C C   . LEU A 1 193 ? -5.447  2.841   -13.381 1.00 34.89  ? 193 LEU A C   1 
ATOM   1473 O O   . LEU A 1 193 ? -5.008  3.934   -13.761 1.00 35.59  ? 193 LEU A O   1 
ATOM   1474 C CB  . LEU A 1 193 ? -3.947  0.841   -13.168 1.00 35.68  ? 193 LEU A CB  1 
ATOM   1475 C CG  . LEU A 1 193 ? -2.800  0.156   -12.424 1.00 33.85  ? 193 LEU A CG  1 
ATOM   1476 C CD1 . LEU A 1 193 ? -2.445  -1.191  -13.076 1.00 27.87  ? 193 LEU A CD1 1 
ATOM   1477 C CD2 . LEU A 1 193 ? -1.582  1.075   -12.390 1.00 33.79  ? 193 LEU A CD2 1 
ATOM   1478 N N   . ASP A 1 194 ? -6.609  2.348   -13.801 1.00 37.81  ? 194 ASP A N   1 
ATOM   1479 C CA  . ASP A 1 194 ? -7.405  3.055   -14.814 1.00 37.81  ? 194 ASP A CA  1 
ATOM   1480 C C   . ASP A 1 194 ? -7.995  4.366   -14.263 1.00 39.53  ? 194 ASP A C   1 
ATOM   1481 O O   . ASP A 1 194 ? -8.176  5.336   -15.013 1.00 39.24  ? 194 ASP A O   1 
ATOM   1482 C CB  . ASP A 1 194 ? -8.537  2.165   -15.333 1.00 33.58  ? 194 ASP A CB  1 
ATOM   1483 C CG  . ASP A 1 194 ? -8.037  1.032   -16.235 1.00 34.81  ? 194 ASP A CG  1 
ATOM   1484 O OD1 . ASP A 1 194 ? -6.876  1.080   -16.683 1.00 32.44  ? 194 ASP A OD1 1 
ATOM   1485 O OD2 . ASP A 1 194 ? -8.815  0.097   -16.505 1.00 32.96  ? 194 ASP A OD2 1 
ATOM   1486 N N   . GLU A 1 195 ? -8.312  4.363   -12.967 1.00 35.60  ? 195 GLU A N   1 
ATOM   1487 C CA  . GLU A 1 195 ? -8.775  5.552   -12.238 1.00 40.97  ? 195 GLU A CA  1 
ATOM   1488 C C   . GLU A 1 195 ? -7.633  6.452   -11.841 1.00 45.09  ? 195 GLU A C   1 
ATOM   1489 O O   . GLU A 1 195 ? -7.857  7.509   -11.255 1.00 49.84  ? 195 GLU A O   1 
ATOM   1490 C CB  . GLU A 1 195 ? -9.508  5.166   -10.948 1.00 46.45  ? 195 GLU A CB  1 
ATOM   1491 C CG  . GLU A 1 195 ? -10.885 4.589   -11.085 1.00 52.14  ? 195 GLU A CG  1 
ATOM   1492 C CD  . GLU A 1 195 ? -11.393 4.023   -9.769  1.00 58.24  ? 195 GLU A CD  1 
ATOM   1493 O OE1 . GLU A 1 195 ? -11.047 4.578   -8.706  1.00 61.11  ? 195 GLU A OE1 1 
ATOM   1494 O OE2 . GLU A 1 195 ? -12.129 3.011   -9.802  1.00 66.92  ? 195 GLU A OE2 1 
ATOM   1495 N N   . GLU A 1 196 ? -6.409  5.990   -12.076 1.00 42.59  ? 196 GLU A N   1 
ATOM   1496 C CA  . GLU A 1 196 ? -5.191  6.711   -11.700 1.00 42.82  ? 196 GLU A CA  1 
ATOM   1497 C C   . GLU A 1 196 ? -5.074  6.919   -10.186 1.00 45.63  ? 196 GLU A C   1 
ATOM   1498 O O   . GLU A 1 196 ? -4.702  7.999   -9.714  1.00 42.96  ? 196 GLU A O   1 
ATOM   1499 C CB  . GLU A 1 196 ? -5.127  8.044   -12.442 1.00 46.93  ? 196 GLU A CB  1 
ATOM   1500 C CG  . GLU A 1 196 ? -5.462  7.882   -13.928 1.00 48.05  ? 196 GLU A CG  1 
ATOM   1501 C CD  . GLU A 1 196 ? -5.218  9.136   -14.717 1.00 53.76  ? 196 GLU A CD  1 
ATOM   1502 O OE1 . GLU A 1 196 ? -4.077  9.647   -14.702 1.00 60.13  ? 196 GLU A OE1 1 
ATOM   1503 O OE2 . GLU A 1 196 ? -6.174  9.615   -15.346 1.00 57.88  ? 196 GLU A OE2 1 
ATOM   1504 N N   . ASN A 1 197 ? -5.392  5.869   -9.430  1.00 45.24  ? 197 ASN A N   1 
ATOM   1505 C CA  . ASN A 1 197 ? -5.175  5.862   -7.987  1.00 49.71  ? 197 ASN A CA  1 
ATOM   1506 C C   . ASN A 1 197 ? -3.881  5.152   -7.604  1.00 50.08  ? 197 ASN A C   1 
ATOM   1507 O O   . ASN A 1 197 ? -3.505  5.182   -6.449  1.00 53.70  ? 197 ASN A O   1 
ATOM   1508 C CB  . ASN A 1 197 ? -6.333  5.178   -7.252  1.00 50.29  ? 197 ASN A CB  1 
ATOM   1509 C CG  . ASN A 1 197 ? -7.642  5.919   -7.379  1.00 52.38  ? 197 ASN A CG  1 
ATOM   1510 O OD1 . ASN A 1 197 ? -7.683  7.146   -7.439  1.00 49.31  ? 197 ASN A OD1 1 
ATOM   1511 N ND2 . ASN A 1 197 ? -8.732  5.166   -7.422  1.00 59.42  ? 197 ASN A ND2 1 
ATOM   1512 N N   . ILE A 1 198 ? -3.222  4.527   -8.574  1.00 44.66  ? 198 ILE A N   1 
ATOM   1513 C CA  . ILE A 1 198 ? -1.975  3.817   -8.319  1.00 45.82  ? 198 ILE A CA  1 
ATOM   1514 C C   . ILE A 1 198 ? -1.132  3.709   -9.586  1.00 45.43  ? 198 ILE A C   1 
ATOM   1515 O O   . ILE A 1 198 ? 0.084   3.533   -9.522  1.00 46.70  ? 198 ILE A O   1 
ATOM   1516 C CB  . ILE A 1 198 ? -2.233  2.404   -7.764  1.00 46.58  ? 198 ILE A CB  1 
ATOM   1517 C CG1 . ILE A 1 198 ? -0.914  1.738   -7.366  1.00 45.78  ? 198 ILE A CG1 1 
ATOM   1518 C CG2 . ILE A 1 198 ? -2.977  1.557   -8.785  1.00 41.48  ? 198 ILE A CG2 1 
ATOM   1519 C CD1 . ILE A 1 198 ? -1.088  0.488   -6.533  1.00 56.35  ? 198 ILE A CD1 1 
HETATM 1520 C C01 . 6OU B 2 .   ? 0.263   -4.661  -6.538  1.00 38.43  ? 201 6OU A C01 1 
HETATM 1521 C C02 . 6OU B 2 .   ? -0.148  -3.281  -5.980  1.00 38.27  ? 201 6OU A C02 1 
HETATM 1522 C C03 . 6OU B 2 .   ? -1.433  -3.416  -5.143  1.00 46.53  ? 201 6OU A C03 1 
HETATM 1523 C C04 . 6OU B 2 .   ? -1.782  -2.135  -4.358  1.00 48.07  ? 201 6OU A C04 1 
HETATM 1524 C C05 . 6OU B 2 .   ? -2.712  -2.459  -3.204  1.00 52.75  ? 201 6OU A C05 1 
HETATM 1525 C C06 . 6OU B 2 .   ? -3.346  -1.183  -2.694  1.00 54.88  ? 201 6OU A C06 1 
HETATM 1526 C C07 . 6OU B 2 .   ? -4.149  -1.331  -1.355  1.00 51.23  ? 201 6OU A C07 1 
HETATM 1527 C C08 . 6OU B 2 .   ? -4.246  0.017   -0.597  1.00 52.94  ? 201 6OU A C08 1 
HETATM 1528 C C09 . 6OU B 2 .   ? -4.444  1.193   -1.551  1.00 59.14  ? 201 6OU A C09 1 
HETATM 1529 C C10 . 6OU B 2 .   ? -3.710  2.436   -1.056  1.00 60.64  ? 201 6OU A C10 1 
HETATM 1530 C C11 . 6OU B 2 .   ? -3.316  3.363   -2.186  1.00 61.27  ? 201 6OU A C11 1 
HETATM 1531 C C12 . 6OU B 2 .   ? -4.474  4.285   -2.532  1.00 69.86  ? 201 6OU A C12 1 
HETATM 1532 C C13 . 6OU B 2 .   ? -4.063  5.772   -2.452  1.00 77.76  ? 201 6OU A C13 1 
HETATM 1533 C C14 . 6OU B 2 .   ? -3.003  6.139   -3.533  1.00 77.68  ? 201 6OU A C14 1 
HETATM 1534 C C15 . 6OU B 2 .   ? -3.347  7.375   -4.358  1.00 79.65  ? 201 6OU A C15 1 
HETATM 1535 C C16 . 6OU B 2 .   ? -3.724  8.615   -3.548  1.00 86.81  ? 201 6OU A C16 1 
HETATM 1536 O O17 . 6OU B 2 .   ? -4.884  9.020   -3.599  1.00 88.88  ? 201 6OU A O17 1 
HETATM 1537 O O18 . 6OU B 2 .   ? -2.737  9.323   -2.744  1.00 88.97  ? 201 6OU A O18 1 
HETATM 1538 C C19 . 6OU B 2 .   ? -1.464  8.684   -2.461  1.00 84.19  ? 201 6OU A C19 1 
HETATM 1539 C C20 . 6OU B 2 .   ? -0.949  9.073   -1.047  1.00 82.14  ? 201 6OU A C20 1 
HETATM 1540 C C21 . 6OU B 2 .   ? -0.853  10.602  -0.797  1.00 79.16  ? 201 6OU A C21 1 
HETATM 1541 O O22 . 6OU B 2 .   ? -0.100  11.101  -1.836  1.00 85.23  ? 201 6OU A O22 1 
HETATM 1542 P P23 . 6OU B 2 .   ? -0.775  11.871  -3.034  1.00 116.78 ? 201 6OU A P23 1 
HETATM 1543 O O24 . 6OU B 2 .   ? -0.166  13.208  -3.234  1.00 92.17  ? 201 6OU A O24 1 
HETATM 1544 O O25 . 6OU B 2 .   ? -2.253  11.985  -2.791  1.00 94.93  ? 201 6OU A O25 1 
HETATM 1545 O O26 . 6OU B 2 .   ? -0.508  11.058  -4.419  1.00 92.55  ? 201 6OU A O26 1 
HETATM 1546 C C27 . 6OU B 2 .   ? 0.310   11.662  -5.407  1.00 92.12  ? 201 6OU A C27 1 
HETATM 1547 C C28 . 6OU B 2 .   ? -0.276  11.303  -6.781  1.00 95.76  ? 201 6OU A C28 1 
HETATM 1548 N N29 . 6OU B 2 .   ? -1.174  12.353  -7.236  1.00 104.91 ? 201 6OU A N29 1 
HETATM 1549 O O30 . 6OU B 2 .   ? 0.329   8.518   -0.767  1.00 74.89  ? 201 6OU A O30 1 
HETATM 1550 C C31 . 6OU B 2 .   ? 0.421   7.130   -0.996  1.00 74.12  ? 201 6OU A C31 1 
HETATM 1551 O O32 . 6OU B 2 .   ? 0.202   6.361   -0.137  1.00 71.22  ? 201 6OU A O32 1 
HETATM 1552 C C33 . 6OU B 2 .   ? 0.764   6.592   -2.371  1.00 65.01  ? 201 6OU A C33 1 
HETATM 1553 C C34 . 6OU B 2 .   ? 0.175   5.211   -2.613  1.00 68.81  ? 201 6OU A C34 1 
HETATM 1554 C C35 . 6OU B 2 .   ? 0.673   4.161   -1.638  1.00 60.83  ? 201 6OU A C35 1 
HETATM 1555 C C36 . 6OU B 2 .   ? 0.372   2.709   -2.131  1.00 56.08  ? 201 6OU A C36 1 
HETATM 1556 C C37 . 6OU B 2 .   ? 0.790   1.601   -1.150  1.00 48.73  ? 201 6OU A C37 1 
HETATM 1557 C C38 . 6OU B 2 .   ? 0.657   0.170   -1.754  1.00 48.82  ? 201 6OU A C38 1 
HETATM 1558 C C39 . 6OU B 2 .   ? 1.600   -0.884  -1.106  1.00 46.42  ? 201 6OU A C39 1 
HETATM 1559 C C40 . 6OU B 2 .   ? 2.262   -1.788  -2.200  1.00 47.72  ? 201 6OU A C40 1 
HETATM 1560 C C41 . 6OU B 2 .   ? 2.415   -3.205  -2.169  1.00 46.01  ? 201 6OU A C41 1 
HETATM 1561 C C42 . 6OU B 2 .   ? 1.973   -4.146  -1.048  1.00 46.70  ? 201 6OU A C42 1 
HETATM 1562 C C43 . 6OU B 2 .   ? 0.768   -5.017  -1.430  1.00 48.83  ? 201 6OU A C43 1 
HETATM 1563 C C44 . 6OU B 2 .   ? 1.076   -6.421  -1.941  1.00 50.88  ? 201 6OU A C44 1 
HETATM 1564 C C45 . 6OU B 2 .   ? 0.972   -6.485  -3.465  1.00 49.93  ? 201 6OU A C45 1 
HETATM 1565 C C46 . 6OU B 2 .   ? 0.776   -7.918  -3.999  1.00 46.07  ? 201 6OU A C46 1 
HETATM 1566 C C47 . 6OU B 2 .   ? 1.927   -8.345  -4.930  1.00 46.07  ? 201 6OU A C47 1 
HETATM 1567 C C48 . 6OU B 2 .   ? 1.922   -9.824  -5.304  1.00 40.98  ? 201 6OU A C48 1 
HETATM 1568 C C49 . 6OU B 2 .   ? 0.519   -10.371 -5.420  1.00 46.41  ? 201 6OU A C49 1 
HETATM 1569 O O   . HOH C 3 .   ? 6.518   -18.118 -15.870 1.00 40.34  ? 301 HOH A O   1 
HETATM 1570 O O   . HOH C 3 .   ? 12.961  9.507   6.725   1.00 34.75  ? 302 HOH A O   1 
HETATM 1571 O O   . HOH C 3 .   ? -3.493  -4.440  -19.977 1.00 32.89  ? 303 HOH A O   1 
HETATM 1572 O O   . HOH C 3 .   ? 0.113   -18.076 -17.268 1.00 39.57  ? 304 HOH A O   1 
HETATM 1573 O O   . HOH C 3 .   ? -3.234  -18.630 -10.869 1.00 37.75  ? 305 HOH A O   1 
HETATM 1574 O O   . HOH C 3 .   ? -2.554  4.918   -13.613 1.00 38.30  ? 306 HOH A O   1 
HETATM 1575 O O   . HOH C 3 .   ? 2.331   -16.118 -15.928 1.00 33.26  ? 307 HOH A O   1 
HETATM 1576 O O   . HOH C 3 .   ? 4.237   -10.060 -19.148 1.00 38.71  ? 308 HOH A O   1 
HETATM 1577 O O   . HOH C 3 .   ? -3.926  -21.885 -8.483  1.00 47.07  ? 309 HOH A O   1 
HETATM 1578 O O   . HOH C 3 .   ? 0.000   -4.440  -17.105 1.00 35.94  ? 310 HOH A O   1 
HETATM 1579 O O   . HOH C 3 .   ? 14.489  1.855   11.492  1.00 45.41  ? 311 HOH A O   1 
HETATM 1580 O O   . HOH C 3 .   ? 11.014  -6.037  11.095  1.00 45.99  ? 312 HOH A O   1 
HETATM 1581 O O   . HOH C 3 .   ? -0.390  1.857   15.620  1.00 69.10  ? 313 HOH A O   1 
HETATM 1582 O O   . HOH C 3 .   ? 1.515   -18.436 -14.856 1.00 38.21  ? 314 HOH A O   1 
HETATM 1583 O O   . HOH C 3 .   ? 1.750   4.596   -7.647  1.00 34.99  ? 315 HOH A O   1 
HETATM 1584 O O   . HOH C 3 .   ? 4.131   -22.793 -4.712  1.00 45.09  ? 316 HOH A O   1 
HETATM 1585 O O   . HOH C 3 .   ? -1.290  -3.786  13.392  1.00 62.92  ? 317 HOH A O   1 
HETATM 1586 O O   . HOH C 3 .   ? -1.537  -16.277 -15.126 1.00 41.38  ? 318 HOH A O   1 
HETATM 1587 O O   . HOH C 3 .   ? 1.615   -15.414 2.197   1.00 41.37  ? 319 HOH A O   1 
HETATM 1588 O O   . HOH C 3 .   ? 2.470   -23.947 -6.707  1.00 48.44  ? 320 HOH A O   1 
HETATM 1589 O O   . HOH C 3 .   ? 0.157   -24.265 -5.516  1.00 51.00  ? 321 HOH A O   1 
# 
loop_
_pdbx_poly_seq_scheme.asym_id 
_pdbx_poly_seq_scheme.entity_id 
_pdbx_poly_seq_scheme.seq_id 
_pdbx_poly_seq_scheme.mon_id 
_pdbx_poly_seq_scheme.ndb_seq_num 
_pdbx_poly_seq_scheme.pdb_seq_num 
_pdbx_poly_seq_scheme.auth_seq_num 
_pdbx_poly_seq_scheme.pdb_mon_id 
_pdbx_poly_seq_scheme.auth_mon_id 
_pdbx_poly_seq_scheme.pdb_strand_id 
_pdbx_poly_seq_scheme.pdb_ins_code 
_pdbx_poly_seq_scheme.hetero 
A 1 1   MET 1   1   ?   ?   ?   A . n 
A 1 2   LEU 2   2   ?   ?   ?   A . n 
A 1 3   SER 3   3   ?   ?   ?   A . n 
A 1 4   GLU 4   4   ?   ?   ?   A . n 
A 1 5   ALA 5   5   ?   ?   ?   A . n 
A 1 6   GLU 6   6   ?   ?   ?   A . n 
A 1 7   GLU 7   7   ?   ?   ?   A . n 
A 1 8   PRO 8   8   ?   ?   ?   A . n 
A 1 9   ARG 9   9   ?   ?   ?   A . n 
A 1 10  GLU 10  10  ?   ?   ?   A . n 
A 1 11  VAL 11  11  ?   ?   ?   A . n 
A 1 12  ALA 12  12  ?   ?   ?   A . n 
A 1 13  THR 13  13  13  THR THR A . n 
A 1 14  ASP 14  14  14  ASP ASP A . n 
A 1 15  VAL 15  15  15  VAL VAL A . n 
A 1 16  PHE 16  16  16  PHE PHE A . n 
A 1 17  ASN 17  17  17  ASN ASN A . n 
A 1 18  SER 18  18  18  SER SER A . n 
A 1 19  LYS 19  19  19  LYS LYS A . n 
A 1 20  ASN 20  20  20  ASN ASN A . n 
A 1 21  LEU 21  21  21  LEU LEU A . n 
A 1 22  ALA 22  22  22  ALA ALA A . n 
A 1 23  VAL 23  23  23  VAL VAL A . n 
A 1 24  GLN 24  24  24  GLN GLN A . n 
A 1 25  ALA 25  25  25  ALA ALA A . n 
A 1 26  GLN 26  26  26  GLN GLN A . n 
A 1 27  LYS 27  27  27  LYS LYS A . n 
A 1 28  LYS 28  28  28  LYS LYS A . n 
A 1 29  ILE 29  29  29  ILE ILE A . n 
A 1 30  LEU 30  30  30  LEU LEU A . n 
A 1 31  GLY 31  31  31  GLY GLY A . n 
A 1 32  LYS 32  32  32  LYS LYS A . n 
A 1 33  MET 33  33  33  MET MET A . n 
A 1 34  VAL 34  34  34  VAL VAL A . n 
A 1 35  SER 35  35  35  SER SER A . n 
A 1 36  LYS 36  36  36  LYS LYS A . n 
A 1 37  SER 37  37  37  SER SER A . n 
A 1 38  ILE 38  38  38  ILE ILE A . n 
A 1 39  ALA 39  39  39  ALA ALA A . n 
A 1 40  THR 40  40  40  THR THR A . n 
A 1 41  THR 41  41  41  THR THR A . n 
A 1 42  LEU 42  42  42  LEU LEU A . n 
A 1 43  ILE 43  43  43  ILE ILE A . n 
A 1 44  ASP 44  44  44  ASP ASP A . n 
A 1 45  ASP 45  45  45  ASP ASP A . n 
A 1 46  THR 46  46  46  THR THR A . n 
A 1 47  SER 47  47  47  SER SER A . n 
A 1 48  SER 48  48  48  SER SER A . n 
A 1 49  GLU 49  49  49  GLU GLU A . n 
A 1 50  VAL 50  50  50  VAL VAL A . n 
A 1 51  LEU 51  51  51  LEU LEU A . n 
A 1 52  ASP 52  52  52  ASP ASP A . n 
A 1 53  GLU 53  53  53  GLU GLU A . n 
A 1 54  LEU 54  54  54  LEU LEU A . n 
A 1 55  TYR 55  55  55  TYR TYR A . n 
A 1 56  ARG 56  56  56  ARG ARG A . n 
A 1 57  VAL 57  57  57  VAL VAL A . n 
A 1 58  THR 58  58  58  THR THR A . n 
A 1 59  LYS 59  59  59  LYS LYS A . n 
A 1 60  GLU 60  60  60  GLU GLU A . n 
A 1 61  TYR 61  61  61  TYR TYR A . n 
A 1 62  THR 62  62  62  THR THR A . n 
A 1 63  GLN 63  63  63  GLN GLN A . n 
A 1 64  ASN 64  64  64  ASN ASN A . n 
A 1 65  LYS 65  65  65  LYS LYS A . n 
A 1 66  LYS 66  66  66  LYS LYS A . n 
A 1 67  GLU 67  67  67  GLU GLU A . n 
A 1 68  ALA 68  68  68  ALA ALA A . n 
A 1 69  GLU 69  69  69  GLU GLU A . n 
A 1 70  ARG 70  70  70  ARG ARG A . n 
A 1 71  VAL 71  71  71  VAL VAL A . n 
A 1 72  ILE 72  72  72  ILE ILE A . n 
A 1 73  LYS 73  73  73  LYS LYS A . n 
A 1 74  ASN 74  74  74  ASN ASN A . n 
A 1 75  LEU 75  75  75  LEU LEU A . n 
A 1 76  ILE 76  76  76  ILE ILE A . n 
A 1 77  LYS 77  77  77  LYS LYS A . n 
A 1 78  THR 78  78  78  THR THR A . n 
A 1 79  VAL 79  79  79  VAL VAL A . n 
A 1 80  ILE 80  80  80  ILE ILE A . n 
A 1 81  LYS 81  81  81  LYS LYS A . n 
A 1 82  LEU 82  82  82  LEU LEU A . n 
A 1 83  ALA 83  83  83  ALA ALA A . n 
A 1 84  VAL 84  84  84  VAL VAL A . n 
A 1 85  LEU 85  85  85  LEU LEU A . n 
A 1 86  HIS 86  86  86  HIS HIS A . n 
A 1 87  ARG 87  87  87  ARG ARG A . n 
A 1 88  ASN 88  88  88  ASN ASN A . n 
A 1 89  ASN 89  89  89  ASN ASN A . n 
A 1 90  GLN 90  90  90  GLN GLN A . n 
A 1 91  PHE 91  91  91  PHE PHE A . n 
A 1 92  ASN 92  92  92  ASN ASN A . n 
A 1 93  GLN 93  93  93  GLN GLN A . n 
A 1 94  ASP 94  94  94  ASP ASP A . n 
A 1 95  GLU 95  95  95  GLU GLU A . n 
A 1 96  LEU 96  96  96  LEU LEU A . n 
A 1 97  ALA 97  97  97  ALA ALA A . n 
A 1 98  LEU 98  98  98  LEU LEU A . n 
A 1 99  MET 99  99  99  MET MET A . n 
A 1 100 GLU 100 100 100 GLU GLU A . n 
A 1 101 LYS 101 101 101 LYS LYS A . n 
A 1 102 PHE 102 102 102 PHE PHE A . n 
A 1 103 LYS 103 103 103 LYS LYS A . n 
A 1 104 LYS 104 104 104 LYS LYS A . n 
A 1 105 LYS 105 105 105 LYS LYS A . n 
A 1 106 VAL 106 106 106 VAL VAL A . n 
A 1 107 HIS 107 107 107 HIS HIS A . n 
A 1 108 GLN 108 108 108 GLN GLN A . n 
A 1 109 LEU 109 109 109 LEU LEU A . n 
A 1 110 ALA 110 110 110 ALA ALA A . n 
A 1 111 MET 111 111 111 MET MET A . n 
A 1 112 THR 112 112 112 THR THR A . n 
A 1 113 VAL 113 113 113 VAL VAL A . n 
A 1 114 VAL 114 114 114 VAL VAL A . n 
A 1 115 SER 115 115 115 SER SER A . n 
A 1 116 PHE 116 116 116 PHE PHE A . n 
A 1 117 HIS 117 117 117 HIS HIS A . n 
A 1 118 GLN 118 118 118 GLN GLN A . n 
A 1 119 VAL 119 119 119 VAL VAL A . n 
A 1 120 GLU 120 120 120 GLU GLU A . n 
A 1 121 TYR 121 121 121 TYR TYR A . n 
A 1 122 THR 122 122 122 THR THR A . n 
A 1 123 PHE 123 123 123 PHE PHE A . n 
A 1 124 ASP 124 124 124 ASP ASP A . n 
A 1 125 ARG 125 125 125 ARG ARG A . n 
A 1 126 ASN 126 126 126 ASN ASN A . n 
A 1 127 VAL 127 127 127 VAL VAL A . n 
A 1 128 LEU 128 128 128 LEU LEU A . n 
A 1 129 SER 129 129 129 SER SER A . n 
A 1 130 ARG 130 130 130 ARG ARG A . n 
A 1 131 LEU 131 131 131 LEU LEU A . n 
A 1 132 LEU 132 132 132 LEU LEU A . n 
A 1 133 ASN 133 133 133 ASN ASN A . n 
A 1 134 GLU 134 134 134 GLU GLU A . n 
A 1 135 CYS 135 135 135 CYS CYS A . n 
A 1 136 ARG 136 136 136 ARG ARG A . n 
A 1 137 GLU 137 137 137 GLU GLU A . n 
A 1 138 LEU 138 138 138 LEU LEU A . n 
A 1 139 LEU 139 139 139 LEU LEU A . n 
A 1 140 HIS 140 140 140 HIS HIS A . n 
A 1 141 GLU 141 141 141 GLU GLU A . n 
A 1 142 ILE 142 142 142 ILE ILE A . n 
A 1 143 ILE 143 143 143 ILE ILE A . n 
A 1 144 GLN 144 144 144 GLN GLN A . n 
A 1 145 ARG 145 145 145 ARG ARG A . n 
A 1 146 HIS 146 146 146 HIS HIS A . n 
A 1 147 LEU 147 147 147 LEU LEU A . n 
A 1 148 THR 148 148 148 THR THR A . n 
A 1 149 ALA 149 149 149 ALA ALA A . n 
A 1 150 LYS 150 150 150 LYS LYS A . n 
A 1 151 SER 151 151 151 SER SER A . n 
A 1 152 HIS 152 152 152 HIS HIS A . n 
A 1 153 GLY 153 153 153 GLY GLY A . n 
A 1 154 ARG 154 154 154 ARG ARG A . n 
A 1 155 VAL 155 155 155 VAL VAL A . n 
A 1 156 ASN 156 156 156 ASN ASN A . n 
A 1 157 ASN 157 157 157 ASN ASN A . n 
A 1 158 VAL 158 158 158 VAL VAL A . n 
A 1 159 PHE 159 159 159 PHE PHE A . n 
A 1 160 ASP 160 160 160 ASP ASP A . n 
A 1 161 HIS 161 161 161 HIS HIS A . n 
A 1 162 PHE 162 162 162 PHE PHE A . n 
A 1 163 SER 163 163 163 SER SER A . n 
A 1 164 ASP 164 164 164 ASP ASP A . n 
A 1 165 SER 165 165 165 SER SER A . n 
A 1 166 ASP 166 166 166 ASP ASP A . n 
A 1 167 PHE 167 167 167 PHE PHE A . n 
A 1 168 LEU 168 168 168 LEU LEU A . n 
A 1 169 ALA 169 169 169 ALA ALA A . n 
A 1 170 ALA 170 170 170 ALA ALA A . n 
A 1 171 LEU 171 171 171 LEU LEU A . n 
A 1 172 TYR 172 172 172 TYR TYR A . n 
A 1 173 ASN 173 173 173 ASN ASN A . n 
A 1 174 PRO 174 174 174 PRO PRO A . n 
A 1 175 PHE 175 175 175 PHE PHE A . n 
A 1 176 GLY 176 176 176 GLY GLY A . n 
A 1 177 LYS 177 177 177 LYS LYS A . n 
A 1 178 PHE 178 178 178 PHE PHE A . n 
A 1 179 LYS 179 179 179 LYS LYS A . n 
A 1 180 PRO 180 180 180 PRO PRO A . n 
A 1 181 HIS 181 181 181 HIS HIS A . n 
A 1 182 LEU 182 182 182 LEU LEU A . n 
A 1 183 GLN 183 183 183 GLN GLN A . n 
A 1 184 LYS 184 184 184 LYS LYS A . n 
A 1 185 LEU 185 185 185 LEU LEU A . n 
A 1 186 CYS 186 186 186 CYS CYS A . n 
A 1 187 ASP 187 187 187 ASP ASP A . n 
A 1 188 GLY 188 188 188 GLY GLY A . n 
A 1 189 ILE 189 189 189 ILE ILE A . n 
A 1 190 ASN 190 190 190 ASN ASN A . n 
A 1 191 LYS 191 191 191 LYS LYS A . n 
A 1 192 MET 192 192 192 MET MET A . n 
A 1 193 LEU 193 193 193 LEU LEU A . n 
A 1 194 ASP 194 194 194 ASP ASP A . n 
A 1 195 GLU 195 195 195 GLU GLU A . n 
A 1 196 GLU 196 196 196 GLU GLU A . n 
A 1 197 ASN 197 197 197 ASN ASN A . n 
A 1 198 ILE 198 198 198 ILE ILE A . n 
# 
loop_
_pdbx_nonpoly_scheme.asym_id 
_pdbx_nonpoly_scheme.entity_id 
_pdbx_nonpoly_scheme.mon_id 
_pdbx_nonpoly_scheme.ndb_seq_num 
_pdbx_nonpoly_scheme.pdb_seq_num 
_pdbx_nonpoly_scheme.auth_seq_num 
_pdbx_nonpoly_scheme.pdb_mon_id 
_pdbx_nonpoly_scheme.auth_mon_id 
_pdbx_nonpoly_scheme.pdb_strand_id 
_pdbx_nonpoly_scheme.pdb_ins_code 
B 2 6OU 1  201 201 6OU 6OU A . 
C 3 HOH 1  301 303 HOH HOH A . 
C 3 HOH 2  302 305 HOH HOH A . 
C 3 HOH 3  303 304 HOH HOH A . 
C 3 HOH 4  304 307 HOH HOH A . 
C 3 HOH 5  305 306 HOH HOH A . 
C 3 HOH 6  306 310 HOH HOH A . 
C 3 HOH 7  307 308 HOH HOH A . 
C 3 HOH 8  308 309 HOH HOH A . 
C 3 HOH 9  309 316 HOH HOH A . 
C 3 HOH 10 310 311 HOH HOH A . 
C 3 HOH 11 311 301 HOH HOH A . 
C 3 HOH 12 312 314 HOH HOH A . 
C 3 HOH 13 313 318 HOH HOH A . 
C 3 HOH 14 314 312 HOH HOH A . 
C 3 HOH 15 315 313 HOH HOH A . 
C 3 HOH 16 316 315 HOH HOH A . 
C 3 HOH 17 317 302 HOH HOH A . 
C 3 HOH 18 318 317 HOH HOH A . 
C 3 HOH 19 319 320 HOH HOH A . 
C 3 HOH 20 320 321 HOH HOH A . 
C 3 HOH 21 321 319 HOH HOH A . 
# 
_pdbx_struct_assembly.id                   1 
_pdbx_struct_assembly.details              author_defined_assembly 
_pdbx_struct_assembly.method_details       ? 
_pdbx_struct_assembly.oligomeric_details   monomeric 
_pdbx_struct_assembly.oligomeric_count     1 
# 
_pdbx_struct_assembly_gen.assembly_id       1 
_pdbx_struct_assembly_gen.oper_expression   1 
_pdbx_struct_assembly_gen.asym_id_list      A,B,C 
# 
loop_
_pdbx_struct_assembly_prop.biol_id 
_pdbx_struct_assembly_prop.type 
_pdbx_struct_assembly_prop.value 
_pdbx_struct_assembly_prop.details 
1 'ABSA (A^2)' 0     ? 
1 MORE         0     ? 
1 'SSA (A^2)'  10740 ? 
# 
_pdbx_struct_oper_list.id                   1 
_pdbx_struct_oper_list.type                 'identity operation' 
_pdbx_struct_oper_list.name                 1_555 
_pdbx_struct_oper_list.symmetry_operation   x,y,z 
_pdbx_struct_oper_list.matrix[1][1]         1.0000000000 
_pdbx_struct_oper_list.matrix[1][2]         0.0000000000 
_pdbx_struct_oper_list.matrix[1][3]         0.0000000000 
_pdbx_struct_oper_list.vector[1]            0.0000000000 
_pdbx_struct_oper_list.matrix[2][1]         0.0000000000 
_pdbx_struct_oper_list.matrix[2][2]         1.0000000000 
_pdbx_struct_oper_list.matrix[2][3]         0.0000000000 
_pdbx_struct_oper_list.vector[2]            0.0000000000 
_pdbx_struct_oper_list.matrix[3][1]         0.0000000000 
_pdbx_struct_oper_list.matrix[3][2]         0.0000000000 
_pdbx_struct_oper_list.matrix[3][3]         1.0000000000 
_pdbx_struct_oper_list.vector[3]            0.0000000000 
# 
loop_
_pdbx_audit_revision_history.ordinal 
_pdbx_audit_revision_history.data_content_type 
_pdbx_audit_revision_history.major_revision 
_pdbx_audit_revision_history.minor_revision 
_pdbx_audit_revision_history.revision_date 
1 'Structure model' 1 0 2017-06-28 
2 'Structure model' 1 1 2017-11-01 
3 'Structure model' 1 2 2023-11-08 
# 
_pdbx_audit_revision_details.ordinal             1 
_pdbx_audit_revision_details.revision_ordinal    1 
_pdbx_audit_revision_details.data_content_type   'Structure model' 
_pdbx_audit_revision_details.provider            repository 
_pdbx_audit_revision_details.type                'Initial release' 
_pdbx_audit_revision_details.description         ? 
_pdbx_audit_revision_details.details             ? 
# 
loop_
_pdbx_audit_revision_group.ordinal 
_pdbx_audit_revision_group.revision_ordinal 
_pdbx_audit_revision_group.data_content_type 
_pdbx_audit_revision_group.group 
1 2 'Structure model' 'Database references'    
2 3 'Structure model' 'Data collection'        
3 3 'Structure model' 'Database references'    
4 3 'Structure model' 'Refinement description' 
# 
loop_
_pdbx_audit_revision_category.ordinal 
_pdbx_audit_revision_category.revision_ordinal 
_pdbx_audit_revision_category.data_content_type 
_pdbx_audit_revision_category.category 
1 2 'Structure model' citation                      
2 2 'Structure model' citation_author               
3 3 'Structure model' chem_comp_atom                
4 3 'Structure model' chem_comp_bond                
5 3 'Structure model' database_2                    
6 3 'Structure model' pdbx_initial_refinement_model 
# 
loop_
_pdbx_audit_revision_item.ordinal 
_pdbx_audit_revision_item.revision_ordinal 
_pdbx_audit_revision_item.data_content_type 
_pdbx_audit_revision_item.item 
1  2 'Structure model' '_citation.country'                   
2  2 'Structure model' '_citation.journal_abbrev'            
3  2 'Structure model' '_citation.journal_id_CSD'            
4  2 'Structure model' '_citation.journal_id_ISSN'           
5  2 'Structure model' '_citation.journal_volume'            
6  2 'Structure model' '_citation.page_first'                
7  2 'Structure model' '_citation.page_last'                 
8  2 'Structure model' '_citation.pdbx_database_id_DOI'      
9  2 'Structure model' '_citation.pdbx_database_id_PubMed'   
10 2 'Structure model' '_citation.title'                     
11 2 'Structure model' '_citation.year'                      
12 3 'Structure model' '_database_2.pdbx_DOI'                
13 3 'Structure model' '_database_2.pdbx_database_accession' 
# 
loop_
_software.citation_id 
_software.classification 
_software.compiler_name 
_software.compiler_version 
_software.contact_author 
_software.contact_author_email 
_software.date 
_software.description 
_software.dependencies 
_software.hardware 
_software.language 
_software.location 
_software.mods 
_software.name 
_software.os 
_software.os_version 
_software.type 
_software.version 
_software.pdbx_ordinal 
? refinement       ? ? ? ? ? ? ? ? ? ? ? PHENIX   ? ? ? 1.9_1692 1 
? 'data reduction' ? ? ? ? ? ? ? ? ? ? ? DENZO    ? ? ? .        2 
? 'data scaling'   ? ? ? ? ? ? ? ? ? ? ? HKL-2000 ? ? ? .        3 
? phasing          ? ? ? ? ? ? ? ? ? ? ? PHENIX   ? ? ? .        4 
# 
_pdbx_validate_close_contact.id               1 
_pdbx_validate_close_contact.PDB_model_num    1 
_pdbx_validate_close_contact.auth_atom_id_1   OD2 
_pdbx_validate_close_contact.auth_asym_id_1   A 
_pdbx_validate_close_contact.auth_comp_id_1   ASP 
_pdbx_validate_close_contact.auth_seq_id_1    44 
_pdbx_validate_close_contact.PDB_ins_code_1   ? 
_pdbx_validate_close_contact.label_alt_id_1   ? 
_pdbx_validate_close_contact.auth_atom_id_2   OG1 
_pdbx_validate_close_contact.auth_asym_id_2   A 
_pdbx_validate_close_contact.auth_comp_id_2   THR 
_pdbx_validate_close_contact.auth_seq_id_2    46 
_pdbx_validate_close_contact.PDB_ins_code_2   ? 
_pdbx_validate_close_contact.label_alt_id_2   ? 
_pdbx_validate_close_contact.dist             2.11 
# 
loop_
_pdbx_validate_symm_contact.id 
_pdbx_validate_symm_contact.PDB_model_num 
_pdbx_validate_symm_contact.auth_atom_id_1 
_pdbx_validate_symm_contact.auth_asym_id_1 
_pdbx_validate_symm_contact.auth_comp_id_1 
_pdbx_validate_symm_contact.auth_seq_id_1 
_pdbx_validate_symm_contact.PDB_ins_code_1 
_pdbx_validate_symm_contact.label_alt_id_1 
_pdbx_validate_symm_contact.site_symmetry_1 
_pdbx_validate_symm_contact.auth_atom_id_2 
_pdbx_validate_symm_contact.auth_asym_id_2 
_pdbx_validate_symm_contact.auth_comp_id_2 
_pdbx_validate_symm_contact.auth_seq_id_2 
_pdbx_validate_symm_contact.PDB_ins_code_2 
_pdbx_validate_symm_contact.label_alt_id_2 
_pdbx_validate_symm_contact.site_symmetry_2 
_pdbx_validate_symm_contact.dist 
1 1 NE2 A GLN 26 ? ? 1_555 CG2 A VAL 34 ? ? 2_565 1.89 
2 1 CG  A GLN 26 ? ? 1_555 CD2 A LEU 30 ? ? 4_565 2.12 
# 
loop_
_pdbx_unobs_or_zero_occ_residues.id 
_pdbx_unobs_or_zero_occ_residues.PDB_model_num 
_pdbx_unobs_or_zero_occ_residues.polymer_flag 
_pdbx_unobs_or_zero_occ_residues.occupancy_flag 
_pdbx_unobs_or_zero_occ_residues.auth_asym_id 
_pdbx_unobs_or_zero_occ_residues.auth_comp_id 
_pdbx_unobs_or_zero_occ_residues.auth_seq_id 
_pdbx_unobs_or_zero_occ_residues.PDB_ins_code 
_pdbx_unobs_or_zero_occ_residues.label_asym_id 
_pdbx_unobs_or_zero_occ_residues.label_comp_id 
_pdbx_unobs_or_zero_occ_residues.label_seq_id 
1  1 Y 1 A MET 1  ? A MET 1  
2  1 Y 1 A LEU 2  ? A LEU 2  
3  1 Y 1 A SER 3  ? A SER 3  
4  1 Y 1 A GLU 4  ? A GLU 4  
5  1 Y 1 A ALA 5  ? A ALA 5  
6  1 Y 1 A GLU 6  ? A GLU 6  
7  1 Y 1 A GLU 7  ? A GLU 7  
8  1 Y 1 A PRO 8  ? A PRO 8  
9  1 Y 1 A ARG 9  ? A ARG 9  
10 1 Y 1 A GLU 10 ? A GLU 10 
11 1 Y 1 A VAL 11 ? A VAL 11 
12 1 Y 1 A ALA 12 ? A ALA 12 
# 
loop_
_chem_comp_atom.comp_id 
_chem_comp_atom.atom_id 
_chem_comp_atom.type_symbol 
_chem_comp_atom.pdbx_aromatic_flag 
_chem_comp_atom.pdbx_stereo_config 
_chem_comp_atom.pdbx_ordinal 
6OU C01  C N N 1   
6OU C02  C N N 2   
6OU C03  C N N 3   
6OU C04  C N N 4   
6OU C05  C N N 5   
6OU C06  C N N 6   
6OU C07  C N N 7   
6OU C08  C N N 8   
6OU C09  C N N 9   
6OU C10  C N N 10  
6OU C11  C N N 11  
6OU C12  C N N 12  
6OU C13  C N N 13  
6OU C14  C N N 14  
6OU C15  C N N 15  
6OU C16  C N N 16  
6OU O17  O N N 17  
6OU O18  O N N 18  
6OU C19  C N N 19  
6OU C20  C N R 20  
6OU C21  C N N 21  
6OU O22  O N N 22  
6OU P23  P N N 23  
6OU O24  O N N 24  
6OU O25  O N N 25  
6OU O26  O N N 26  
6OU C27  C N N 27  
6OU C28  C N N 28  
6OU N29  N N N 29  
6OU O30  O N N 30  
6OU C31  C N N 31  
6OU O32  O N N 32  
6OU C33  C N N 33  
6OU C34  C N N 34  
6OU C35  C N N 35  
6OU C36  C N N 36  
6OU C37  C N N 37  
6OU C38  C N N 38  
6OU C39  C N N 39  
6OU C40  C N N 40  
6OU C41  C N N 41  
6OU C42  C N N 42  
6OU C43  C N N 43  
6OU C44  C N N 44  
6OU C45  C N N 45  
6OU C46  C N N 46  
6OU C47  C N N 47  
6OU C48  C N N 48  
6OU C49  C N N 49  
6OU H1   H N N 50  
6OU H2   H N N 51  
6OU H3   H N N 52  
6OU H4   H N N 53  
6OU H5   H N N 54  
6OU H6   H N N 55  
6OU H7   H N N 56  
6OU H8   H N N 57  
6OU H9   H N N 58  
6OU H10  H N N 59  
6OU H11  H N N 60  
6OU H12  H N N 61  
6OU H13  H N N 62  
6OU H14  H N N 63  
6OU H15  H N N 64  
6OU H16  H N N 65  
6OU H17  H N N 66  
6OU H18  H N N 67  
6OU H19  H N N 68  
6OU H20  H N N 69  
6OU H21  H N N 70  
6OU H22  H N N 71  
6OU H23  H N N 72  
6OU H24  H N N 73  
6OU H25  H N N 74  
6OU H26  H N N 75  
6OU H27  H N N 76  
6OU H28  H N N 77  
6OU H29  H N N 78  
6OU H30  H N N 79  
6OU H31  H N N 80  
6OU H32  H N N 81  
6OU H33  H N N 82  
6OU H34  H N N 83  
6OU H35  H N N 84  
6OU H36  H N N 85  
6OU H37  H N N 86  
6OU H38  H N N 87  
6OU H39  H N N 88  
6OU H40  H N N 89  
6OU H41  H N N 90  
6OU H42  H N N 91  
6OU H43  H N N 92  
6OU H45  H N N 93  
6OU H46  H N N 94  
6OU H47  H N N 95  
6OU H48  H N N 96  
6OU H49  H N N 97  
6OU H50  H N N 98  
6OU H51  H N N 99  
6OU H52  H N N 100 
6OU H53  H N N 101 
6OU H54  H N N 102 
6OU H55  H N N 103 
6OU H56  H N N 104 
6OU H57  H N N 105 
6OU H58  H N N 106 
6OU H59  H N N 107 
6OU H60  H N N 108 
6OU H61  H N N 109 
6OU H62  H N N 110 
6OU H63  H N N 111 
6OU H64  H N N 112 
6OU H65  H N N 113 
6OU H66  H N N 114 
6OU H67  H N N 115 
6OU H68  H N N 116 
6OU H69  H N N 117 
6OU H70  H N N 118 
6OU H71  H N N 119 
6OU H72  H N N 120 
6OU H73  H N N 121 
6OU H74  H N N 122 
6OU H75  H N N 123 
6OU H76  H N N 124 
6OU H77  H N N 125 
ALA N    N N N 126 
ALA CA   C N S 127 
ALA C    C N N 128 
ALA O    O N N 129 
ALA CB   C N N 130 
ALA OXT  O N N 131 
ALA H    H N N 132 
ALA H2   H N N 133 
ALA HA   H N N 134 
ALA HB1  H N N 135 
ALA HB2  H N N 136 
ALA HB3  H N N 137 
ALA HXT  H N N 138 
ARG N    N N N 139 
ARG CA   C N S 140 
ARG C    C N N 141 
ARG O    O N N 142 
ARG CB   C N N 143 
ARG CG   C N N 144 
ARG CD   C N N 145 
ARG NE   N N N 146 
ARG CZ   C N N 147 
ARG NH1  N N N 148 
ARG NH2  N N N 149 
ARG OXT  O N N 150 
ARG H    H N N 151 
ARG H2   H N N 152 
ARG HA   H N N 153 
ARG HB2  H N N 154 
ARG HB3  H N N 155 
ARG HG2  H N N 156 
ARG HG3  H N N 157 
ARG HD2  H N N 158 
ARG HD3  H N N 159 
ARG HE   H N N 160 
ARG HH11 H N N 161 
ARG HH12 H N N 162 
ARG HH21 H N N 163 
ARG HH22 H N N 164 
ARG HXT  H N N 165 
ASN N    N N N 166 
ASN CA   C N S 167 
ASN C    C N N 168 
ASN O    O N N 169 
ASN CB   C N N 170 
ASN CG   C N N 171 
ASN OD1  O N N 172 
ASN ND2  N N N 173 
ASN OXT  O N N 174 
ASN H    H N N 175 
ASN H2   H N N 176 
ASN HA   H N N 177 
ASN HB2  H N N 178 
ASN HB3  H N N 179 
ASN HD21 H N N 180 
ASN HD22 H N N 181 
ASN HXT  H N N 182 
ASP N    N N N 183 
ASP CA   C N S 184 
ASP C    C N N 185 
ASP O    O N N 186 
ASP CB   C N N 187 
ASP CG   C N N 188 
ASP OD1  O N N 189 
ASP OD2  O N N 190 
ASP OXT  O N N 191 
ASP H    H N N 192 
ASP H2   H N N 193 
ASP HA   H N N 194 
ASP HB2  H N N 195 
ASP HB3  H N N 196 
ASP HD2  H N N 197 
ASP HXT  H N N 198 
CYS N    N N N 199 
CYS CA   C N R 200 
CYS C    C N N 201 
CYS O    O N N 202 
CYS CB   C N N 203 
CYS SG   S N N 204 
CYS OXT  O N N 205 
CYS H    H N N 206 
CYS H2   H N N 207 
CYS HA   H N N 208 
CYS HB2  H N N 209 
CYS HB3  H N N 210 
CYS HG   H N N 211 
CYS HXT  H N N 212 
GLN N    N N N 213 
GLN CA   C N S 214 
GLN C    C N N 215 
GLN O    O N N 216 
GLN CB   C N N 217 
GLN CG   C N N 218 
GLN CD   C N N 219 
GLN OE1  O N N 220 
GLN NE2  N N N 221 
GLN OXT  O N N 222 
GLN H    H N N 223 
GLN H2   H N N 224 
GLN HA   H N N 225 
GLN HB2  H N N 226 
GLN HB3  H N N 227 
GLN HG2  H N N 228 
GLN HG3  H N N 229 
GLN HE21 H N N 230 
GLN HE22 H N N 231 
GLN HXT  H N N 232 
GLU N    N N N 233 
GLU CA   C N S 234 
GLU C    C N N 235 
GLU O    O N N 236 
GLU CB   C N N 237 
GLU CG   C N N 238 
GLU CD   C N N 239 
GLU OE1  O N N 240 
GLU OE2  O N N 241 
GLU OXT  O N N 242 
GLU H    H N N 243 
GLU H2   H N N 244 
GLU HA   H N N 245 
GLU HB2  H N N 246 
GLU HB3  H N N 247 
GLU HG2  H N N 248 
GLU HG3  H N N 249 
GLU HE2  H N N 250 
GLU HXT  H N N 251 
GLY N    N N N 252 
GLY CA   C N N 253 
GLY C    C N N 254 
GLY O    O N N 255 
GLY OXT  O N N 256 
GLY H    H N N 257 
GLY H2   H N N 258 
GLY HA2  H N N 259 
GLY HA3  H N N 260 
GLY HXT  H N N 261 
HIS N    N N N 262 
HIS CA   C N S 263 
HIS C    C N N 264 
HIS O    O N N 265 
HIS CB   C N N 266 
HIS CG   C Y N 267 
HIS ND1  N Y N 268 
HIS CD2  C Y N 269 
HIS CE1  C Y N 270 
HIS NE2  N Y N 271 
HIS OXT  O N N 272 
HIS H    H N N 273 
HIS H2   H N N 274 
HIS HA   H N N 275 
HIS HB2  H N N 276 
HIS HB3  H N N 277 
HIS HD1  H N N 278 
HIS HD2  H N N 279 
HIS HE1  H N N 280 
HIS HE2  H N N 281 
HIS HXT  H N N 282 
HOH O    O N N 283 
HOH H1   H N N 284 
HOH H2   H N N 285 
ILE N    N N N 286 
ILE CA   C N S 287 
ILE C    C N N 288 
ILE O    O N N 289 
ILE CB   C N S 290 
ILE CG1  C N N 291 
ILE CG2  C N N 292 
ILE CD1  C N N 293 
ILE OXT  O N N 294 
ILE H    H N N 295 
ILE H2   H N N 296 
ILE HA   H N N 297 
ILE HB   H N N 298 
ILE HG12 H N N 299 
ILE HG13 H N N 300 
ILE HG21 H N N 301 
ILE HG22 H N N 302 
ILE HG23 H N N 303 
ILE HD11 H N N 304 
ILE HD12 H N N 305 
ILE HD13 H N N 306 
ILE HXT  H N N 307 
LEU N    N N N 308 
LEU CA   C N S 309 
LEU C    C N N 310 
LEU O    O N N 311 
LEU CB   C N N 312 
LEU CG   C N N 313 
LEU CD1  C N N 314 
LEU CD2  C N N 315 
LEU OXT  O N N 316 
LEU H    H N N 317 
LEU H2   H N N 318 
LEU HA   H N N 319 
LEU HB2  H N N 320 
LEU HB3  H N N 321 
LEU HG   H N N 322 
LEU HD11 H N N 323 
LEU HD12 H N N 324 
LEU HD13 H N N 325 
LEU HD21 H N N 326 
LEU HD22 H N N 327 
LEU HD23 H N N 328 
LEU HXT  H N N 329 
LYS N    N N N 330 
LYS CA   C N S 331 
LYS C    C N N 332 
LYS O    O N N 333 
LYS CB   C N N 334 
LYS CG   C N N 335 
LYS CD   C N N 336 
LYS CE   C N N 337 
LYS NZ   N N N 338 
LYS OXT  O N N 339 
LYS H    H N N 340 
LYS H2   H N N 341 
LYS HA   H N N 342 
LYS HB2  H N N 343 
LYS HB3  H N N 344 
LYS HG2  H N N 345 
LYS HG3  H N N 346 
LYS HD2  H N N 347 
LYS HD3  H N N 348 
LYS HE2  H N N 349 
LYS HE3  H N N 350 
LYS HZ1  H N N 351 
LYS HZ2  H N N 352 
LYS HZ3  H N N 353 
LYS HXT  H N N 354 
MET N    N N N 355 
MET CA   C N S 356 
MET C    C N N 357 
MET O    O N N 358 
MET CB   C N N 359 
MET CG   C N N 360 
MET SD   S N N 361 
MET CE   C N N 362 
MET OXT  O N N 363 
MET H    H N N 364 
MET H2   H N N 365 
MET HA   H N N 366 
MET HB2  H N N 367 
MET HB3  H N N 368 
MET HG2  H N N 369 
MET HG3  H N N 370 
MET HE1  H N N 371 
MET HE2  H N N 372 
MET HE3  H N N 373 
MET HXT  H N N 374 
PHE N    N N N 375 
PHE CA   C N S 376 
PHE C    C N N 377 
PHE O    O N N 378 
PHE CB   C N N 379 
PHE CG   C Y N 380 
PHE CD1  C Y N 381 
PHE CD2  C Y N 382 
PHE CE1  C Y N 383 
PHE CE2  C Y N 384 
PHE CZ   C Y N 385 
PHE OXT  O N N 386 
PHE H    H N N 387 
PHE H2   H N N 388 
PHE HA   H N N 389 
PHE HB2  H N N 390 
PHE HB3  H N N 391 
PHE HD1  H N N 392 
PHE HD2  H N N 393 
PHE HE1  H N N 394 
PHE HE2  H N N 395 
PHE HZ   H N N 396 
PHE HXT  H N N 397 
PRO N    N N N 398 
PRO CA   C N S 399 
PRO C    C N N 400 
PRO O    O N N 401 
PRO CB   C N N 402 
PRO CG   C N N 403 
PRO CD   C N N 404 
PRO OXT  O N N 405 
PRO H    H N N 406 
PRO HA   H N N 407 
PRO HB2  H N N 408 
PRO HB3  H N N 409 
PRO HG2  H N N 410 
PRO HG3  H N N 411 
PRO HD2  H N N 412 
PRO HD3  H N N 413 
PRO HXT  H N N 414 
SER N    N N N 415 
SER CA   C N S 416 
SER C    C N N 417 
SER O    O N N 418 
SER CB   C N N 419 
SER OG   O N N 420 
SER OXT  O N N 421 
SER H    H N N 422 
SER H2   H N N 423 
SER HA   H N N 424 
SER HB2  H N N 425 
SER HB3  H N N 426 
SER HG   H N N 427 
SER HXT  H N N 428 
THR N    N N N 429 
THR CA   C N S 430 
THR C    C N N 431 
THR O    O N N 432 
THR CB   C N R 433 
THR OG1  O N N 434 
THR CG2  C N N 435 
THR OXT  O N N 436 
THR H    H N N 437 
THR H2   H N N 438 
THR HA   H N N 439 
THR HB   H N N 440 
THR HG1  H N N 441 
THR HG21 H N N 442 
THR HG22 H N N 443 
THR HG23 H N N 444 
THR HXT  H N N 445 
TYR N    N N N 446 
TYR CA   C N S 447 
TYR C    C N N 448 
TYR O    O N N 449 
TYR CB   C N N 450 
TYR CG   C Y N 451 
TYR CD1  C Y N 452 
TYR CD2  C Y N 453 
TYR CE1  C Y N 454 
TYR CE2  C Y N 455 
TYR CZ   C Y N 456 
TYR OH   O N N 457 
TYR OXT  O N N 458 
TYR H    H N N 459 
TYR H2   H N N 460 
TYR HA   H N N 461 
TYR HB2  H N N 462 
TYR HB3  H N N 463 
TYR HD1  H N N 464 
TYR HD2  H N N 465 
TYR HE1  H N N 466 
TYR HE2  H N N 467 
TYR HH   H N N 468 
TYR HXT  H N N 469 
VAL N    N N N 470 
VAL CA   C N S 471 
VAL C    C N N 472 
VAL O    O N N 473 
VAL CB   C N N 474 
VAL CG1  C N N 475 
VAL CG2  C N N 476 
VAL OXT  O N N 477 
VAL H    H N N 478 
VAL H2   H N N 479 
VAL HA   H N N 480 
VAL HB   H N N 481 
VAL HG11 H N N 482 
VAL HG12 H N N 483 
VAL HG13 H N N 484 
VAL HG21 H N N 485 
VAL HG22 H N N 486 
VAL HG23 H N N 487 
VAL HXT  H N N 488 
# 
loop_
_chem_comp_bond.comp_id 
_chem_comp_bond.atom_id_1 
_chem_comp_bond.atom_id_2 
_chem_comp_bond.value_order 
_chem_comp_bond.pdbx_aromatic_flag 
_chem_comp_bond.pdbx_stereo_config 
_chem_comp_bond.pdbx_ordinal 
6OU C48 C47  sing N N 1   
6OU C48 C49  sing N N 2   
6OU C47 C46  sing N N 3   
6OU C41 C40  doub N Z 4   
6OU C41 C42  sing N N 5   
6OU C40 C39  sing N N 6   
6OU C27 C28  sing N N 7   
6OU C27 O26  sing N N 8   
6OU C28 N29  sing N N 9   
6OU C01 C02  sing N N 10  
6OU C42 C43  sing N N 11  
6OU C02 C03  sing N N 12  
6OU C45 C46  sing N N 13  
6OU C45 C44  sing N N 14  
6OU C39 C38  sing N N 15  
6OU C33 C34  sing N N 16  
6OU C33 C31  sing N N 17  
6OU C44 C43  sing N N 18  
6OU O26 P23  sing N N 19  
6OU O24 P23  doub N N 20  
6OU C35 C34  sing N N 21  
6OU C35 C36  sing N N 22  
6OU C38 C37  sing N N 23  
6OU C36 C37  sing N N 24  
6OU C31 O30  sing N N 25  
6OU C31 O32  doub N N 26  
6OU O22 P23  sing N N 27  
6OU O22 C21  sing N N 28  
6OU O30 C20  sing N N 29  
6OU P23 O25  sing N N 30  
6OU C03 C04  sing N N 31  
6OU C04 C05  sing N N 32  
6OU C19 C20  sing N N 33  
6OU C19 O18  sing N N 34  
6OU C21 C20  sing N N 35  
6OU C15 C14  sing N N 36  
6OU C15 C16  sing N N 37  
6OU O18 C16  sing N N 38  
6OU C14 C13  sing N N 39  
6OU C05 C06  sing N N 40  
6OU C16 O17  doub N N 41  
6OU C06 C07  sing N N 42  
6OU C11 C10  sing N N 43  
6OU C11 C12  sing N N 44  
6OU C13 C12  sing N N 45  
6OU C10 C09  sing N N 46  
6OU C07 C08  sing N N 47  
6OU C09 C08  sing N N 48  
6OU C01 H1   sing N N 49  
6OU C01 H2   sing N N 50  
6OU C01 H3   sing N N 51  
6OU C02 H4   sing N N 52  
6OU C02 H5   sing N N 53  
6OU C03 H6   sing N N 54  
6OU C03 H7   sing N N 55  
6OU C04 H8   sing N N 56  
6OU C04 H9   sing N N 57  
6OU C05 H10  sing N N 58  
6OU C05 H11  sing N N 59  
6OU C06 H12  sing N N 60  
6OU C06 H13  sing N N 61  
6OU C07 H14  sing N N 62  
6OU C07 H15  sing N N 63  
6OU C08 H16  sing N N 64  
6OU C08 H17  sing N N 65  
6OU C09 H18  sing N N 66  
6OU C09 H19  sing N N 67  
6OU C10 H20  sing N N 68  
6OU C10 H21  sing N N 69  
6OU C11 H22  sing N N 70  
6OU C11 H23  sing N N 71  
6OU C12 H24  sing N N 72  
6OU C12 H25  sing N N 73  
6OU C13 H26  sing N N 74  
6OU C13 H27  sing N N 75  
6OU C14 H28  sing N N 76  
6OU C14 H29  sing N N 77  
6OU C15 H30  sing N N 78  
6OU C15 H31  sing N N 79  
6OU C19 H32  sing N N 80  
6OU C19 H33  sing N N 81  
6OU C20 H34  sing N N 82  
6OU C21 H35  sing N N 83  
6OU C21 H36  sing N N 84  
6OU O25 H37  sing N N 85  
6OU C27 H38  sing N N 86  
6OU C27 H39  sing N N 87  
6OU C28 H40  sing N N 88  
6OU C28 H41  sing N N 89  
6OU N29 H42  sing N N 90  
6OU N29 H43  sing N N 91  
6OU C33 H45  sing N N 92  
6OU C33 H46  sing N N 93  
6OU C34 H47  sing N N 94  
6OU C34 H48  sing N N 95  
6OU C35 H49  sing N N 96  
6OU C35 H50  sing N N 97  
6OU C36 H51  sing N N 98  
6OU C36 H52  sing N N 99  
6OU C37 H53  sing N N 100 
6OU C37 H54  sing N N 101 
6OU C38 H55  sing N N 102 
6OU C38 H56  sing N N 103 
6OU C39 H57  sing N N 104 
6OU C39 H58  sing N N 105 
6OU C40 H59  sing N N 106 
6OU C41 H60  sing N N 107 
6OU C42 H61  sing N N 108 
6OU C42 H62  sing N N 109 
6OU C43 H63  sing N N 110 
6OU C43 H64  sing N N 111 
6OU C44 H65  sing N N 112 
6OU C44 H66  sing N N 113 
6OU C45 H67  sing N N 114 
6OU C45 H68  sing N N 115 
6OU C46 H69  sing N N 116 
6OU C46 H70  sing N N 117 
6OU C47 H71  sing N N 118 
6OU C47 H72  sing N N 119 
6OU C48 H73  sing N N 120 
6OU C48 H74  sing N N 121 
6OU C49 H75  sing N N 122 
6OU C49 H76  sing N N 123 
6OU C49 H77  sing N N 124 
ALA N   CA   sing N N 125 
ALA N   H    sing N N 126 
ALA N   H2   sing N N 127 
ALA CA  C    sing N N 128 
ALA CA  CB   sing N N 129 
ALA CA  HA   sing N N 130 
ALA C   O    doub N N 131 
ALA C   OXT  sing N N 132 
ALA CB  HB1  sing N N 133 
ALA CB  HB2  sing N N 134 
ALA CB  HB3  sing N N 135 
ALA OXT HXT  sing N N 136 
ARG N   CA   sing N N 137 
ARG N   H    sing N N 138 
ARG N   H2   sing N N 139 
ARG CA  C    sing N N 140 
ARG CA  CB   sing N N 141 
ARG CA  HA   sing N N 142 
ARG C   O    doub N N 143 
ARG C   OXT  sing N N 144 
ARG CB  CG   sing N N 145 
ARG CB  HB2  sing N N 146 
ARG CB  HB3  sing N N 147 
ARG CG  CD   sing N N 148 
ARG CG  HG2  sing N N 149 
ARG CG  HG3  sing N N 150 
ARG CD  NE   sing N N 151 
ARG CD  HD2  sing N N 152 
ARG CD  HD3  sing N N 153 
ARG NE  CZ   sing N N 154 
ARG NE  HE   sing N N 155 
ARG CZ  NH1  sing N N 156 
ARG CZ  NH2  doub N N 157 
ARG NH1 HH11 sing N N 158 
ARG NH1 HH12 sing N N 159 
ARG NH2 HH21 sing N N 160 
ARG NH2 HH22 sing N N 161 
ARG OXT HXT  sing N N 162 
ASN N   CA   sing N N 163 
ASN N   H    sing N N 164 
ASN N   H2   sing N N 165 
ASN CA  C    sing N N 166 
ASN CA  CB   sing N N 167 
ASN CA  HA   sing N N 168 
ASN C   O    doub N N 169 
ASN C   OXT  sing N N 170 
ASN CB  CG   sing N N 171 
ASN CB  HB2  sing N N 172 
ASN CB  HB3  sing N N 173 
ASN CG  OD1  doub N N 174 
ASN CG  ND2  sing N N 175 
ASN ND2 HD21 sing N N 176 
ASN ND2 HD22 sing N N 177 
ASN OXT HXT  sing N N 178 
ASP N   CA   sing N N 179 
ASP N   H    sing N N 180 
ASP N   H2   sing N N 181 
ASP CA  C    sing N N 182 
ASP CA  CB   sing N N 183 
ASP CA  HA   sing N N 184 
ASP C   O    doub N N 185 
ASP C   OXT  sing N N 186 
ASP CB  CG   sing N N 187 
ASP CB  HB2  sing N N 188 
ASP CB  HB3  sing N N 189 
ASP CG  OD1  doub N N 190 
ASP CG  OD2  sing N N 191 
ASP OD2 HD2  sing N N 192 
ASP OXT HXT  sing N N 193 
CYS N   CA   sing N N 194 
CYS N   H    sing N N 195 
CYS N   H2   sing N N 196 
CYS CA  C    sing N N 197 
CYS CA  CB   sing N N 198 
CYS CA  HA   sing N N 199 
CYS C   O    doub N N 200 
CYS C   OXT  sing N N 201 
CYS CB  SG   sing N N 202 
CYS CB  HB2  sing N N 203 
CYS CB  HB3  sing N N 204 
CYS SG  HG   sing N N 205 
CYS OXT HXT  sing N N 206 
GLN N   CA   sing N N 207 
GLN N   H    sing N N 208 
GLN N   H2   sing N N 209 
GLN CA  C    sing N N 210 
GLN CA  CB   sing N N 211 
GLN CA  HA   sing N N 212 
GLN C   O    doub N N 213 
GLN C   OXT  sing N N 214 
GLN CB  CG   sing N N 215 
GLN CB  HB2  sing N N 216 
GLN CB  HB3  sing N N 217 
GLN CG  CD   sing N N 218 
GLN CG  HG2  sing N N 219 
GLN CG  HG3  sing N N 220 
GLN CD  OE1  doub N N 221 
GLN CD  NE2  sing N N 222 
GLN NE2 HE21 sing N N 223 
GLN NE2 HE22 sing N N 224 
GLN OXT HXT  sing N N 225 
GLU N   CA   sing N N 226 
GLU N   H    sing N N 227 
GLU N   H2   sing N N 228 
GLU CA  C    sing N N 229 
GLU CA  CB   sing N N 230 
GLU CA  HA   sing N N 231 
GLU C   O    doub N N 232 
GLU C   OXT  sing N N 233 
GLU CB  CG   sing N N 234 
GLU CB  HB2  sing N N 235 
GLU CB  HB3  sing N N 236 
GLU CG  CD   sing N N 237 
GLU CG  HG2  sing N N 238 
GLU CG  HG3  sing N N 239 
GLU CD  OE1  doub N N 240 
GLU CD  OE2  sing N N 241 
GLU OE2 HE2  sing N N 242 
GLU OXT HXT  sing N N 243 
GLY N   CA   sing N N 244 
GLY N   H    sing N N 245 
GLY N   H2   sing N N 246 
GLY CA  C    sing N N 247 
GLY CA  HA2  sing N N 248 
GLY CA  HA3  sing N N 249 
GLY C   O    doub N N 250 
GLY C   OXT  sing N N 251 
GLY OXT HXT  sing N N 252 
HIS N   CA   sing N N 253 
HIS N   H    sing N N 254 
HIS N   H2   sing N N 255 
HIS CA  C    sing N N 256 
HIS CA  CB   sing N N 257 
HIS CA  HA   sing N N 258 
HIS C   O    doub N N 259 
HIS C   OXT  sing N N 260 
HIS CB  CG   sing N N 261 
HIS CB  HB2  sing N N 262 
HIS CB  HB3  sing N N 263 
HIS CG  ND1  sing Y N 264 
HIS CG  CD2  doub Y N 265 
HIS ND1 CE1  doub Y N 266 
HIS ND1 HD1  sing N N 267 
HIS CD2 NE2  sing Y N 268 
HIS CD2 HD2  sing N N 269 
HIS CE1 NE2  sing Y N 270 
HIS CE1 HE1  sing N N 271 
HIS NE2 HE2  sing N N 272 
HIS OXT HXT  sing N N 273 
HOH O   H1   sing N N 274 
HOH O   H2   sing N N 275 
ILE N   CA   sing N N 276 
ILE N   H    sing N N 277 
ILE N   H2   sing N N 278 
ILE CA  C    sing N N 279 
ILE CA  CB   sing N N 280 
ILE CA  HA   sing N N 281 
ILE C   O    doub N N 282 
ILE C   OXT  sing N N 283 
ILE CB  CG1  sing N N 284 
ILE CB  CG2  sing N N 285 
ILE CB  HB   sing N N 286 
ILE CG1 CD1  sing N N 287 
ILE CG1 HG12 sing N N 288 
ILE CG1 HG13 sing N N 289 
ILE CG2 HG21 sing N N 290 
ILE CG2 HG22 sing N N 291 
ILE CG2 HG23 sing N N 292 
ILE CD1 HD11 sing N N 293 
ILE CD1 HD12 sing N N 294 
ILE CD1 HD13 sing N N 295 
ILE OXT HXT  sing N N 296 
LEU N   CA   sing N N 297 
LEU N   H    sing N N 298 
LEU N   H2   sing N N 299 
LEU CA  C    sing N N 300 
LEU CA  CB   sing N N 301 
LEU CA  HA   sing N N 302 
LEU C   O    doub N N 303 
LEU C   OXT  sing N N 304 
LEU CB  CG   sing N N 305 
LEU CB  HB2  sing N N 306 
LEU CB  HB3  sing N N 307 
LEU CG  CD1  sing N N 308 
LEU CG  CD2  sing N N 309 
LEU CG  HG   sing N N 310 
LEU CD1 HD11 sing N N 311 
LEU CD1 HD12 sing N N 312 
LEU CD1 HD13 sing N N 313 
LEU CD2 HD21 sing N N 314 
LEU CD2 HD22 sing N N 315 
LEU CD2 HD23 sing N N 316 
LEU OXT HXT  sing N N 317 
LYS N   CA   sing N N 318 
LYS N   H    sing N N 319 
LYS N   H2   sing N N 320 
LYS CA  C    sing N N 321 
LYS CA  CB   sing N N 322 
LYS CA  HA   sing N N 323 
LYS C   O    doub N N 324 
LYS C   OXT  sing N N 325 
LYS CB  CG   sing N N 326 
LYS CB  HB2  sing N N 327 
LYS CB  HB3  sing N N 328 
LYS CG  CD   sing N N 329 
LYS CG  HG2  sing N N 330 
LYS CG  HG3  sing N N 331 
LYS CD  CE   sing N N 332 
LYS CD  HD2  sing N N 333 
LYS CD  HD3  sing N N 334 
LYS CE  NZ   sing N N 335 
LYS CE  HE2  sing N N 336 
LYS CE  HE3  sing N N 337 
LYS NZ  HZ1  sing N N 338 
LYS NZ  HZ2  sing N N 339 
LYS NZ  HZ3  sing N N 340 
LYS OXT HXT  sing N N 341 
MET N   CA   sing N N 342 
MET N   H    sing N N 343 
MET N   H2   sing N N 344 
MET CA  C    sing N N 345 
MET CA  CB   sing N N 346 
MET CA  HA   sing N N 347 
MET C   O    doub N N 348 
MET C   OXT  sing N N 349 
MET CB  CG   sing N N 350 
MET CB  HB2  sing N N 351 
MET CB  HB3  sing N N 352 
MET CG  SD   sing N N 353 
MET CG  HG2  sing N N 354 
MET CG  HG3  sing N N 355 
MET SD  CE   sing N N 356 
MET CE  HE1  sing N N 357 
MET CE  HE2  sing N N 358 
MET CE  HE3  sing N N 359 
MET OXT HXT  sing N N 360 
PHE N   CA   sing N N 361 
PHE N   H    sing N N 362 
PHE N   H2   sing N N 363 
PHE CA  C    sing N N 364 
PHE CA  CB   sing N N 365 
PHE CA  HA   sing N N 366 
PHE C   O    doub N N 367 
PHE C   OXT  sing N N 368 
PHE CB  CG   sing N N 369 
PHE CB  HB2  sing N N 370 
PHE CB  HB3  sing N N 371 
PHE CG  CD1  doub Y N 372 
PHE CG  CD2  sing Y N 373 
PHE CD1 CE1  sing Y N 374 
PHE CD1 HD1  sing N N 375 
PHE CD2 CE2  doub Y N 376 
PHE CD2 HD2  sing N N 377 
PHE CE1 CZ   doub Y N 378 
PHE CE1 HE1  sing N N 379 
PHE CE2 CZ   sing Y N 380 
PHE CE2 HE2  sing N N 381 
PHE CZ  HZ   sing N N 382 
PHE OXT HXT  sing N N 383 
PRO N   CA   sing N N 384 
PRO N   CD   sing N N 385 
PRO N   H    sing N N 386 
PRO CA  C    sing N N 387 
PRO CA  CB   sing N N 388 
PRO CA  HA   sing N N 389 
PRO C   O    doub N N 390 
PRO C   OXT  sing N N 391 
PRO CB  CG   sing N N 392 
PRO CB  HB2  sing N N 393 
PRO CB  HB3  sing N N 394 
PRO CG  CD   sing N N 395 
PRO CG  HG2  sing N N 396 
PRO CG  HG3  sing N N 397 
PRO CD  HD2  sing N N 398 
PRO CD  HD3  sing N N 399 
PRO OXT HXT  sing N N 400 
SER N   CA   sing N N 401 
SER N   H    sing N N 402 
SER N   H2   sing N N 403 
SER CA  C    sing N N 404 
SER CA  CB   sing N N 405 
SER CA  HA   sing N N 406 
SER C   O    doub N N 407 
SER C   OXT  sing N N 408 
SER CB  OG   sing N N 409 
SER CB  HB2  sing N N 410 
SER CB  HB3  sing N N 411 
SER OG  HG   sing N N 412 
SER OXT HXT  sing N N 413 
THR N   CA   sing N N 414 
THR N   H    sing N N 415 
THR N   H2   sing N N 416 
THR CA  C    sing N N 417 
THR CA  CB   sing N N 418 
THR CA  HA   sing N N 419 
THR C   O    doub N N 420 
THR C   OXT  sing N N 421 
THR CB  OG1  sing N N 422 
THR CB  CG2  sing N N 423 
THR CB  HB   sing N N 424 
THR OG1 HG1  sing N N 425 
THR CG2 HG21 sing N N 426 
THR CG2 HG22 sing N N 427 
THR CG2 HG23 sing N N 428 
THR OXT HXT  sing N N 429 
TYR N   CA   sing N N 430 
TYR N   H    sing N N 431 
TYR N   H2   sing N N 432 
TYR CA  C    sing N N 433 
TYR CA  CB   sing N N 434 
TYR CA  HA   sing N N 435 
TYR C   O    doub N N 436 
TYR C   OXT  sing N N 437 
TYR CB  CG   sing N N 438 
TYR CB  HB2  sing N N 439 
TYR CB  HB3  sing N N 440 
TYR CG  CD1  doub Y N 441 
TYR CG  CD2  sing Y N 442 
TYR CD1 CE1  sing Y N 443 
TYR CD1 HD1  sing N N 444 
TYR CD2 CE2  doub Y N 445 
TYR CD2 HD2  sing N N 446 
TYR CE1 CZ   doub Y N 447 
TYR CE1 HE1  sing N N 448 
TYR CE2 CZ   sing Y N 449 
TYR CE2 HE2  sing N N 450 
TYR CZ  OH   sing N N 451 
TYR OH  HH   sing N N 452 
TYR OXT HXT  sing N N 453 
VAL N   CA   sing N N 454 
VAL N   H    sing N N 455 
VAL N   H2   sing N N 456 
VAL CA  C    sing N N 457 
VAL CA  CB   sing N N 458 
VAL CA  HA   sing N N 459 
VAL C   O    doub N N 460 
VAL C   OXT  sing N N 461 
VAL CB  CG1  sing N N 462 
VAL CB  CG2  sing N N 463 
VAL CB  HB   sing N N 464 
VAL CG1 HG11 sing N N 465 
VAL CG1 HG12 sing N N 466 
VAL CG1 HG13 sing N N 467 
VAL CG2 HG21 sing N N 468 
VAL CG2 HG22 sing N N 469 
VAL CG2 HG23 sing N N 470 
VAL OXT HXT  sing N N 471 
# 
_pdbx_audit_support.funding_organization   'Ministry of Education, Science and Technology' 
_pdbx_audit_support.country                'Korea, Republic Of' 
_pdbx_audit_support.grant_number           2010K000266 
_pdbx_audit_support.ordinal                1 
# 
loop_
_pdbx_entity_nonpoly.entity_id 
_pdbx_entity_nonpoly.name 
_pdbx_entity_nonpoly.comp_id 
2 '[(2~{R})-1-[2-azanylethoxy(oxidanyl)phosphoryl]oxy-3-hexadecanoyloxy-propan-2-yl] (~{Z})-octadec-9-enoate' 6OU 
3 water                                                                                                       HOH 
# 
_pdbx_initial_refinement_model.id               1 
_pdbx_initial_refinement_model.entity_id_list   ? 
_pdbx_initial_refinement_model.type             'experimental model' 
_pdbx_initial_refinement_model.source_name      PDB 
_pdbx_initial_refinement_model.accession_code   3F4M 
_pdbx_initial_refinement_model.details          ? 
# 
